data_5B3P
# 
_entry.id   5B3P 
# 
_audit_conform.dict_name       mmcif_pdbx.dic 
_audit_conform.dict_version    5.387 
_audit_conform.dict_location   http://mmcif.pdb.org/dictionaries/ascii/mmcif_pdbx.dic 
# 
loop_
_database_2.database_id 
_database_2.database_code 
_database_2.pdbx_database_accession 
_database_2.pdbx_DOI 
PDB   5B3P         pdb_00005b3p 10.2210/pdb5b3p/pdb 
WWPDB D_1300000477 ?            ?                   
# 
loop_
_pdbx_audit_revision_history.ordinal 
_pdbx_audit_revision_history.data_content_type 
_pdbx_audit_revision_history.major_revision 
_pdbx_audit_revision_history.minor_revision 
_pdbx_audit_revision_history.revision_date 
1 'Structure model' 1 0 2016-07-27 
2 'Structure model' 1 1 2020-02-26 
3 'Structure model' 1 2 2024-03-20 
# 
_pdbx_audit_revision_details.ordinal             1 
_pdbx_audit_revision_details.revision_ordinal    1 
_pdbx_audit_revision_details.data_content_type   'Structure model' 
_pdbx_audit_revision_details.provider            repository 
_pdbx_audit_revision_details.type                'Initial release' 
_pdbx_audit_revision_details.description         ? 
_pdbx_audit_revision_details.details             ? 
# 
loop_
_pdbx_audit_revision_group.ordinal 
_pdbx_audit_revision_group.revision_ordinal 
_pdbx_audit_revision_group.data_content_type 
_pdbx_audit_revision_group.group 
1 2 'Structure model' 'Data collection'      
2 2 'Structure model' 'Derived calculations' 
3 3 'Structure model' 'Data collection'      
4 3 'Structure model' 'Database references'  
5 3 'Structure model' 'Derived calculations' 
# 
loop_
_pdbx_audit_revision_category.ordinal 
_pdbx_audit_revision_category.revision_ordinal 
_pdbx_audit_revision_category.data_content_type 
_pdbx_audit_revision_category.category 
1 2 'Structure model' diffrn_source          
2 2 'Structure model' pdbx_struct_oper_list  
3 3 'Structure model' chem_comp_atom         
4 3 'Structure model' chem_comp_bond         
5 3 'Structure model' database_2             
6 3 'Structure model' pdbx_struct_conn_angle 
7 3 'Structure model' struct_conn            
# 
loop_
_pdbx_audit_revision_item.ordinal 
_pdbx_audit_revision_item.revision_ordinal 
_pdbx_audit_revision_item.data_content_type 
_pdbx_audit_revision_item.item 
1  2 'Structure model' '_diffrn_source.pdbx_synchrotron_site'        
2  2 'Structure model' '_pdbx_struct_oper_list.symmetry_operation'   
3  3 'Structure model' '_database_2.pdbx_DOI'                        
4  3 'Structure model' '_database_2.pdbx_database_accession'         
5  3 'Structure model' '_pdbx_struct_conn_angle.ptnr1_auth_comp_id'  
6  3 'Structure model' '_pdbx_struct_conn_angle.ptnr1_auth_seq_id'   
7  3 'Structure model' '_pdbx_struct_conn_angle.ptnr1_label_asym_id' 
8  3 'Structure model' '_pdbx_struct_conn_angle.ptnr1_label_atom_id' 
9  3 'Structure model' '_pdbx_struct_conn_angle.ptnr1_label_comp_id' 
10 3 'Structure model' '_pdbx_struct_conn_angle.ptnr1_label_seq_id'  
11 3 'Structure model' '_pdbx_struct_conn_angle.ptnr1_symmetry'      
12 3 'Structure model' '_pdbx_struct_conn_angle.ptnr2_auth_seq_id'   
13 3 'Structure model' '_pdbx_struct_conn_angle.ptnr2_label_asym_id' 
14 3 'Structure model' '_pdbx_struct_conn_angle.ptnr2_symmetry'      
15 3 'Structure model' '_pdbx_struct_conn_angle.ptnr3_auth_comp_id'  
16 3 'Structure model' '_pdbx_struct_conn_angle.ptnr3_auth_seq_id'   
17 3 'Structure model' '_pdbx_struct_conn_angle.ptnr3_label_asym_id' 
18 3 'Structure model' '_pdbx_struct_conn_angle.ptnr3_label_atom_id' 
19 3 'Structure model' '_pdbx_struct_conn_angle.ptnr3_label_comp_id' 
20 3 'Structure model' '_pdbx_struct_conn_angle.ptnr3_label_seq_id'  
21 3 'Structure model' '_pdbx_struct_conn_angle.ptnr3_symmetry'      
22 3 'Structure model' '_pdbx_struct_conn_angle.value'               
23 3 'Structure model' '_struct_conn.pdbx_dist_value'                
24 3 'Structure model' '_struct_conn.ptnr1_auth_comp_id'             
25 3 'Structure model' '_struct_conn.ptnr1_auth_seq_id'              
26 3 'Structure model' '_struct_conn.ptnr1_label_asym_id'            
27 3 'Structure model' '_struct_conn.ptnr1_label_atom_id'            
28 3 'Structure model' '_struct_conn.ptnr1_label_comp_id'            
29 3 'Structure model' '_struct_conn.ptnr1_label_seq_id'             
30 3 'Structure model' '_struct_conn.ptnr2_auth_comp_id'             
31 3 'Structure model' '_struct_conn.ptnr2_auth_seq_id'              
32 3 'Structure model' '_struct_conn.ptnr2_label_asym_id'            
33 3 'Structure model' '_struct_conn.ptnr2_label_atom_id'            
34 3 'Structure model' '_struct_conn.ptnr2_label_comp_id'            
35 3 'Structure model' '_struct_conn.ptnr2_symmetry'                 
# 
_pdbx_database_status.status_code                     REL 
_pdbx_database_status.status_code_sf                  REL 
_pdbx_database_status.status_code_mr                  ? 
_pdbx_database_status.entry_id                        5B3P 
_pdbx_database_status.recvd_initial_deposition_date   2016-03-09 
_pdbx_database_status.SG_entry                        N 
_pdbx_database_status.deposit_site                    PDBJ 
_pdbx_database_status.process_site                    PDBJ 
_pdbx_database_status.status_code_cs                  ? 
_pdbx_database_status.methods_development_category    ? 
_pdbx_database_status.pdb_format_compatible           Y 
_pdbx_database_status.status_code_nmr_data            ? 
# 
_pdbx_database_related.content_type   unspecified 
_pdbx_database_related.db_id          5B3Q 
_pdbx_database_related.db_name        PDB 
_pdbx_database_related.details        . 
# 
loop_
_audit_author.name 
_audit_author.pdbx_ordinal 
'Hanazono, Y.' 1 
'Takeda, K.'   2 
'Miki, K.'     3 
# 
_citation.abstract                  ? 
_citation.abstract_id_CAS           ? 
_citation.book_id_ISBN              ? 
_citation.book_publisher            ? 
_citation.book_publisher_city       ? 
_citation.book_title                ? 
_citation.coordinate_linkage        ? 
_citation.country                   NE 
_citation.database_id_Medline       ? 
_citation.details                   ? 
_citation.id                        primary 
_citation.journal_abbrev            'Febs Open Bio' 
_citation.journal_id_ASTM           ? 
_citation.journal_id_CSD            ? 
_citation.journal_id_ISSN           2211-5463 
_citation.journal_full              ? 
_citation.journal_issue             ? 
_citation.journal_volume            6 
_citation.language                  ? 
_citation.page_first                687 
_citation.page_last                 695 
_citation.title                     'Characterization of the Nqo5 subunit of bacterial complex I in the isolated state' 
_citation.year                      2016 
_citation.database_id_CSD           ? 
_citation.pdbx_database_id_DOI      10.1002/2211-5463.12070 
_citation.pdbx_database_id_PubMed   27398308 
_citation.unpublished_flag          ? 
# 
loop_
_citation_author.citation_id 
_citation_author.name 
_citation_author.ordinal 
_citation_author.identifier_ORCID 
primary 'Hanazono, Y.' 1 ? 
primary 'Takeda, K.'   2 ? 
primary 'Miki, K.'     3 ? 
# 
loop_
_entity.id 
_entity.type 
_entity.src_method 
_entity.pdbx_description 
_entity.formula_weight 
_entity.pdbx_number_of_molecules 
_entity.pdbx_ec 
_entity.pdbx_mutation 
_entity.pdbx_fragment 
_entity.details 
1 polymer     man 'NADH-quinone oxidoreductase subunit 5' 15646.766 1   1.6.5.11 ? 'UNP residues 1-134' ? 
2 non-polymer syn 'CALCIUM ION'                           40.078    3   ?        ? ?                    ? 
3 water       nat water                                   18.015    120 ?        ? ?                    ? 
# 
_entity_name_com.entity_id   1 
_entity_name_com.name        'NADH dehydrogenase I chain 5,NDH-1 subunit 5' 
# 
_entity_poly.entity_id                      1 
_entity_poly.type                           'polypeptide(L)' 
_entity_poly.nstd_linkage                   no 
_entity_poly.nstd_monomer                   no 
_entity_poly.pdbx_seq_one_letter_code       
;MRLERVLEEARAKGYPIEDNGLGNLWVVLPRERFKEEMAHYKAMGFNFLADIVGLDYLTYPDPRPERFAVVYELVSLPGW
KDGDGSRFFVRVYVPEEDPRLPTVTDLWGSANFLEREVYDLFGIVFEGHPDLRK
;
_entity_poly.pdbx_seq_one_letter_code_can   
;MRLERVLEEARAKGYPIEDNGLGNLWVVLPRERFKEEMAHYKAMGFNFLADIVGLDYLTYPDPRPERFAVVYELVSLPGW
KDGDGSRFFVRVYVPEEDPRLPTVTDLWGSANFLEREVYDLFGIVFEGHPDLRK
;
_entity_poly.pdbx_strand_id                 A 
_entity_poly.pdbx_target_identifier         ? 
# 
loop_
_pdbx_entity_nonpoly.entity_id 
_pdbx_entity_nonpoly.name 
_pdbx_entity_nonpoly.comp_id 
2 'CALCIUM ION' CA  
3 water         HOH 
# 
loop_
_entity_poly_seq.entity_id 
_entity_poly_seq.num 
_entity_poly_seq.mon_id 
_entity_poly_seq.hetero 
1 1   MET n 
1 2   ARG n 
1 3   LEU n 
1 4   GLU n 
1 5   ARG n 
1 6   VAL n 
1 7   LEU n 
1 8   GLU n 
1 9   GLU n 
1 10  ALA n 
1 11  ARG n 
1 12  ALA n 
1 13  LYS n 
1 14  GLY n 
1 15  TYR n 
1 16  PRO n 
1 17  ILE n 
1 18  GLU n 
1 19  ASP n 
1 20  ASN n 
1 21  GLY n 
1 22  LEU n 
1 23  GLY n 
1 24  ASN n 
1 25  LEU n 
1 26  TRP n 
1 27  VAL n 
1 28  VAL n 
1 29  LEU n 
1 30  PRO n 
1 31  ARG n 
1 32  GLU n 
1 33  ARG n 
1 34  PHE n 
1 35  LYS n 
1 36  GLU n 
1 37  GLU n 
1 38  MET n 
1 39  ALA n 
1 40  HIS n 
1 41  TYR n 
1 42  LYS n 
1 43  ALA n 
1 44  MET n 
1 45  GLY n 
1 46  PHE n 
1 47  ASN n 
1 48  PHE n 
1 49  LEU n 
1 50  ALA n 
1 51  ASP n 
1 52  ILE n 
1 53  VAL n 
1 54  GLY n 
1 55  LEU n 
1 56  ASP n 
1 57  TYR n 
1 58  LEU n 
1 59  THR n 
1 60  TYR n 
1 61  PRO n 
1 62  ASP n 
1 63  PRO n 
1 64  ARG n 
1 65  PRO n 
1 66  GLU n 
1 67  ARG n 
1 68  PHE n 
1 69  ALA n 
1 70  VAL n 
1 71  VAL n 
1 72  TYR n 
1 73  GLU n 
1 74  LEU n 
1 75  VAL n 
1 76  SER n 
1 77  LEU n 
1 78  PRO n 
1 79  GLY n 
1 80  TRP n 
1 81  LYS n 
1 82  ASP n 
1 83  GLY n 
1 84  ASP n 
1 85  GLY n 
1 86  SER n 
1 87  ARG n 
1 88  PHE n 
1 89  PHE n 
1 90  VAL n 
1 91  ARG n 
1 92  VAL n 
1 93  TYR n 
1 94  VAL n 
1 95  PRO n 
1 96  GLU n 
1 97  GLU n 
1 98  ASP n 
1 99  PRO n 
1 100 ARG n 
1 101 LEU n 
1 102 PRO n 
1 103 THR n 
1 104 VAL n 
1 105 THR n 
1 106 ASP n 
1 107 LEU n 
1 108 TRP n 
1 109 GLY n 
1 110 SER n 
1 111 ALA n 
1 112 ASN n 
1 113 PHE n 
1 114 LEU n 
1 115 GLU n 
1 116 ARG n 
1 117 GLU n 
1 118 VAL n 
1 119 TYR n 
1 120 ASP n 
1 121 LEU n 
1 122 PHE n 
1 123 GLY n 
1 124 ILE n 
1 125 VAL n 
1 126 PHE n 
1 127 GLU n 
1 128 GLY n 
1 129 HIS n 
1 130 PRO n 
1 131 ASP n 
1 132 LEU n 
1 133 ARG n 
1 134 LYS n 
# 
_entity_src_gen.entity_id                          1 
_entity_src_gen.pdbx_src_id                        1 
_entity_src_gen.pdbx_alt_source_flag               sample 
_entity_src_gen.pdbx_seq_type                      'Biological sequence' 
_entity_src_gen.pdbx_beg_seq_num                   1 
_entity_src_gen.pdbx_end_seq_num                   134 
_entity_src_gen.gene_src_common_name               ? 
_entity_src_gen.gene_src_genus                     ? 
_entity_src_gen.pdbx_gene_src_gene                 'nqo5, TTHA0086' 
_entity_src_gen.gene_src_species                   ? 
_entity_src_gen.gene_src_strain                    'HB8 / ATCC 27634 / DSM 579' 
_entity_src_gen.gene_src_tissue                    ? 
_entity_src_gen.gene_src_tissue_fraction           ? 
_entity_src_gen.gene_src_details                   ? 
_entity_src_gen.pdbx_gene_src_fragment             ? 
_entity_src_gen.pdbx_gene_src_scientific_name      'Thermus thermophilus (strain HB8 / ATCC 27634 / DSM 579)' 
_entity_src_gen.pdbx_gene_src_ncbi_taxonomy_id     300852 
_entity_src_gen.pdbx_gene_src_variant              ? 
_entity_src_gen.pdbx_gene_src_cell_line            ? 
_entity_src_gen.pdbx_gene_src_atcc                 ? 
_entity_src_gen.pdbx_gene_src_organ                ? 
_entity_src_gen.pdbx_gene_src_organelle            ? 
_entity_src_gen.pdbx_gene_src_cell                 ? 
_entity_src_gen.pdbx_gene_src_cellular_location    ? 
_entity_src_gen.host_org_common_name               ? 
_entity_src_gen.pdbx_host_org_scientific_name      'Escherichia coli' 
_entity_src_gen.pdbx_host_org_ncbi_taxonomy_id     562 
_entity_src_gen.host_org_genus                     ? 
_entity_src_gen.pdbx_host_org_gene                 ? 
_entity_src_gen.pdbx_host_org_organ                ? 
_entity_src_gen.host_org_species                   ? 
_entity_src_gen.pdbx_host_org_tissue               ? 
_entity_src_gen.pdbx_host_org_tissue_fraction      ? 
_entity_src_gen.pdbx_host_org_strain               ? 
_entity_src_gen.pdbx_host_org_variant              ? 
_entity_src_gen.pdbx_host_org_cell_line            ? 
_entity_src_gen.pdbx_host_org_atcc                 ? 
_entity_src_gen.pdbx_host_org_culture_collection   ? 
_entity_src_gen.pdbx_host_org_cell                 ? 
_entity_src_gen.pdbx_host_org_organelle            ? 
_entity_src_gen.pdbx_host_org_cellular_location    ? 
_entity_src_gen.pdbx_host_org_vector_type          plasmid 
_entity_src_gen.pdbx_host_org_vector               ? 
_entity_src_gen.host_org_details                   ? 
_entity_src_gen.expression_system_id               ? 
_entity_src_gen.plasmid_name                       ? 
_entity_src_gen.plasmid_details                    ? 
_entity_src_gen.pdbx_description                   ? 
# 
loop_
_chem_comp.id 
_chem_comp.type 
_chem_comp.mon_nstd_flag 
_chem_comp.name 
_chem_comp.pdbx_synonyms 
_chem_comp.formula 
_chem_comp.formula_weight 
ALA 'L-peptide linking' y ALANINE         ? 'C3 H7 N O2'     89.093  
ARG 'L-peptide linking' y ARGININE        ? 'C6 H15 N4 O2 1' 175.209 
ASN 'L-peptide linking' y ASPARAGINE      ? 'C4 H8 N2 O3'    132.118 
ASP 'L-peptide linking' y 'ASPARTIC ACID' ? 'C4 H7 N O4'     133.103 
CA  non-polymer         . 'CALCIUM ION'   ? 'Ca 2'           40.078  
GLU 'L-peptide linking' y 'GLUTAMIC ACID' ? 'C5 H9 N O4'     147.129 
GLY 'peptide linking'   y GLYCINE         ? 'C2 H5 N O2'     75.067  
HIS 'L-peptide linking' y HISTIDINE       ? 'C6 H10 N3 O2 1' 156.162 
HOH non-polymer         . WATER           ? 'H2 O'           18.015  
ILE 'L-peptide linking' y ISOLEUCINE      ? 'C6 H13 N O2'    131.173 
LEU 'L-peptide linking' y LEUCINE         ? 'C6 H13 N O2'    131.173 
LYS 'L-peptide linking' y LYSINE          ? 'C6 H15 N2 O2 1' 147.195 
MET 'L-peptide linking' y METHIONINE      ? 'C5 H11 N O2 S'  149.211 
PHE 'L-peptide linking' y PHENYLALANINE   ? 'C9 H11 N O2'    165.189 
PRO 'L-peptide linking' y PROLINE         ? 'C5 H9 N O2'     115.130 
SER 'L-peptide linking' y SERINE          ? 'C3 H7 N O3'     105.093 
THR 'L-peptide linking' y THREONINE       ? 'C4 H9 N O3'     119.119 
TRP 'L-peptide linking' y TRYPTOPHAN      ? 'C11 H12 N2 O2'  204.225 
TYR 'L-peptide linking' y TYROSINE        ? 'C9 H11 N O3'    181.189 
VAL 'L-peptide linking' y VALINE          ? 'C5 H11 N O2'    117.146 
# 
loop_
_pdbx_poly_seq_scheme.asym_id 
_pdbx_poly_seq_scheme.entity_id 
_pdbx_poly_seq_scheme.seq_id 
_pdbx_poly_seq_scheme.mon_id 
_pdbx_poly_seq_scheme.ndb_seq_num 
_pdbx_poly_seq_scheme.pdb_seq_num 
_pdbx_poly_seq_scheme.auth_seq_num 
_pdbx_poly_seq_scheme.pdb_mon_id 
_pdbx_poly_seq_scheme.auth_mon_id 
_pdbx_poly_seq_scheme.pdb_strand_id 
_pdbx_poly_seq_scheme.pdb_ins_code 
_pdbx_poly_seq_scheme.hetero 
A 1 1   MET 1   1   1   MET MET A . n 
A 1 2   ARG 2   2   2   ARG ARG A . n 
A 1 3   LEU 3   3   3   LEU LEU A . n 
A 1 4   GLU 4   4   4   GLU GLU A . n 
A 1 5   ARG 5   5   5   ARG ARG A . n 
A 1 6   VAL 6   6   6   VAL VAL A . n 
A 1 7   LEU 7   7   7   LEU LEU A . n 
A 1 8   GLU 8   8   8   GLU GLU A . n 
A 1 9   GLU 9   9   9   GLU GLU A . n 
A 1 10  ALA 10  10  10  ALA ALA A . n 
A 1 11  ARG 11  11  11  ARG ARG A . n 
A 1 12  ALA 12  12  12  ALA ALA A . n 
A 1 13  LYS 13  13  13  LYS LYS A . n 
A 1 14  GLY 14  14  14  GLY GLY A . n 
A 1 15  TYR 15  15  15  TYR TYR A . n 
A 1 16  PRO 16  16  16  PRO PRO A . n 
A 1 17  ILE 17  17  17  ILE ILE A . n 
A 1 18  GLU 18  18  18  GLU GLU A . n 
A 1 19  ASP 19  19  19  ASP ASP A . n 
A 1 20  ASN 20  20  20  ASN ASN A . n 
A 1 21  GLY 21  21  21  GLY GLY A . n 
A 1 22  LEU 22  22  22  LEU LEU A . n 
A 1 23  GLY 23  23  23  GLY GLY A . n 
A 1 24  ASN 24  24  24  ASN ASN A . n 
A 1 25  LEU 25  25  25  LEU LEU A . n 
A 1 26  TRP 26  26  26  TRP TRP A . n 
A 1 27  VAL 27  27  27  VAL VAL A . n 
A 1 28  VAL 28  28  28  VAL VAL A . n 
A 1 29  LEU 29  29  29  LEU LEU A . n 
A 1 30  PRO 30  30  30  PRO PRO A . n 
A 1 31  ARG 31  31  31  ARG ARG A . n 
A 1 32  GLU 32  32  32  GLU GLU A . n 
A 1 33  ARG 33  33  33  ARG ARG A . n 
A 1 34  PHE 34  34  34  PHE PHE A . n 
A 1 35  LYS 35  35  35  LYS LYS A . n 
A 1 36  GLU 36  36  36  GLU GLU A . n 
A 1 37  GLU 37  37  37  GLU GLU A . n 
A 1 38  MET 38  38  38  MET MET A . n 
A 1 39  ALA 39  39  39  ALA ALA A . n 
A 1 40  HIS 40  40  40  HIS HIS A . n 
A 1 41  TYR 41  41  41  TYR TYR A . n 
A 1 42  LYS 42  42  42  LYS LYS A . n 
A 1 43  ALA 43  43  43  ALA ALA A . n 
A 1 44  MET 44  44  44  MET MET A . n 
A 1 45  GLY 45  45  45  GLY GLY A . n 
A 1 46  PHE 46  46  46  PHE PHE A . n 
A 1 47  ASN 47  47  47  ASN ASN A . n 
A 1 48  PHE 48  48  48  PHE PHE A . n 
A 1 49  LEU 49  49  49  LEU LEU A . n 
A 1 50  ALA 50  50  50  ALA ALA A . n 
A 1 51  ASP 51  51  51  ASP ASP A . n 
A 1 52  ILE 52  52  52  ILE ILE A . n 
A 1 53  VAL 53  53  53  VAL VAL A . n 
A 1 54  GLY 54  54  54  GLY GLY A . n 
A 1 55  LEU 55  55  55  LEU LEU A . n 
A 1 56  ASP 56  56  56  ASP ASP A . n 
A 1 57  TYR 57  57  57  TYR TYR A . n 
A 1 58  LEU 58  58  58  LEU LEU A . n 
A 1 59  THR 59  59  59  THR THR A . n 
A 1 60  TYR 60  60  60  TYR TYR A . n 
A 1 61  PRO 61  61  61  PRO PRO A . n 
A 1 62  ASP 62  62  62  ASP ASP A . n 
A 1 63  PRO 63  63  63  PRO PRO A . n 
A 1 64  ARG 64  64  64  ARG ARG A . n 
A 1 65  PRO 65  65  65  PRO PRO A . n 
A 1 66  GLU 66  66  66  GLU GLU A . n 
A 1 67  ARG 67  67  67  ARG ARG A . n 
A 1 68  PHE 68  68  68  PHE PHE A . n 
A 1 69  ALA 69  69  69  ALA ALA A . n 
A 1 70  VAL 70  70  70  VAL VAL A . n 
A 1 71  VAL 71  71  71  VAL VAL A . n 
A 1 72  TYR 72  72  72  TYR TYR A . n 
A 1 73  GLU 73  73  73  GLU GLU A . n 
A 1 74  LEU 74  74  74  LEU LEU A . n 
A 1 75  VAL 75  75  75  VAL VAL A . n 
A 1 76  SER 76  76  76  SER SER A . n 
A 1 77  LEU 77  77  77  LEU LEU A . n 
A 1 78  PRO 78  78  78  PRO PRO A . n 
A 1 79  GLY 79  79  79  GLY GLY A . n 
A 1 80  TRP 80  80  80  TRP TRP A . n 
A 1 81  LYS 81  81  81  LYS LYS A . n 
A 1 82  ASP 82  82  82  ASP ASP A . n 
A 1 83  GLY 83  83  83  GLY GLY A . n 
A 1 84  ASP 84  84  84  ASP ASP A . n 
A 1 85  GLY 85  85  85  GLY GLY A . n 
A 1 86  SER 86  86  86  SER SER A . n 
A 1 87  ARG 87  87  87  ARG ARG A . n 
A 1 88  PHE 88  88  88  PHE PHE A . n 
A 1 89  PHE 89  89  89  PHE PHE A . n 
A 1 90  VAL 90  90  90  VAL VAL A . n 
A 1 91  ARG 91  91  91  ARG ARG A . n 
A 1 92  VAL 92  92  92  VAL VAL A . n 
A 1 93  TYR 93  93  93  TYR TYR A . n 
A 1 94  VAL 94  94  94  VAL VAL A . n 
A 1 95  PRO 95  95  95  PRO PRO A . n 
A 1 96  GLU 96  96  96  GLU GLU A . n 
A 1 97  GLU 97  97  97  GLU GLU A . n 
A 1 98  ASP 98  98  98  ASP ASP A . n 
A 1 99  PRO 99  99  99  PRO PRO A . n 
A 1 100 ARG 100 100 100 ARG ARG A . n 
A 1 101 LEU 101 101 101 LEU LEU A . n 
A 1 102 PRO 102 102 102 PRO PRO A . n 
A 1 103 THR 103 103 103 THR THR A . n 
A 1 104 VAL 104 104 104 VAL VAL A . n 
A 1 105 THR 105 105 105 THR THR A . n 
A 1 106 ASP 106 106 106 ASP ASP A . n 
A 1 107 LEU 107 107 107 LEU LEU A . n 
A 1 108 TRP 108 108 108 TRP TRP A . n 
A 1 109 GLY 109 109 109 GLY GLY A . n 
A 1 110 SER 110 110 110 SER SER A . n 
A 1 111 ALA 111 111 111 ALA ALA A . n 
A 1 112 ASN 112 112 112 ASN ASN A . n 
A 1 113 PHE 113 113 113 PHE PHE A . n 
A 1 114 LEU 114 114 114 LEU LEU A . n 
A 1 115 GLU 115 115 115 GLU GLU A . n 
A 1 116 ARG 116 116 116 ARG ARG A . n 
A 1 117 GLU 117 117 117 GLU GLU A . n 
A 1 118 VAL 118 118 118 VAL VAL A . n 
A 1 119 TYR 119 119 119 TYR TYR A . n 
A 1 120 ASP 120 120 120 ASP ASP A . n 
A 1 121 LEU 121 121 121 LEU LEU A . n 
A 1 122 PHE 122 122 122 PHE PHE A . n 
A 1 123 GLY 123 123 123 GLY GLY A . n 
A 1 124 ILE 124 124 124 ILE ILE A . n 
A 1 125 VAL 125 125 125 VAL VAL A . n 
A 1 126 PHE 126 126 126 PHE PHE A . n 
A 1 127 GLU 127 127 127 GLU GLU A . n 
A 1 128 GLY 128 128 128 GLY GLY A . n 
A 1 129 HIS 129 129 129 HIS HIS A . n 
A 1 130 PRO 130 130 130 PRO PRO A . n 
A 1 131 ASP 131 131 131 ASP ASP A . n 
A 1 132 LEU 132 132 132 LEU LEU A . n 
A 1 133 ARG 133 133 133 ARG ARG A . n 
A 1 134 LYS 134 134 134 LYS LYS A . n 
# 
loop_
_pdbx_nonpoly_scheme.asym_id 
_pdbx_nonpoly_scheme.entity_id 
_pdbx_nonpoly_scheme.mon_id 
_pdbx_nonpoly_scheme.ndb_seq_num 
_pdbx_nonpoly_scheme.pdb_seq_num 
_pdbx_nonpoly_scheme.auth_seq_num 
_pdbx_nonpoly_scheme.pdb_mon_id 
_pdbx_nonpoly_scheme.auth_mon_id 
_pdbx_nonpoly_scheme.pdb_strand_id 
_pdbx_nonpoly_scheme.pdb_ins_code 
B 2 CA  1   201 201 CA  CA  A . 
C 2 CA  1   202 202 CA  CA  A . 
D 2 CA  1   203 203 CA  CA  A . 
E 3 HOH 1   301 104 HOH HOH A . 
E 3 HOH 2   302 120 HOH HOH A . 
E 3 HOH 3   303 78  HOH HOH A . 
E 3 HOH 4   304 107 HOH HOH A . 
E 3 HOH 5   305 63  HOH HOH A . 
E 3 HOH 6   306 73  HOH HOH A . 
E 3 HOH 7   307 11  HOH HOH A . 
E 3 HOH 8   308 19  HOH HOH A . 
E 3 HOH 9   309 98  HOH HOH A . 
E 3 HOH 10  310 59  HOH HOH A . 
E 3 HOH 11  311 114 HOH HOH A . 
E 3 HOH 12  312 20  HOH HOH A . 
E 3 HOH 13  313 17  HOH HOH A . 
E 3 HOH 14  314 90  HOH HOH A . 
E 3 HOH 15  315 68  HOH HOH A . 
E 3 HOH 16  316 85  HOH HOH A . 
E 3 HOH 17  317 47  HOH HOH A . 
E 3 HOH 18  318 41  HOH HOH A . 
E 3 HOH 19  319 3   HOH HOH A . 
E 3 HOH 20  320 105 HOH HOH A . 
E 3 HOH 21  321 81  HOH HOH A . 
E 3 HOH 22  322 115 HOH HOH A . 
E 3 HOH 23  323 6   HOH HOH A . 
E 3 HOH 24  324 50  HOH HOH A . 
E 3 HOH 25  325 77  HOH HOH A . 
E 3 HOH 26  326 94  HOH HOH A . 
E 3 HOH 27  327 43  HOH HOH A . 
E 3 HOH 28  328 1   HOH HOH A . 
E 3 HOH 29  329 15  HOH HOH A . 
E 3 HOH 30  330 103 HOH HOH A . 
E 3 HOH 31  331 5   HOH HOH A . 
E 3 HOH 32  332 23  HOH HOH A . 
E 3 HOH 33  333 2   HOH HOH A . 
E 3 HOH 34  334 24  HOH HOH A . 
E 3 HOH 35  335 16  HOH HOH A . 
E 3 HOH 36  336 12  HOH HOH A . 
E 3 HOH 37  337 28  HOH HOH A . 
E 3 HOH 38  338 67  HOH HOH A . 
E 3 HOH 39  339 65  HOH HOH A . 
E 3 HOH 40  340 7   HOH HOH A . 
E 3 HOH 41  341 35  HOH HOH A . 
E 3 HOH 42  342 75  HOH HOH A . 
E 3 HOH 43  343 8   HOH HOH A . 
E 3 HOH 44  344 69  HOH HOH A . 
E 3 HOH 45  345 66  HOH HOH A . 
E 3 HOH 46  346 101 HOH HOH A . 
E 3 HOH 47  347 22  HOH HOH A . 
E 3 HOH 48  348 96  HOH HOH A . 
E 3 HOH 49  349 25  HOH HOH A . 
E 3 HOH 50  350 30  HOH HOH A . 
E 3 HOH 51  351 14  HOH HOH A . 
E 3 HOH 52  352 113 HOH HOH A . 
E 3 HOH 53  353 4   HOH HOH A . 
E 3 HOH 54  354 91  HOH HOH A . 
E 3 HOH 55  355 57  HOH HOH A . 
E 3 HOH 56  356 60  HOH HOH A . 
E 3 HOH 57  357 64  HOH HOH A . 
E 3 HOH 58  358 55  HOH HOH A . 
E 3 HOH 59  359 53  HOH HOH A . 
E 3 HOH 60  360 118 HOH HOH A . 
E 3 HOH 61  361 83  HOH HOH A . 
E 3 HOH 62  362 40  HOH HOH A . 
E 3 HOH 63  363 56  HOH HOH A . 
E 3 HOH 64  364 32  HOH HOH A . 
E 3 HOH 65  365 117 HOH HOH A . 
E 3 HOH 66  366 10  HOH HOH A . 
E 3 HOH 67  367 92  HOH HOH A . 
E 3 HOH 68  368 89  HOH HOH A . 
E 3 HOH 69  369 37  HOH HOH A . 
E 3 HOH 70  370 48  HOH HOH A . 
E 3 HOH 71  371 18  HOH HOH A . 
E 3 HOH 72  372 74  HOH HOH A . 
E 3 HOH 73  373 54  HOH HOH A . 
E 3 HOH 74  374 112 HOH HOH A . 
E 3 HOH 75  375 38  HOH HOH A . 
E 3 HOH 76  376 9   HOH HOH A . 
E 3 HOH 77  377 31  HOH HOH A . 
E 3 HOH 78  378 61  HOH HOH A . 
E 3 HOH 79  379 58  HOH HOH A . 
E 3 HOH 80  380 49  HOH HOH A . 
E 3 HOH 81  381 51  HOH HOH A . 
E 3 HOH 82  382 72  HOH HOH A . 
E 3 HOH 83  383 62  HOH HOH A . 
E 3 HOH 84  384 106 HOH HOH A . 
E 3 HOH 85  385 93  HOH HOH A . 
E 3 HOH 86  386 84  HOH HOH A . 
E 3 HOH 87  387 95  HOH HOH A . 
E 3 HOH 88  388 39  HOH HOH A . 
E 3 HOH 89  389 13  HOH HOH A . 
E 3 HOH 90  390 111 HOH HOH A . 
E 3 HOH 91  391 26  HOH HOH A . 
E 3 HOH 92  392 46  HOH HOH A . 
E 3 HOH 93  393 80  HOH HOH A . 
E 3 HOH 94  394 36  HOH HOH A . 
E 3 HOH 95  395 82  HOH HOH A . 
E 3 HOH 96  396 34  HOH HOH A . 
E 3 HOH 97  397 45  HOH HOH A . 
E 3 HOH 98  398 100 HOH HOH A . 
E 3 HOH 99  399 42  HOH HOH A . 
E 3 HOH 100 400 33  HOH HOH A . 
E 3 HOH 101 401 109 HOH HOH A . 
E 3 HOH 102 402 87  HOH HOH A . 
E 3 HOH 103 403 88  HOH HOH A . 
E 3 HOH 104 404 27  HOH HOH A . 
E 3 HOH 105 405 21  HOH HOH A . 
E 3 HOH 106 406 44  HOH HOH A . 
E 3 HOH 107 407 116 HOH HOH A . 
E 3 HOH 108 408 71  HOH HOH A . 
E 3 HOH 109 409 97  HOH HOH A . 
E 3 HOH 110 410 52  HOH HOH A . 
E 3 HOH 111 411 119 HOH HOH A . 
E 3 HOH 112 412 86  HOH HOH A . 
E 3 HOH 113 413 108 HOH HOH A . 
E 3 HOH 114 414 29  HOH HOH A . 
E 3 HOH 115 415 79  HOH HOH A . 
E 3 HOH 116 416 102 HOH HOH A . 
E 3 HOH 117 417 70  HOH HOH A . 
E 3 HOH 118 418 99  HOH HOH A . 
E 3 HOH 119 419 76  HOH HOH A . 
E 3 HOH 120 420 110 HOH HOH A . 
# 
loop_
_software.citation_id 
_software.classification 
_software.compiler_name 
_software.compiler_version 
_software.contact_author 
_software.contact_author_email 
_software.date 
_software.description 
_software.dependencies 
_software.hardware 
_software.language 
_software.location 
_software.mods 
_software.name 
_software.os 
_software.os_version 
_software.type 
_software.version 
_software.pdbx_ordinal 
? refinement       ? ? ? ? ? ? ? ? ? ? ? PHENIX   ? ? ? 1.9_1692 1 
? 'data reduction' ? ? ? ? ? ? ? ? ? ? ? HKL-2000 ? ? ? .        2 
? 'data scaling'   ? ? ? ? ? ? ? ? ? ? ? HKL-2000 ? ? ? .        3 
? phasing          ? ? ? ? ? ? ? ? ? ? ? AutoSol  ? ? ? .        4 
# 
_cell.angle_alpha                  90.00 
_cell.angle_alpha_esd              ? 
_cell.angle_beta                   90.00 
_cell.angle_beta_esd               ? 
_cell.angle_gamma                  90.00 
_cell.angle_gamma_esd              ? 
_cell.entry_id                     5B3P 
_cell.details                      ? 
_cell.formula_units_Z              ? 
_cell.length_a                     41.264 
_cell.length_a_esd                 ? 
_cell.length_b                     42.185 
_cell.length_b_esd                 ? 
_cell.length_c                     70.095 
_cell.length_c_esd                 ? 
_cell.volume                       ? 
_cell.volume_esd                   ? 
_cell.Z_PDB                        4 
_cell.reciprocal_angle_alpha       ? 
_cell.reciprocal_angle_beta        ? 
_cell.reciprocal_angle_gamma       ? 
_cell.reciprocal_angle_alpha_esd   ? 
_cell.reciprocal_angle_beta_esd    ? 
_cell.reciprocal_angle_gamma_esd   ? 
_cell.reciprocal_length_a          ? 
_cell.reciprocal_length_b          ? 
_cell.reciprocal_length_c          ? 
_cell.reciprocal_length_a_esd      ? 
_cell.reciprocal_length_b_esd      ? 
_cell.reciprocal_length_c_esd      ? 
_cell.pdbx_unique_axis             ? 
# 
_symmetry.entry_id                         5B3P 
_symmetry.cell_setting                     ? 
_symmetry.Int_Tables_number                19 
_symmetry.space_group_name_Hall            ? 
_symmetry.space_group_name_H-M             'P 21 21 21' 
_symmetry.pdbx_full_space_group_name_H-M   ? 
# 
_exptl.absorpt_coefficient_mu     ? 
_exptl.absorpt_correction_T_max   ? 
_exptl.absorpt_correction_T_min   ? 
_exptl.absorpt_correction_type    ? 
_exptl.absorpt_process_details    ? 
_exptl.entry_id                   5B3P 
_exptl.crystals_number            1 
_exptl.details                    ? 
_exptl.method                     'X-RAY DIFFRACTION' 
_exptl.method_details             ? 
# 
_exptl_crystal.colour                      ? 
_exptl_crystal.density_diffrn              ? 
_exptl_crystal.density_Matthews            1.95 
_exptl_crystal.density_method              ? 
_exptl_crystal.density_percent_sol         36.91 
_exptl_crystal.description                 ? 
_exptl_crystal.F_000                       ? 
_exptl_crystal.id                          1 
_exptl_crystal.preparation                 ? 
_exptl_crystal.size_max                    ? 
_exptl_crystal.size_mid                    ? 
_exptl_crystal.size_min                    ? 
_exptl_crystal.size_rad                    ? 
_exptl_crystal.colour_lustre               ? 
_exptl_crystal.colour_modifier             ? 
_exptl_crystal.colour_primary              ? 
_exptl_crystal.density_meas                ? 
_exptl_crystal.density_meas_esd            ? 
_exptl_crystal.density_meas_gt             ? 
_exptl_crystal.density_meas_lt             ? 
_exptl_crystal.density_meas_temp           ? 
_exptl_crystal.density_meas_temp_esd       ? 
_exptl_crystal.density_meas_temp_gt        ? 
_exptl_crystal.density_meas_temp_lt        ? 
_exptl_crystal.pdbx_crystal_image_url      ? 
_exptl_crystal.pdbx_crystal_image_format   ? 
_exptl_crystal.pdbx_mosaicity              ? 
_exptl_crystal.pdbx_mosaicity_esd          ? 
# 
_exptl_crystal_grow.apparatus       ? 
_exptl_crystal_grow.atmosphere      ? 
_exptl_crystal_grow.crystal_id      1 
_exptl_crystal_grow.details         ? 
_exptl_crystal_grow.method          'VAPOR DIFFUSION, SITTING DROP' 
_exptl_crystal_grow.method_ref      ? 
_exptl_crystal_grow.pH              8.0 
_exptl_crystal_grow.pressure        ? 
_exptl_crystal_grow.pressure_esd    ? 
_exptl_crystal_grow.seeding         ? 
_exptl_crystal_grow.seeding_ref     ? 
_exptl_crystal_grow.temp            293 
_exptl_crystal_grow.temp_details    ? 
_exptl_crystal_grow.temp_esd        ? 
_exptl_crystal_grow.time            ? 
_exptl_crystal_grow.pdbx_details    '200mM calcium chloride, 25% PEG 4000' 
_exptl_crystal_grow.pdbx_pH_range   ? 
# 
_diffrn.ambient_environment    ? 
_diffrn.ambient_temp           95 
_diffrn.ambient_temp_details   ? 
_diffrn.ambient_temp_esd       ? 
_diffrn.crystal_id             1 
_diffrn.crystal_support        ? 
_diffrn.crystal_treatment      ? 
_diffrn.details                ? 
_diffrn.id                     1 
_diffrn.ambient_pressure       ? 
_diffrn.ambient_pressure_esd   ? 
_diffrn.ambient_pressure_gt    ? 
_diffrn.ambient_pressure_lt    ? 
_diffrn.ambient_temp_gt        ? 
_diffrn.ambient_temp_lt        ? 
# 
_diffrn_detector.details                      ? 
_diffrn_detector.detector                     CCD 
_diffrn_detector.diffrn_id                    1 
_diffrn_detector.type                         'MAR CCD 165 mm' 
_diffrn_detector.area_resol_mean              ? 
_diffrn_detector.dtime                        ? 
_diffrn_detector.pdbx_frames_total            ? 
_diffrn_detector.pdbx_collection_time_total   ? 
_diffrn_detector.pdbx_collection_date         2001-12-13 
# 
_diffrn_radiation.collimation                      ? 
_diffrn_radiation.diffrn_id                        1 
_diffrn_radiation.filter_edge                      ? 
_diffrn_radiation.inhomogeneity                    ? 
_diffrn_radiation.monochromator                    ? 
_diffrn_radiation.polarisn_norm                    ? 
_diffrn_radiation.polarisn_ratio                   ? 
_diffrn_radiation.probe                            ? 
_diffrn_radiation.type                             ? 
_diffrn_radiation.xray_symbol                      ? 
_diffrn_radiation.wavelength_id                    1 
_diffrn_radiation.pdbx_monochromatic_or_laue_m_l   M 
_diffrn_radiation.pdbx_wavelength_list             ? 
_diffrn_radiation.pdbx_wavelength                  ? 
_diffrn_radiation.pdbx_diffrn_protocol             'SINGLE WAVELENGTH' 
_diffrn_radiation.pdbx_analyzer                    ? 
_diffrn_radiation.pdbx_scattering_type             x-ray 
# 
_diffrn_radiation_wavelength.id           1 
_diffrn_radiation_wavelength.wavelength   1.0000 
_diffrn_radiation_wavelength.wt           1.0 
# 
_diffrn_source.current                     ? 
_diffrn_source.details                     ? 
_diffrn_source.diffrn_id                   1 
_diffrn_source.power                       ? 
_diffrn_source.size                        ? 
_diffrn_source.source                      SYNCHROTRON 
_diffrn_source.target                      ? 
_diffrn_source.type                        'SPRING-8 BEAMLINE BL44B2' 
_diffrn_source.voltage                     ? 
_diffrn_source.take-off_angle              ? 
_diffrn_source.pdbx_wavelength_list        1.0000 
_diffrn_source.pdbx_wavelength             ? 
_diffrn_source.pdbx_synchrotron_beamline   BL44B2 
_diffrn_source.pdbx_synchrotron_site       SPring-8 
# 
_reflns.B_iso_Wilson_estimate            ? 
_reflns.entry_id                         5B3P 
_reflns.data_reduction_details           ? 
_reflns.data_reduction_method            ? 
_reflns.d_resolution_high                1.65 
_reflns.d_resolution_low                 50 
_reflns.details                          ? 
_reflns.limit_h_max                      ? 
_reflns.limit_h_min                      ? 
_reflns.limit_k_max                      ? 
_reflns.limit_k_min                      ? 
_reflns.limit_l_max                      ? 
_reflns.limit_l_min                      ? 
_reflns.number_all                       ? 
_reflns.number_obs                       14331 
_reflns.observed_criterion               ? 
_reflns.observed_criterion_F_max         ? 
_reflns.observed_criterion_F_min         ? 
_reflns.observed_criterion_I_max         ? 
_reflns.observed_criterion_I_min         ? 
_reflns.observed_criterion_sigma_F       ? 
_reflns.observed_criterion_sigma_I       ? 
_reflns.percent_possible_obs             93.8 
_reflns.R_free_details                   ? 
_reflns.Rmerge_F_all                     ? 
_reflns.Rmerge_F_obs                     ? 
_reflns.Friedel_coverage                 ? 
_reflns.number_gt                        ? 
_reflns.threshold_expression             ? 
_reflns.pdbx_redundancy                  12.9 
_reflns.pdbx_Rmerge_I_obs                ? 
_reflns.pdbx_Rmerge_I_all                ? 
_reflns.pdbx_Rsym_value                  0.052 
_reflns.pdbx_netI_over_av_sigmaI         ? 
_reflns.pdbx_netI_over_sigmaI            33.1 
_reflns.pdbx_res_netI_over_av_sigmaI_2   ? 
_reflns.pdbx_res_netI_over_sigmaI_2      ? 
_reflns.pdbx_chi_squared                 ? 
_reflns.pdbx_scaling_rejects             ? 
_reflns.pdbx_d_res_high_opt              ? 
_reflns.pdbx_d_res_low_opt               ? 
_reflns.pdbx_d_res_opt_method            ? 
_reflns.phase_calculation_details        ? 
_reflns.pdbx_Rrim_I_all                  ? 
_reflns.pdbx_Rpim_I_all                  ? 
_reflns.pdbx_d_opt                       ? 
_reflns.pdbx_number_measured_all         ? 
_reflns.pdbx_diffrn_id                   1 
_reflns.pdbx_ordinal                     1 
_reflns.pdbx_CC_half                     ? 
_reflns.pdbx_R_split                     ? 
# 
_reflns_shell.d_res_high                  1.65 
_reflns_shell.d_res_low                   1.71 
_reflns_shell.meanI_over_sigI_all         ? 
_reflns_shell.meanI_over_sigI_obs         1.8 
_reflns_shell.number_measured_all         ? 
_reflns_shell.number_measured_obs         ? 
_reflns_shell.number_possible             ? 
_reflns_shell.number_unique_all           ? 
_reflns_shell.number_unique_obs           ? 
_reflns_shell.percent_possible_all        70.6 
_reflns_shell.percent_possible_obs        ? 
_reflns_shell.Rmerge_F_all                ? 
_reflns_shell.Rmerge_F_obs                ? 
_reflns_shell.Rmerge_I_all                ? 
_reflns_shell.Rmerge_I_obs                ? 
_reflns_shell.meanI_over_sigI_gt          ? 
_reflns_shell.meanI_over_uI_all           ? 
_reflns_shell.meanI_over_uI_gt            ? 
_reflns_shell.number_measured_gt          ? 
_reflns_shell.number_unique_gt            ? 
_reflns_shell.percent_possible_gt         ? 
_reflns_shell.Rmerge_F_gt                 ? 
_reflns_shell.Rmerge_I_gt                 ? 
_reflns_shell.pdbx_redundancy             ? 
_reflns_shell.pdbx_Rsym_value             ? 
_reflns_shell.pdbx_chi_squared            ? 
_reflns_shell.pdbx_netI_over_sigmaI_all   ? 
_reflns_shell.pdbx_netI_over_sigmaI_obs   ? 
_reflns_shell.pdbx_Rrim_I_all             ? 
_reflns_shell.pdbx_Rpim_I_all             ? 
_reflns_shell.pdbx_rejects                ? 
_reflns_shell.pdbx_ordinal                1 
_reflns_shell.pdbx_diffrn_id              1 
_reflns_shell.pdbx_CC_half                ? 
_reflns_shell.pdbx_R_split                ? 
# 
_refine.aniso_B[1][1]                            ? 
_refine.aniso_B[1][2]                            ? 
_refine.aniso_B[1][3]                            ? 
_refine.aniso_B[2][2]                            ? 
_refine.aniso_B[2][3]                            ? 
_refine.aniso_B[3][3]                            ? 
_refine.B_iso_max                                ? 
_refine.B_iso_mean                               ? 
_refine.B_iso_min                                ? 
_refine.correlation_coeff_Fo_to_Fc               ? 
_refine.correlation_coeff_Fo_to_Fc_free          ? 
_refine.details                                  ? 
_refine.diff_density_max                         ? 
_refine.diff_density_max_esd                     ? 
_refine.diff_density_min                         ? 
_refine.diff_density_min_esd                     ? 
_refine.diff_density_rms                         ? 
_refine.diff_density_rms_esd                     ? 
_refine.entry_id                                 5B3P 
_refine.pdbx_refine_id                           'X-RAY DIFFRACTION' 
_refine.ls_abs_structure_details                 ? 
_refine.ls_abs_structure_Flack                   ? 
_refine.ls_abs_structure_Flack_esd               ? 
_refine.ls_abs_structure_Rogers                  ? 
_refine.ls_abs_structure_Rogers_esd              ? 
_refine.ls_d_res_high                            1.652 
_refine.ls_d_res_low                             29.498 
_refine.ls_extinction_coef                       ? 
_refine.ls_extinction_coef_esd                   ? 
_refine.ls_extinction_expression                 ? 
_refine.ls_extinction_method                     ? 
_refine.ls_goodness_of_fit_all                   ? 
_refine.ls_goodness_of_fit_all_esd               ? 
_refine.ls_goodness_of_fit_obs                   ? 
_refine.ls_goodness_of_fit_obs_esd               ? 
_refine.ls_hydrogen_treatment                    ? 
_refine.ls_matrix_type                           ? 
_refine.ls_number_constraints                    ? 
_refine.ls_number_parameters                     ? 
_refine.ls_number_reflns_all                     ? 
_refine.ls_number_reflns_obs                     14289 
_refine.ls_number_reflns_R_free                  712 
_refine.ls_number_reflns_R_work                  ? 
_refine.ls_number_restraints                     ? 
_refine.ls_percent_reflns_obs                    93.73 
_refine.ls_percent_reflns_R_free                 4.98 
_refine.ls_R_factor_all                          ? 
_refine.ls_R_factor_obs                          0.1721 
_refine.ls_R_factor_R_free                       0.2092 
_refine.ls_R_factor_R_free_error                 ? 
_refine.ls_R_factor_R_free_error_details         ? 
_refine.ls_R_factor_R_work                       0.1703 
_refine.ls_R_Fsqd_factor_obs                     ? 
_refine.ls_R_I_factor_obs                        ? 
_refine.ls_redundancy_reflns_all                 ? 
_refine.ls_redundancy_reflns_obs                 ? 
_refine.ls_restrained_S_all                      ? 
_refine.ls_restrained_S_obs                      ? 
_refine.ls_shift_over_esd_max                    ? 
_refine.ls_shift_over_esd_mean                   ? 
_refine.ls_structure_factor_coef                 ? 
_refine.ls_weighting_details                     ? 
_refine.ls_weighting_scheme                      ? 
_refine.ls_wR_factor_all                         ? 
_refine.ls_wR_factor_obs                         ? 
_refine.ls_wR_factor_R_free                      ? 
_refine.ls_wR_factor_R_work                      ? 
_refine.occupancy_max                            ? 
_refine.occupancy_min                            ? 
_refine.solvent_model_details                    ? 
_refine.solvent_model_param_bsol                 ? 
_refine.solvent_model_param_ksol                 ? 
_refine.ls_R_factor_gt                           ? 
_refine.ls_goodness_of_fit_gt                    ? 
_refine.ls_goodness_of_fit_ref                   ? 
_refine.ls_shift_over_su_max                     ? 
_refine.ls_shift_over_su_max_lt                  ? 
_refine.ls_shift_over_su_mean                    ? 
_refine.ls_shift_over_su_mean_lt                 ? 
_refine.pdbx_ls_sigma_I                          ? 
_refine.pdbx_ls_sigma_F                          1.39 
_refine.pdbx_ls_sigma_Fsqd                       ? 
_refine.pdbx_data_cutoff_high_absF               ? 
_refine.pdbx_data_cutoff_high_rms_absF           ? 
_refine.pdbx_data_cutoff_low_absF                ? 
_refine.pdbx_isotropic_thermal_model             ? 
_refine.pdbx_ls_cross_valid_method               'FREE R-VALUE' 
_refine.pdbx_method_to_determine_struct          MAD 
_refine.pdbx_starting_model                      ? 
_refine.pdbx_stereochemistry_target_values       ? 
_refine.pdbx_R_Free_selection_details            'Random selection' 
_refine.pdbx_stereochem_target_val_spec_case     ? 
_refine.pdbx_overall_ESU_R                       ? 
_refine.pdbx_overall_ESU_R_Free                  ? 
_refine.pdbx_solvent_vdw_probe_radii             1.11 
_refine.pdbx_solvent_ion_probe_radii             ? 
_refine.pdbx_solvent_shrinkage_radii             0.90 
_refine.pdbx_real_space_R                        ? 
_refine.pdbx_density_correlation                 ? 
_refine.pdbx_pd_number_of_powder_patterns        ? 
_refine.pdbx_pd_number_of_points                 ? 
_refine.pdbx_pd_meas_number_of_points            ? 
_refine.pdbx_pd_proc_ls_prof_R_factor            ? 
_refine.pdbx_pd_proc_ls_prof_wR_factor           ? 
_refine.pdbx_pd_Marquardt_correlation_coeff      ? 
_refine.pdbx_pd_Fsqrd_R_factor                   ? 
_refine.pdbx_pd_ls_matrix_band_width             ? 
_refine.pdbx_overall_phase_error                 21.81 
_refine.pdbx_overall_SU_R_free_Cruickshank_DPI   ? 
_refine.pdbx_overall_SU_R_free_Blow_DPI          ? 
_refine.pdbx_overall_SU_R_Blow_DPI               ? 
_refine.pdbx_TLS_residual_ADP_flag               ? 
_refine.pdbx_diffrn_id                           1 
_refine.overall_SU_B                             ? 
_refine.overall_SU_ML                            0.15 
_refine.overall_SU_R_Cruickshank_DPI             ? 
_refine.overall_SU_R_free                        ? 
_refine.overall_FOM_free_R_set                   ? 
_refine.overall_FOM_work_R_set                   ? 
_refine.pdbx_average_fsc_overall                 ? 
_refine.pdbx_average_fsc_work                    ? 
_refine.pdbx_average_fsc_free                    ? 
# 
_refine_hist.pdbx_refine_id                   'X-RAY DIFFRACTION' 
_refine_hist.cycle_id                         LAST 
_refine_hist.pdbx_number_atoms_protein        1108 
_refine_hist.pdbx_number_atoms_nucleic_acid   0 
_refine_hist.pdbx_number_atoms_ligand         3 
_refine_hist.number_atoms_solvent             120 
_refine_hist.number_atoms_total               1231 
_refine_hist.d_res_high                       1.652 
_refine_hist.d_res_low                        29.498 
# 
loop_
_refine_ls_restr.pdbx_refine_id 
_refine_ls_restr.criterion 
_refine_ls_restr.dev_ideal 
_refine_ls_restr.dev_ideal_target 
_refine_ls_restr.number 
_refine_ls_restr.rejects 
_refine_ls_restr.type 
_refine_ls_restr.weight 
_refine_ls_restr.pdbx_restraint_function 
'X-RAY DIFFRACTION' ? 0.013  ? 1172 ? f_bond_d           ? ? 
'X-RAY DIFFRACTION' ? 1.571  ? 1601 ? f_angle_d          ? ? 
'X-RAY DIFFRACTION' ? 12.941 ? 449  ? f_dihedral_angle_d ? ? 
'X-RAY DIFFRACTION' ? 0.078  ? 162  ? f_chiral_restr     ? ? 
'X-RAY DIFFRACTION' ? 0.009  ? 215  ? f_plane_restr      ? ? 
# 
loop_
_refine_ls_shell.pdbx_refine_id 
_refine_ls_shell.d_res_high 
_refine_ls_shell.d_res_low 
_refine_ls_shell.number_reflns_all 
_refine_ls_shell.number_reflns_obs 
_refine_ls_shell.number_reflns_R_free 
_refine_ls_shell.number_reflns_R_work 
_refine_ls_shell.percent_reflns_obs 
_refine_ls_shell.percent_reflns_R_free 
_refine_ls_shell.R_factor_all 
_refine_ls_shell.R_factor_obs 
_refine_ls_shell.R_factor_R_free 
_refine_ls_shell.R_factor_R_free_error 
_refine_ls_shell.R_factor_R_work 
_refine_ls_shell.redundancy_reflns_all 
_refine_ls_shell.redundancy_reflns_obs 
_refine_ls_shell.wR_factor_all 
_refine_ls_shell.wR_factor_obs 
_refine_ls_shell.wR_factor_R_free 
_refine_ls_shell.wR_factor_R_work 
_refine_ls_shell.pdbx_total_number_of_bins_used 
_refine_ls_shell.pdbx_phase_error 
_refine_ls_shell.pdbx_fsc_work 
_refine_ls_shell.pdbx_fsc_free 
'X-RAY DIFFRACTION' 1.6517 1.7792  . . 120 2133 76.00  . . . 0.3281 . 0.2332 . . . . . . . . . . 
'X-RAY DIFFRACTION' 1.7792 1.9582  . . 161 2688 95.00  . . . 0.2159 . 0.1913 . . . . . . . . . . 
'X-RAY DIFFRACTION' 1.9582 2.2415  . . 146 2858 100.00 . . . 0.1943 . 0.1593 . . . . . . . . . . 
'X-RAY DIFFRACTION' 2.2415 2.8237  . . 132 2923 100.00 . . . 0.2095 . 0.1719 . . . . . . . . . . 
'X-RAY DIFFRACTION' 2.8237 29.5030 . . 153 2975 98.00  . . . 0.1969 . 0.1620 . . . . . . . . . . 
# 
_struct.entry_id                     5B3P 
_struct.title                        'Nqo5 of the trypsin-resistant fragment (1-134) in P212121 form' 
_struct.pdbx_model_details           ? 
_struct.pdbx_formula_weight          ? 
_struct.pdbx_formula_weight_method   ? 
_struct.pdbx_model_type_details      ? 
_struct.pdbx_CASP_flag               ? 
# 
_struct_keywords.entry_id        5B3P 
_struct_keywords.text            'NADH-ubiquinone oxidoreductase, complex I, OXIDOREDUCTASE' 
_struct_keywords.pdbx_keywords   OXIDOREDUCTASE 
# 
loop_
_struct_asym.id 
_struct_asym.pdbx_blank_PDB_chainid_flag 
_struct_asym.pdbx_modified 
_struct_asym.entity_id 
_struct_asym.details 
A N N 1 ? 
B N N 2 ? 
C N N 2 ? 
D N N 2 ? 
E N N 3 ? 
# 
_struct_ref.id                         1 
_struct_ref.db_name                    UNP 
_struct_ref.db_code                    NQO5_THET8 
_struct_ref.pdbx_db_accession          Q56219 
_struct_ref.pdbx_db_isoform            ? 
_struct_ref.entity_id                  1 
_struct_ref.pdbx_seq_one_letter_code   
;MRLERVLEEARAKGYPIEDNGLGNLWVVLPRERFKEEMAHYKAMGFNFLADIVGLDYLTYPDPRPERFAVVYELVSLPGW
KDGDGSRFFVRVYVPEEDPRLPTVTDLWGSANFLEREVYDLFGIVFEGHPDLRK
;
_struct_ref.pdbx_align_begin           1 
# 
_struct_ref_seq.align_id                      1 
_struct_ref_seq.ref_id                        1 
_struct_ref_seq.pdbx_PDB_id_code              5B3P 
_struct_ref_seq.pdbx_strand_id                A 
_struct_ref_seq.seq_align_beg                 1 
_struct_ref_seq.pdbx_seq_align_beg_ins_code   ? 
_struct_ref_seq.seq_align_end                 134 
_struct_ref_seq.pdbx_seq_align_end_ins_code   ? 
_struct_ref_seq.pdbx_db_accession             Q56219 
_struct_ref_seq.db_align_beg                  1 
_struct_ref_seq.pdbx_db_align_beg_ins_code    ? 
_struct_ref_seq.db_align_end                  134 
_struct_ref_seq.pdbx_db_align_end_ins_code    ? 
_struct_ref_seq.pdbx_auth_seq_align_beg       1 
_struct_ref_seq.pdbx_auth_seq_align_end       134 
# 
_pdbx_struct_assembly.id                   1 
_pdbx_struct_assembly.details              author_and_software_defined_assembly 
_pdbx_struct_assembly.method_details       PISA 
_pdbx_struct_assembly.oligomeric_details   monomeric 
_pdbx_struct_assembly.oligomeric_count     1 
# 
loop_
_pdbx_struct_assembly_prop.biol_id 
_pdbx_struct_assembly_prop.type 
_pdbx_struct_assembly_prop.value 
_pdbx_struct_assembly_prop.details 
1 'ABSA (A^2)' 170  ? 
1 MORE         -16  ? 
1 'SSA (A^2)'  7780 ? 
# 
_pdbx_struct_assembly_gen.assembly_id       1 
_pdbx_struct_assembly_gen.oper_expression   1 
_pdbx_struct_assembly_gen.asym_id_list      A,B,C,D,E 
# 
_pdbx_struct_oper_list.id                   1 
_pdbx_struct_oper_list.type                 'identity operation' 
_pdbx_struct_oper_list.name                 1_555 
_pdbx_struct_oper_list.symmetry_operation   x,y,z 
_pdbx_struct_oper_list.matrix[1][1]         1.0000000000 
_pdbx_struct_oper_list.matrix[1][2]         0.0000000000 
_pdbx_struct_oper_list.matrix[1][3]         0.0000000000 
_pdbx_struct_oper_list.vector[1]            0.0000000000 
_pdbx_struct_oper_list.matrix[2][1]         0.0000000000 
_pdbx_struct_oper_list.matrix[2][2]         1.0000000000 
_pdbx_struct_oper_list.matrix[2][3]         0.0000000000 
_pdbx_struct_oper_list.vector[2]            0.0000000000 
_pdbx_struct_oper_list.matrix[3][1]         0.0000000000 
_pdbx_struct_oper_list.matrix[3][2]         0.0000000000 
_pdbx_struct_oper_list.matrix[3][3]         1.0000000000 
_pdbx_struct_oper_list.vector[3]            0.0000000000 
# 
loop_
_struct_conf.conf_type_id 
_struct_conf.id 
_struct_conf.pdbx_PDB_helix_id 
_struct_conf.beg_label_comp_id 
_struct_conf.beg_label_asym_id 
_struct_conf.beg_label_seq_id 
_struct_conf.pdbx_beg_PDB_ins_code 
_struct_conf.end_label_comp_id 
_struct_conf.end_label_asym_id 
_struct_conf.end_label_seq_id 
_struct_conf.pdbx_end_PDB_ins_code 
_struct_conf.beg_auth_comp_id 
_struct_conf.beg_auth_asym_id 
_struct_conf.beg_auth_seq_id 
_struct_conf.end_auth_comp_id 
_struct_conf.end_auth_asym_id 
_struct_conf.end_auth_seq_id 
_struct_conf.pdbx_PDB_helix_class 
_struct_conf.details 
_struct_conf.pdbx_PDB_helix_length 
HELX_P HELX_P1 AA1 MET A 1   ? GLY A 14  ? MET A 1   GLY A 14  1 ? 14 
HELX_P HELX_P2 AA2 PRO A 30  ? MET A 44  ? PRO A 30  MET A 44  1 ? 15 
HELX_P HELX_P3 AA3 SER A 110 ? GLY A 123 ? SER A 110 GLY A 123 1 ? 14 
# 
_struct_conf_type.id          HELX_P 
_struct_conf_type.criteria    ? 
_struct_conf_type.reference   ? 
# 
loop_
_struct_conn.id 
_struct_conn.conn_type_id 
_struct_conn.pdbx_leaving_atom_flag 
_struct_conn.pdbx_PDB_id 
_struct_conn.ptnr1_label_asym_id 
_struct_conn.ptnr1_label_comp_id 
_struct_conn.ptnr1_label_seq_id 
_struct_conn.ptnr1_label_atom_id 
_struct_conn.pdbx_ptnr1_label_alt_id 
_struct_conn.pdbx_ptnr1_PDB_ins_code 
_struct_conn.pdbx_ptnr1_standard_comp_id 
_struct_conn.ptnr1_symmetry 
_struct_conn.ptnr2_label_asym_id 
_struct_conn.ptnr2_label_comp_id 
_struct_conn.ptnr2_label_seq_id 
_struct_conn.ptnr2_label_atom_id 
_struct_conn.pdbx_ptnr2_label_alt_id 
_struct_conn.pdbx_ptnr2_PDB_ins_code 
_struct_conn.ptnr1_auth_asym_id 
_struct_conn.ptnr1_auth_comp_id 
_struct_conn.ptnr1_auth_seq_id 
_struct_conn.ptnr2_auth_asym_id 
_struct_conn.ptnr2_auth_comp_id 
_struct_conn.ptnr2_auth_seq_id 
_struct_conn.ptnr2_symmetry 
_struct_conn.pdbx_ptnr3_label_atom_id 
_struct_conn.pdbx_ptnr3_label_seq_id 
_struct_conn.pdbx_ptnr3_label_comp_id 
_struct_conn.pdbx_ptnr3_label_asym_id 
_struct_conn.pdbx_ptnr3_label_alt_id 
_struct_conn.pdbx_ptnr3_PDB_ins_code 
_struct_conn.details 
_struct_conn.pdbx_dist_value 
_struct_conn.pdbx_value_order 
_struct_conn.pdbx_role 
metalc1  metalc ? ? A GLU 4  OE2 ? ? ? 1_555 C CA  . CA ? ? A GLU 4   A CA  202 4_456 ? ? ? ? ? ? ? 2.261 ? ? 
metalc2  metalc ? ? A GLU 4  OE1 ? ? ? 1_555 D CA  . CA ? ? A GLU 4   A CA  203 4_456 ? ? ? ? ? ? ? 2.900 ? ? 
metalc3  metalc ? ? A GLU 4  OE2 ? ? ? 1_555 D CA  . CA ? ? A GLU 4   A CA  203 4_456 ? ? ? ? ? ? ? 2.415 ? ? 
metalc4  metalc ? ? A GLU 8  OE2 ? ? ? 1_555 C CA  . CA ? ? A GLU 8   A CA  202 4_456 ? ? ? ? ? ? ? 2.383 ? ? 
metalc5  metalc ? ? A ASP 51 OD1 ? ? ? 1_555 B CA  . CA ? ? A ASP 51  A CA  201 1_555 ? ? ? ? ? ? ? 2.688 ? ? 
metalc6  metalc ? ? A ASP 51 OD2 ? ? ? 1_555 B CA  . CA ? ? A ASP 51  A CA  201 1_555 ? ? ? ? ? ? ? 2.407 ? ? 
metalc7  metalc ? ? A ASP 51 OD2 ? ? ? 1_555 D CA  . CA ? ? A ASP 51  A CA  203 1_555 ? ? ? ? ? ? ? 2.339 ? ? 
metalc8  metalc ? ? A GLU 73 OE1 ? ? ? 1_555 C CA  . CA ? ? A GLU 73  A CA  202 1_555 ? ? ? ? ? ? ? 3.182 ? ? 
metalc9  metalc ? ? A GLU 73 OE2 ? ? ? 1_555 C CA  . CA ? ? A GLU 73  A CA  202 1_555 ? ? ? ? ? ? ? 2.388 ? ? 
metalc10 metalc ? ? A GLU 73 OE1 ? ? ? 1_555 D CA  . CA ? ? A GLU 73  A CA  203 1_555 ? ? ? ? ? ? ? 2.350 ? ? 
metalc11 metalc ? ? A GLU 96 OE1 ? ? ? 1_555 C CA  . CA ? ? A GLU 96  A CA  202 3_655 ? ? ? ? ? ? ? 2.473 ? ? 
metalc12 metalc ? ? A GLU 96 OE1 ? ? ? 1_555 D CA  . CA ? ? A GLU 96  A CA  203 3_655 ? ? ? ? ? ? ? 2.362 ? ? 
metalc13 metalc ? ? A GLU 97 OE2 ? ? ? 1_555 D CA  . CA ? ? A GLU 97  A CA  203 3_655 ? ? ? ? ? ? ? 2.318 ? ? 
metalc14 metalc ? ? B CA  .  CA  ? ? ? 1_555 E HOH . O  ? ? A CA  201 A HOH 323 3_645 ? ? ? ? ? ? ? 2.413 ? ? 
metalc15 metalc ? ? B CA  .  CA  ? ? ? 1_555 E HOH . O  ? ? A CA  201 A HOH 346 3_645 ? ? ? ? ? ? ? 2.490 ? ? 
metalc16 metalc ? ? B CA  .  CA  ? ? ? 1_555 E HOH . O  ? ? A CA  201 A HOH 356 1_555 ? ? ? ? ? ? ? 2.613 ? ? 
metalc17 metalc ? ? B CA  .  CA  ? ? ? 1_555 E HOH . O  ? ? A CA  201 A HOH 360 1_555 ? ? ? ? ? ? ? 2.343 ? ? 
metalc18 metalc ? ? B CA  .  CA  ? ? ? 1_555 E HOH . O  ? ? A CA  201 A HOH 369 1_555 ? ? ? ? ? ? ? 2.372 ? ? 
metalc19 metalc ? ? C CA  .  CA  ? ? ? 1_555 E HOH . O  ? ? A CA  202 A HOH 301 4_556 ? ? ? ? ? ? ? 2.573 ? ? 
metalc20 metalc ? ? C CA  .  CA  ? ? ? 1_555 E HOH . O  ? ? A CA  202 A HOH 364 3_645 ? ? ? ? ? ? ? 2.442 ? ? 
metalc21 metalc ? ? C CA  .  CA  ? ? ? 1_555 E HOH . O  ? ? A CA  202 A HOH 403 1_555 ? ? ? ? ? ? ? 2.771 ? ? 
metalc22 metalc ? ? D CA  .  CA  ? ? ? 1_555 E HOH . O  ? ? A CA  203 A HOH 383 3_645 ? ? ? ? ? ? ? 2.434 ? ? 
# 
_struct_conn_type.id          metalc 
_struct_conn_type.criteria    ? 
_struct_conn_type.reference   ? 
# 
loop_
_pdbx_struct_conn_angle.id 
_pdbx_struct_conn_angle.ptnr1_label_atom_id 
_pdbx_struct_conn_angle.ptnr1_label_alt_id 
_pdbx_struct_conn_angle.ptnr1_label_asym_id 
_pdbx_struct_conn_angle.ptnr1_label_comp_id 
_pdbx_struct_conn_angle.ptnr1_label_seq_id 
_pdbx_struct_conn_angle.ptnr1_auth_atom_id 
_pdbx_struct_conn_angle.ptnr1_auth_asym_id 
_pdbx_struct_conn_angle.ptnr1_auth_comp_id 
_pdbx_struct_conn_angle.ptnr1_auth_seq_id 
_pdbx_struct_conn_angle.ptnr1_PDB_ins_code 
_pdbx_struct_conn_angle.ptnr1_symmetry 
_pdbx_struct_conn_angle.ptnr2_label_atom_id 
_pdbx_struct_conn_angle.ptnr2_label_alt_id 
_pdbx_struct_conn_angle.ptnr2_label_asym_id 
_pdbx_struct_conn_angle.ptnr2_label_comp_id 
_pdbx_struct_conn_angle.ptnr2_label_seq_id 
_pdbx_struct_conn_angle.ptnr2_auth_atom_id 
_pdbx_struct_conn_angle.ptnr2_auth_asym_id 
_pdbx_struct_conn_angle.ptnr2_auth_comp_id 
_pdbx_struct_conn_angle.ptnr2_auth_seq_id 
_pdbx_struct_conn_angle.ptnr2_PDB_ins_code 
_pdbx_struct_conn_angle.ptnr2_symmetry 
_pdbx_struct_conn_angle.ptnr3_label_atom_id 
_pdbx_struct_conn_angle.ptnr3_label_alt_id 
_pdbx_struct_conn_angle.ptnr3_label_asym_id 
_pdbx_struct_conn_angle.ptnr3_label_comp_id 
_pdbx_struct_conn_angle.ptnr3_label_seq_id 
_pdbx_struct_conn_angle.ptnr3_auth_atom_id 
_pdbx_struct_conn_angle.ptnr3_auth_asym_id 
_pdbx_struct_conn_angle.ptnr3_auth_comp_id 
_pdbx_struct_conn_angle.ptnr3_auth_seq_id 
_pdbx_struct_conn_angle.ptnr3_PDB_ins_code 
_pdbx_struct_conn_angle.ptnr3_symmetry 
_pdbx_struct_conn_angle.value 
_pdbx_struct_conn_angle.value_esd 
1  OE2 ? A GLU 4  ? A GLU 4   ? 1_555 CA ? C CA . ? A CA 202 ? 4_456 OE2 ? A GLU 8  ? A GLU 8   ? 1_555 77.9  ? 
2  OE2 ? A GLU 4  ? A GLU 4   ? 1_555 CA ? C CA . ? A CA 202 ? 4_456 OE1 ? A GLU 73 ? A GLU 73  ? 1_555 55.0  ? 
3  OE2 ? A GLU 8  ? A GLU 8   ? 1_555 CA ? C CA . ? A CA 202 ? 4_456 OE1 ? A GLU 73 ? A GLU 73  ? 1_555 67.7  ? 
4  OE2 ? A GLU 4  ? A GLU 4   ? 1_555 CA ? C CA . ? A CA 202 ? 4_456 OE2 ? A GLU 73 ? A GLU 73  ? 1_555 52.8  ? 
5  OE2 ? A GLU 8  ? A GLU 8   ? 1_555 CA ? C CA . ? A CA 202 ? 4_456 OE2 ? A GLU 73 ? A GLU 73  ? 1_555 70.7  ? 
6  OE1 ? A GLU 73 ? A GLU 73  ? 1_555 CA ? C CA . ? A CA 202 ? 4_456 OE2 ? A GLU 73 ? A GLU 73  ? 1_555 3.7   ? 
7  OE2 ? A GLU 4  ? A GLU 4   ? 1_555 CA ? C CA . ? A CA 202 ? 4_456 OE1 ? A GLU 96 ? A GLU 96  ? 1_555 97.8  ? 
8  OE2 ? A GLU 8  ? A GLU 8   ? 1_555 CA ? C CA . ? A CA 202 ? 4_456 OE1 ? A GLU 96 ? A GLU 96  ? 1_555 57.7  ? 
9  OE1 ? A GLU 73 ? A GLU 73  ? 1_555 CA ? C CA . ? A CA 202 ? 4_456 OE1 ? A GLU 96 ? A GLU 96  ? 1_555 45.6  ? 
10 OE2 ? A GLU 73 ? A GLU 73  ? 1_555 CA ? C CA . ? A CA 202 ? 4_456 OE1 ? A GLU 96 ? A GLU 96  ? 1_555 48.8  ? 
11 OE2 ? A GLU 4  ? A GLU 4   ? 1_555 CA ? C CA . ? A CA 202 ? 4_456 O   ? E HOH .  ? A HOH 301 ? 4_556 53.3  ? 
12 OE2 ? A GLU 8  ? A GLU 8   ? 1_555 CA ? C CA . ? A CA 202 ? 4_456 O   ? E HOH .  ? A HOH 301 ? 4_556 77.8  ? 
13 OE1 ? A GLU 73 ? A GLU 73  ? 1_555 CA ? C CA . ? A CA 202 ? 4_456 O   ? E HOH .  ? A HOH 301 ? 4_556 10.4  ? 
14 OE2 ? A GLU 73 ? A GLU 73  ? 1_555 CA ? C CA . ? A CA 202 ? 4_456 O   ? E HOH .  ? A HOH 301 ? 4_556 7.1   ? 
15 OE1 ? A GLU 96 ? A GLU 96  ? 1_555 CA ? C CA . ? A CA 202 ? 4_456 O   ? E HOH .  ? A HOH 301 ? 4_556 52.2  ? 
16 OE2 ? A GLU 4  ? A GLU 4   ? 1_555 CA ? C CA . ? A CA 202 ? 4_456 O   ? E HOH .  ? A HOH 364 ? 3_645 51.5  ? 
17 OE2 ? A GLU 8  ? A GLU 8   ? 1_555 CA ? C CA . ? A CA 202 ? 4_456 O   ? E HOH .  ? A HOH 364 ? 3_645 78.8  ? 
18 OE1 ? A GLU 73 ? A GLU 73  ? 1_555 CA ? C CA . ? A CA 202 ? 4_456 O   ? E HOH .  ? A HOH 364 ? 3_645 11.8  ? 
19 OE2 ? A GLU 73 ? A GLU 73  ? 1_555 CA ? C CA . ? A CA 202 ? 4_456 O   ? E HOH .  ? A HOH 364 ? 3_645 8.3   ? 
20 OE1 ? A GLU 96 ? A GLU 96  ? 1_555 CA ? C CA . ? A CA 202 ? 4_456 O   ? E HOH .  ? A HOH 364 ? 3_645 54.5  ? 
21 O   ? E HOH .  ? A HOH 301 ? 4_556 CA ? C CA . ? A CA 202 ? 4_456 O   ? E HOH .  ? A HOH 364 ? 3_645 2.2   ? 
22 OE2 ? A GLU 4  ? A GLU 4   ? 1_555 CA ? C CA . ? A CA 202 ? 4_456 O   ? E HOH .  ? A HOH 403 ? 1_555 45.3  ? 
23 OE2 ? A GLU 8  ? A GLU 8   ? 1_555 CA ? C CA . ? A CA 202 ? 4_456 O   ? E HOH .  ? A HOH 403 ? 1_555 72.4  ? 
24 OE1 ? A GLU 73 ? A GLU 73  ? 1_555 CA ? C CA . ? A CA 202 ? 4_456 O   ? E HOH .  ? A HOH 403 ? 1_555 10.7  ? 
25 OE2 ? A GLU 73 ? A GLU 73  ? 1_555 CA ? C CA . ? A CA 202 ? 4_456 O   ? E HOH .  ? A HOH 403 ? 1_555 7.7   ? 
26 OE1 ? A GLU 96 ? A GLU 96  ? 1_555 CA ? C CA . ? A CA 202 ? 4_456 O   ? E HOH .  ? A HOH 403 ? 1_555 56.3  ? 
27 O   ? E HOH .  ? A HOH 301 ? 4_556 CA ? C CA . ? A CA 202 ? 4_456 O   ? E HOH .  ? A HOH 403 ? 1_555 9.4   ? 
28 O   ? E HOH .  ? A HOH 364 ? 3_645 CA ? C CA . ? A CA 202 ? 4_456 O   ? E HOH .  ? A HOH 403 ? 1_555 8.6   ? 
29 OE1 ? A GLU 4  ? A GLU 4   ? 1_555 CA ? D CA . ? A CA 203 ? 4_456 OE2 ? A GLU 4  ? A GLU 4   ? 1_555 47.2  ? 
30 OE1 ? A GLU 4  ? A GLU 4   ? 1_555 CA ? D CA . ? A CA 203 ? 4_456 OD2 ? A ASP 51 ? A ASP 51  ? 1_555 19.9  ? 
31 OE2 ? A GLU 4  ? A GLU 4   ? 1_555 CA ? D CA . ? A CA 203 ? 4_456 OD2 ? A ASP 51 ? A ASP 51  ? 1_555 44.2  ? 
32 OE1 ? A GLU 4  ? A GLU 4   ? 1_555 CA ? D CA . ? A CA 203 ? 4_456 OE1 ? A GLU 73 ? A GLU 73  ? 1_555 19.6  ? 
33 OE2 ? A GLU 4  ? A GLU 4   ? 1_555 CA ? D CA . ? A CA 203 ? 4_456 OE1 ? A GLU 73 ? A GLU 73  ? 1_555 46.4  ? 
34 OD2 ? A ASP 51 ? A ASP 51  ? 1_555 CA ? D CA . ? A CA 203 ? 4_456 OE1 ? A GLU 73 ? A GLU 73  ? 1_555 2.3   ? 
35 OE1 ? A GLU 4  ? A GLU 4   ? 1_555 CA ? D CA . ? A CA 203 ? 4_456 OE1 ? A GLU 96 ? A GLU 96  ? 1_555 46.5  ? 
36 OE2 ? A GLU 4  ? A GLU 4   ? 1_555 CA ? D CA . ? A CA 203 ? 4_456 OE1 ? A GLU 96 ? A GLU 96  ? 1_555 11.2  ? 
37 OD2 ? A ASP 51 ? A ASP 51  ? 1_555 CA ? D CA . ? A CA 203 ? 4_456 OE1 ? A GLU 96 ? A GLU 96  ? 1_555 38.4  ? 
38 OE1 ? A GLU 73 ? A GLU 73  ? 1_555 CA ? D CA . ? A CA 203 ? 4_456 OE1 ? A GLU 96 ? A GLU 96  ? 1_555 40.7  ? 
39 OE1 ? A GLU 4  ? A GLU 4   ? 1_555 CA ? D CA . ? A CA 203 ? 4_456 OE2 ? A GLU 97 ? A GLU 97  ? 1_555 47.1  ? 
40 OE2 ? A GLU 4  ? A GLU 4   ? 1_555 CA ? D CA . ? A CA 203 ? 4_456 OE2 ? A GLU 97 ? A GLU 97  ? 1_555 6.6   ? 
41 OD2 ? A ASP 51 ? A ASP 51  ? 1_555 CA ? D CA . ? A CA 203 ? 4_456 OE2 ? A GLU 97 ? A GLU 97  ? 1_555 41.1  ? 
42 OE1 ? A GLU 73 ? A GLU 73  ? 1_555 CA ? D CA . ? A CA 203 ? 4_456 OE2 ? A GLU 97 ? A GLU 97  ? 1_555 43.3  ? 
43 OE1 ? A GLU 96 ? A GLU 96  ? 1_555 CA ? D CA . ? A CA 203 ? 4_456 OE2 ? A GLU 97 ? A GLU 97  ? 1_555 4.7   ? 
44 OE1 ? A GLU 4  ? A GLU 4   ? 1_555 CA ? D CA . ? A CA 203 ? 4_456 O   ? E HOH .  ? A HOH 383 ? 3_645 24.8  ? 
45 OE2 ? A GLU 4  ? A GLU 4   ? 1_555 CA ? D CA . ? A CA 203 ? 4_456 O   ? E HOH .  ? A HOH 383 ? 3_645 49.1  ? 
46 OD2 ? A ASP 51 ? A ASP 51  ? 1_555 CA ? D CA . ? A CA 203 ? 4_456 O   ? E HOH .  ? A HOH 383 ? 3_645 6.4   ? 
47 OE1 ? A GLU 73 ? A GLU 73  ? 1_555 CA ? D CA . ? A CA 203 ? 4_456 O   ? E HOH .  ? A HOH 383 ? 3_645 5.5   ? 
48 OE1 ? A GLU 96 ? A GLU 96  ? 1_555 CA ? D CA . ? A CA 203 ? 4_456 O   ? E HOH .  ? A HOH 383 ? 3_645 42.2  ? 
49 OE2 ? A GLU 97 ? A GLU 97  ? 1_555 CA ? D CA . ? A CA 203 ? 4_456 O   ? E HOH .  ? A HOH 383 ? 3_645 45.3  ? 
50 OD1 ? A ASP 51 ? A ASP 51  ? 1_555 CA ? B CA . ? A CA 201 ? 1_555 OD2 ? A ASP 51 ? A ASP 51  ? 1_555 50.9  ? 
51 OD1 ? A ASP 51 ? A ASP 51  ? 1_555 CA ? B CA . ? A CA 201 ? 1_555 O   ? E HOH .  ? A HOH 323 ? 3_645 119.1 ? 
52 OD2 ? A ASP 51 ? A ASP 51  ? 1_555 CA ? B CA . ? A CA 201 ? 1_555 O   ? E HOH .  ? A HOH 323 ? 3_645 86.6  ? 
53 OD1 ? A ASP 51 ? A ASP 51  ? 1_555 CA ? B CA . ? A CA 201 ? 1_555 O   ? E HOH .  ? A HOH 346 ? 3_645 150.7 ? 
54 OD2 ? A ASP 51 ? A ASP 51  ? 1_555 CA ? B CA . ? A CA 201 ? 1_555 O   ? E HOH .  ? A HOH 346 ? 3_645 157.3 ? 
55 O   ? E HOH .  ? A HOH 323 ? 3_645 CA ? B CA . ? A CA 201 ? 1_555 O   ? E HOH .  ? A HOH 346 ? 3_645 74.5  ? 
56 OD1 ? A ASP 51 ? A ASP 51  ? 1_555 CA ? B CA . ? A CA 201 ? 1_555 O   ? E HOH .  ? A HOH 356 ? 1_555 65.0  ? 
57 OD2 ? A ASP 51 ? A ASP 51  ? 1_555 CA ? B CA . ? A CA 201 ? 1_555 O   ? E HOH .  ? A HOH 356 ? 1_555 98.0  ? 
58 O   ? E HOH .  ? A HOH 323 ? 3_645 CA ? B CA . ? A CA 201 ? 1_555 O   ? E HOH .  ? A HOH 356 ? 1_555 175.4 ? 
59 O   ? E HOH .  ? A HOH 346 ? 3_645 CA ? B CA . ? A CA 201 ? 1_555 O   ? E HOH .  ? A HOH 356 ? 1_555 100.9 ? 
60 OD1 ? A ASP 51 ? A ASP 51  ? 1_555 CA ? B CA . ? A CA 201 ? 1_555 O   ? E HOH .  ? A HOH 360 ? 1_555 111.8 ? 
61 OD2 ? A ASP 51 ? A ASP 51  ? 1_555 CA ? B CA . ? A CA 201 ? 1_555 O   ? E HOH .  ? A HOH 360 ? 1_555 74.3  ? 
62 O   ? E HOH .  ? A HOH 323 ? 3_645 CA ? B CA . ? A CA 201 ? 1_555 O   ? E HOH .  ? A HOH 360 ? 1_555 90.0  ? 
63 O   ? E HOH .  ? A HOH 346 ? 3_645 CA ? B CA . ? A CA 201 ? 1_555 O   ? E HOH .  ? A HOH 360 ? 1_555 93.0  ? 
64 O   ? E HOH .  ? A HOH 356 ? 1_555 CA ? B CA . ? A CA 201 ? 1_555 O   ? E HOH .  ? A HOH 360 ? 1_555 90.3  ? 
65 OD1 ? A ASP 51 ? A ASP 51  ? 1_555 CA ? B CA . ? A CA 201 ? 1_555 O   ? E HOH .  ? A HOH 369 ? 1_555 70.1  ? 
66 OD2 ? A ASP 51 ? A ASP 51  ? 1_555 CA ? B CA . ? A CA 201 ? 1_555 O   ? E HOH .  ? A HOH 369 ? 1_555 115.5 ? 
67 O   ? E HOH .  ? A HOH 323 ? 3_645 CA ? B CA . ? A CA 201 ? 1_555 O   ? E HOH .  ? A HOH 369 ? 1_555 103.6 ? 
68 O   ? E HOH .  ? A HOH 346 ? 3_645 CA ? B CA . ? A CA 201 ? 1_555 O   ? E HOH .  ? A HOH 369 ? 1_555 81.7  ? 
69 O   ? E HOH .  ? A HOH 356 ? 1_555 CA ? B CA . ? A CA 201 ? 1_555 O   ? E HOH .  ? A HOH 369 ? 1_555 75.3  ? 
70 O   ? E HOH .  ? A HOH 360 ? 1_555 CA ? B CA . ? A CA 201 ? 1_555 O   ? E HOH .  ? A HOH 369 ? 1_555 163.3 ? 
# 
_struct_mon_prot_cis.pdbx_id                1 
_struct_mon_prot_cis.label_comp_id          TRP 
_struct_mon_prot_cis.label_seq_id           80 
_struct_mon_prot_cis.label_asym_id          A 
_struct_mon_prot_cis.label_alt_id           . 
_struct_mon_prot_cis.pdbx_PDB_ins_code      ? 
_struct_mon_prot_cis.auth_comp_id           TRP 
_struct_mon_prot_cis.auth_seq_id            80 
_struct_mon_prot_cis.auth_asym_id           A 
_struct_mon_prot_cis.pdbx_label_comp_id_2   LYS 
_struct_mon_prot_cis.pdbx_label_seq_id_2    81 
_struct_mon_prot_cis.pdbx_label_asym_id_2   A 
_struct_mon_prot_cis.pdbx_PDB_ins_code_2    ? 
_struct_mon_prot_cis.pdbx_auth_comp_id_2    LYS 
_struct_mon_prot_cis.pdbx_auth_seq_id_2     81 
_struct_mon_prot_cis.pdbx_auth_asym_id_2    A 
_struct_mon_prot_cis.pdbx_PDB_model_num     1 
_struct_mon_prot_cis.pdbx_omega_angle       -22.27 
# 
loop_
_struct_sheet.id 
_struct_sheet.type 
_struct_sheet.number_strands 
_struct_sheet.details 
AA1 ? 5 ? 
AA2 ? 2 ? 
# 
loop_
_struct_sheet_order.sheet_id 
_struct_sheet_order.range_id_1 
_struct_sheet_order.range_id_2 
_struct_sheet_order.offset 
_struct_sheet_order.sense 
AA1 1 2 ? anti-parallel 
AA1 2 3 ? parallel      
AA1 3 4 ? anti-parallel 
AA1 4 5 ? anti-parallel 
AA2 1 2 ? parallel      
# 
loop_
_struct_sheet_range.sheet_id 
_struct_sheet_range.id 
_struct_sheet_range.beg_label_comp_id 
_struct_sheet_range.beg_label_asym_id 
_struct_sheet_range.beg_label_seq_id 
_struct_sheet_range.pdbx_beg_PDB_ins_code 
_struct_sheet_range.end_label_comp_id 
_struct_sheet_range.end_label_asym_id 
_struct_sheet_range.end_label_seq_id 
_struct_sheet_range.pdbx_end_PDB_ins_code 
_struct_sheet_range.beg_auth_comp_id 
_struct_sheet_range.beg_auth_asym_id 
_struct_sheet_range.beg_auth_seq_id 
_struct_sheet_range.end_auth_comp_id 
_struct_sheet_range.end_auth_asym_id 
_struct_sheet_range.end_auth_seq_id 
AA1 1 ILE A 17  ? ASP A 19  ? ILE A 17  ASP A 19  
AA1 2 LEU A 25  ? VAL A 28  ? LEU A 25  VAL A 28  
AA1 3 ARG A 87  ? VAL A 94  ? ARG A 87  VAL A 94  
AA1 4 PHE A 68  ? VAL A 75  ? PHE A 68  VAL A 75  
AA1 5 PHE A 48  ? ASP A 56  ? PHE A 48  ASP A 56  
AA2 1 ARG A 100 ? PRO A 102 ? ARG A 100 PRO A 102 
AA2 2 VAL A 125 ? GLU A 127 ? VAL A 125 GLU A 127 
# 
loop_
_pdbx_struct_sheet_hbond.sheet_id 
_pdbx_struct_sheet_hbond.range_id_1 
_pdbx_struct_sheet_hbond.range_id_2 
_pdbx_struct_sheet_hbond.range_1_label_atom_id 
_pdbx_struct_sheet_hbond.range_1_label_comp_id 
_pdbx_struct_sheet_hbond.range_1_label_asym_id 
_pdbx_struct_sheet_hbond.range_1_label_seq_id 
_pdbx_struct_sheet_hbond.range_1_PDB_ins_code 
_pdbx_struct_sheet_hbond.range_1_auth_atom_id 
_pdbx_struct_sheet_hbond.range_1_auth_comp_id 
_pdbx_struct_sheet_hbond.range_1_auth_asym_id 
_pdbx_struct_sheet_hbond.range_1_auth_seq_id 
_pdbx_struct_sheet_hbond.range_2_label_atom_id 
_pdbx_struct_sheet_hbond.range_2_label_comp_id 
_pdbx_struct_sheet_hbond.range_2_label_asym_id 
_pdbx_struct_sheet_hbond.range_2_label_seq_id 
_pdbx_struct_sheet_hbond.range_2_PDB_ins_code 
_pdbx_struct_sheet_hbond.range_2_auth_atom_id 
_pdbx_struct_sheet_hbond.range_2_auth_comp_id 
_pdbx_struct_sheet_hbond.range_2_auth_asym_id 
_pdbx_struct_sheet_hbond.range_2_auth_seq_id 
AA1 1 2 N GLU A 18  ? N GLU A 18  O TRP A 26  ? O TRP A 26  
AA1 2 3 N LEU A 25  ? N LEU A 25  O PHE A 89  ? O PHE A 89  
AA1 3 4 O VAL A 94  ? O VAL A 94  N PHE A 68  ? N PHE A 68  
AA1 4 5 O VAL A 71  ? O VAL A 71  N VAL A 53  ? N VAL A 53  
AA2 1 2 N LEU A 101 ? N LEU A 101 O VAL A 125 ? O VAL A 125 
# 
loop_
_struct_site.id 
_struct_site.pdbx_evidence_code 
_struct_site.pdbx_auth_asym_id 
_struct_site.pdbx_auth_comp_id 
_struct_site.pdbx_auth_seq_id 
_struct_site.pdbx_auth_ins_code 
_struct_site.pdbx_num_residues 
_struct_site.details 
AC1 Software A CA 201 ? 6 'binding site for residue CA A 201' 
AC2 Software A CA 202 ? 8 'binding site for residue CA A 202' 
AC3 Software A CA 203 ? 7 'binding site for residue CA A 203' 
# 
loop_
_struct_site_gen.id 
_struct_site_gen.site_id 
_struct_site_gen.pdbx_num_res 
_struct_site_gen.label_comp_id 
_struct_site_gen.label_asym_id 
_struct_site_gen.label_seq_id 
_struct_site_gen.pdbx_auth_ins_code 
_struct_site_gen.auth_comp_id 
_struct_site_gen.auth_asym_id 
_struct_site_gen.auth_seq_id 
_struct_site_gen.label_atom_id 
_struct_site_gen.label_alt_id 
_struct_site_gen.symmetry 
_struct_site_gen.details 
1  AC1 6 ASP A 51 ? ASP A 51  . ? 1_555 ? 
2  AC1 6 HOH E .  ? HOH A 323 . ? 3_645 ? 
3  AC1 6 HOH E .  ? HOH A 346 . ? 3_645 ? 
4  AC1 6 HOH E .  ? HOH A 356 . ? 1_555 ? 
5  AC1 6 HOH E .  ? HOH A 360 . ? 1_555 ? 
6  AC1 6 HOH E .  ? HOH A 369 . ? 1_555 ? 
7  AC2 8 GLU A 4  ? GLU A 4   . ? 4_556 ? 
8  AC2 8 GLU A 8  ? GLU A 8   . ? 4_556 ? 
9  AC2 8 GLU A 73 ? GLU A 73  . ? 1_555 ? 
10 AC2 8 GLU A 96 ? GLU A 96  . ? 3_645 ? 
11 AC2 8 CA  D .  ? CA  A 203 . ? 1_555 ? 
12 AC2 8 HOH E .  ? HOH A 301 . ? 4_556 ? 
13 AC2 8 HOH E .  ? HOH A 364 . ? 3_645 ? 
14 AC2 8 HOH E .  ? HOH A 403 . ? 1_555 ? 
15 AC3 7 GLU A 4  ? GLU A 4   . ? 4_556 ? 
16 AC3 7 ASP A 51 ? ASP A 51  . ? 1_555 ? 
17 AC3 7 GLU A 73 ? GLU A 73  . ? 1_555 ? 
18 AC3 7 GLU A 96 ? GLU A 96  . ? 3_645 ? 
19 AC3 7 GLU A 97 ? GLU A 97  . ? 3_645 ? 
20 AC3 7 CA  C .  ? CA  A 202 . ? 1_555 ? 
21 AC3 7 HOH E .  ? HOH A 383 . ? 3_645 ? 
# 
loop_
_pdbx_validate_close_contact.id 
_pdbx_validate_close_contact.PDB_model_num 
_pdbx_validate_close_contact.auth_atom_id_1 
_pdbx_validate_close_contact.auth_asym_id_1 
_pdbx_validate_close_contact.auth_comp_id_1 
_pdbx_validate_close_contact.auth_seq_id_1 
_pdbx_validate_close_contact.PDB_ins_code_1 
_pdbx_validate_close_contact.label_alt_id_1 
_pdbx_validate_close_contact.auth_atom_id_2 
_pdbx_validate_close_contact.auth_asym_id_2 
_pdbx_validate_close_contact.auth_comp_id_2 
_pdbx_validate_close_contact.auth_seq_id_2 
_pdbx_validate_close_contact.PDB_ins_code_2 
_pdbx_validate_close_contact.label_alt_id_2 
_pdbx_validate_close_contact.dist 
1 1 OE2 A GLU 8  ? ? O A HOH 301 ? ? 2.03 
2 1 OE1 A GLU 37 ? ? O A HOH 302 ? ? 2.11 
3 1 OD1 A ASP 19 ? ? N A GLY 21  ? ? 2.17 
# 
_pdbx_validate_symm_contact.id                1 
_pdbx_validate_symm_contact.PDB_model_num     1 
_pdbx_validate_symm_contact.auth_atom_id_1    O 
_pdbx_validate_symm_contact.auth_asym_id_1    A 
_pdbx_validate_symm_contact.auth_comp_id_1    HOH 
_pdbx_validate_symm_contact.auth_seq_id_1     301 
_pdbx_validate_symm_contact.PDB_ins_code_1    ? 
_pdbx_validate_symm_contact.label_alt_id_1    ? 
_pdbx_validate_symm_contact.site_symmetry_1   1_555 
_pdbx_validate_symm_contact.auth_atom_id_2    O 
_pdbx_validate_symm_contact.auth_asym_id_2    A 
_pdbx_validate_symm_contact.auth_comp_id_2    HOH 
_pdbx_validate_symm_contact.auth_seq_id_2     382 
_pdbx_validate_symm_contact.PDB_ins_code_2    ? 
_pdbx_validate_symm_contact.label_alt_id_2    ? 
_pdbx_validate_symm_contact.site_symmetry_2   2_565 
_pdbx_validate_symm_contact.dist              2.01 
# 
loop_
_pdbx_validate_torsion.id 
_pdbx_validate_torsion.PDB_model_num 
_pdbx_validate_torsion.auth_comp_id 
_pdbx_validate_torsion.auth_asym_id 
_pdbx_validate_torsion.auth_seq_id 
_pdbx_validate_torsion.PDB_ins_code 
_pdbx_validate_torsion.label_alt_id 
_pdbx_validate_torsion.phi 
_pdbx_validate_torsion.psi 
1 1 THR A 59 ? ? 80.52   -6.77 
2 1 PRO A 78 ? ? -62.83  87.94 
3 1 TRP A 80 ? ? 36.87   65.25 
4 1 ASP A 98 ? ? -157.50 70.93 
# 
loop_
_chem_comp_atom.comp_id 
_chem_comp_atom.atom_id 
_chem_comp_atom.type_symbol 
_chem_comp_atom.pdbx_aromatic_flag 
_chem_comp_atom.pdbx_stereo_config 
_chem_comp_atom.pdbx_ordinal 
ALA N    N  N N 1   
ALA CA   C  N S 2   
ALA C    C  N N 3   
ALA O    O  N N 4   
ALA CB   C  N N 5   
ALA OXT  O  N N 6   
ALA H    H  N N 7   
ALA H2   H  N N 8   
ALA HA   H  N N 9   
ALA HB1  H  N N 10  
ALA HB2  H  N N 11  
ALA HB3  H  N N 12  
ALA HXT  H  N N 13  
ARG N    N  N N 14  
ARG CA   C  N S 15  
ARG C    C  N N 16  
ARG O    O  N N 17  
ARG CB   C  N N 18  
ARG CG   C  N N 19  
ARG CD   C  N N 20  
ARG NE   N  N N 21  
ARG CZ   C  N N 22  
ARG NH1  N  N N 23  
ARG NH2  N  N N 24  
ARG OXT  O  N N 25  
ARG H    H  N N 26  
ARG H2   H  N N 27  
ARG HA   H  N N 28  
ARG HB2  H  N N 29  
ARG HB3  H  N N 30  
ARG HG2  H  N N 31  
ARG HG3  H  N N 32  
ARG HD2  H  N N 33  
ARG HD3  H  N N 34  
ARG HE   H  N N 35  
ARG HH11 H  N N 36  
ARG HH12 H  N N 37  
ARG HH21 H  N N 38  
ARG HH22 H  N N 39  
ARG HXT  H  N N 40  
ASN N    N  N N 41  
ASN CA   C  N S 42  
ASN C    C  N N 43  
ASN O    O  N N 44  
ASN CB   C  N N 45  
ASN CG   C  N N 46  
ASN OD1  O  N N 47  
ASN ND2  N  N N 48  
ASN OXT  O  N N 49  
ASN H    H  N N 50  
ASN H2   H  N N 51  
ASN HA   H  N N 52  
ASN HB2  H  N N 53  
ASN HB3  H  N N 54  
ASN HD21 H  N N 55  
ASN HD22 H  N N 56  
ASN HXT  H  N N 57  
ASP N    N  N N 58  
ASP CA   C  N S 59  
ASP C    C  N N 60  
ASP O    O  N N 61  
ASP CB   C  N N 62  
ASP CG   C  N N 63  
ASP OD1  O  N N 64  
ASP OD2  O  N N 65  
ASP OXT  O  N N 66  
ASP H    H  N N 67  
ASP H2   H  N N 68  
ASP HA   H  N N 69  
ASP HB2  H  N N 70  
ASP HB3  H  N N 71  
ASP HD2  H  N N 72  
ASP HXT  H  N N 73  
CA  CA   CA N N 74  
GLU N    N  N N 75  
GLU CA   C  N S 76  
GLU C    C  N N 77  
GLU O    O  N N 78  
GLU CB   C  N N 79  
GLU CG   C  N N 80  
GLU CD   C  N N 81  
GLU OE1  O  N N 82  
GLU OE2  O  N N 83  
GLU OXT  O  N N 84  
GLU H    H  N N 85  
GLU H2   H  N N 86  
GLU HA   H  N N 87  
GLU HB2  H  N N 88  
GLU HB3  H  N N 89  
GLU HG2  H  N N 90  
GLU HG3  H  N N 91  
GLU HE2  H  N N 92  
GLU HXT  H  N N 93  
GLY N    N  N N 94  
GLY CA   C  N N 95  
GLY C    C  N N 96  
GLY O    O  N N 97  
GLY OXT  O  N N 98  
GLY H    H  N N 99  
GLY H2   H  N N 100 
GLY HA2  H  N N 101 
GLY HA3  H  N N 102 
GLY HXT  H  N N 103 
HIS N    N  N N 104 
HIS CA   C  N S 105 
HIS C    C  N N 106 
HIS O    O  N N 107 
HIS CB   C  N N 108 
HIS CG   C  Y N 109 
HIS ND1  N  Y N 110 
HIS CD2  C  Y N 111 
HIS CE1  C  Y N 112 
HIS NE2  N  Y N 113 
HIS OXT  O  N N 114 
HIS H    H  N N 115 
HIS H2   H  N N 116 
HIS HA   H  N N 117 
HIS HB2  H  N N 118 
HIS HB3  H  N N 119 
HIS HD1  H  N N 120 
HIS HD2  H  N N 121 
HIS HE1  H  N N 122 
HIS HE2  H  N N 123 
HIS HXT  H  N N 124 
HOH O    O  N N 125 
HOH H1   H  N N 126 
HOH H2   H  N N 127 
ILE N    N  N N 128 
ILE CA   C  N S 129 
ILE C    C  N N 130 
ILE O    O  N N 131 
ILE CB   C  N S 132 
ILE CG1  C  N N 133 
ILE CG2  C  N N 134 
ILE CD1  C  N N 135 
ILE OXT  O  N N 136 
ILE H    H  N N 137 
ILE H2   H  N N 138 
ILE HA   H  N N 139 
ILE HB   H  N N 140 
ILE HG12 H  N N 141 
ILE HG13 H  N N 142 
ILE HG21 H  N N 143 
ILE HG22 H  N N 144 
ILE HG23 H  N N 145 
ILE HD11 H  N N 146 
ILE HD12 H  N N 147 
ILE HD13 H  N N 148 
ILE HXT  H  N N 149 
LEU N    N  N N 150 
LEU CA   C  N S 151 
LEU C    C  N N 152 
LEU O    O  N N 153 
LEU CB   C  N N 154 
LEU CG   C  N N 155 
LEU CD1  C  N N 156 
LEU CD2  C  N N 157 
LEU OXT  O  N N 158 
LEU H    H  N N 159 
LEU H2   H  N N 160 
LEU HA   H  N N 161 
LEU HB2  H  N N 162 
LEU HB3  H  N N 163 
LEU HG   H  N N 164 
LEU HD11 H  N N 165 
LEU HD12 H  N N 166 
LEU HD13 H  N N 167 
LEU HD21 H  N N 168 
LEU HD22 H  N N 169 
LEU HD23 H  N N 170 
LEU HXT  H  N N 171 
LYS N    N  N N 172 
LYS CA   C  N S 173 
LYS C    C  N N 174 
LYS O    O  N N 175 
LYS CB   C  N N 176 
LYS CG   C  N N 177 
LYS CD   C  N N 178 
LYS CE   C  N N 179 
LYS NZ   N  N N 180 
LYS OXT  O  N N 181 
LYS H    H  N N 182 
LYS H2   H  N N 183 
LYS HA   H  N N 184 
LYS HB2  H  N N 185 
LYS HB3  H  N N 186 
LYS HG2  H  N N 187 
LYS HG3  H  N N 188 
LYS HD2  H  N N 189 
LYS HD3  H  N N 190 
LYS HE2  H  N N 191 
LYS HE3  H  N N 192 
LYS HZ1  H  N N 193 
LYS HZ2  H  N N 194 
LYS HZ3  H  N N 195 
LYS HXT  H  N N 196 
MET N    N  N N 197 
MET CA   C  N S 198 
MET C    C  N N 199 
MET O    O  N N 200 
MET CB   C  N N 201 
MET CG   C  N N 202 
MET SD   S  N N 203 
MET CE   C  N N 204 
MET OXT  O  N N 205 
MET H    H  N N 206 
MET H2   H  N N 207 
MET HA   H  N N 208 
MET HB2  H  N N 209 
MET HB3  H  N N 210 
MET HG2  H  N N 211 
MET HG3  H  N N 212 
MET HE1  H  N N 213 
MET HE2  H  N N 214 
MET HE3  H  N N 215 
MET HXT  H  N N 216 
PHE N    N  N N 217 
PHE CA   C  N S 218 
PHE C    C  N N 219 
PHE O    O  N N 220 
PHE CB   C  N N 221 
PHE CG   C  Y N 222 
PHE CD1  C  Y N 223 
PHE CD2  C  Y N 224 
PHE CE1  C  Y N 225 
PHE CE2  C  Y N 226 
PHE CZ   C  Y N 227 
PHE OXT  O  N N 228 
PHE H    H  N N 229 
PHE H2   H  N N 230 
PHE HA   H  N N 231 
PHE HB2  H  N N 232 
PHE HB3  H  N N 233 
PHE HD1  H  N N 234 
PHE HD2  H  N N 235 
PHE HE1  H  N N 236 
PHE HE2  H  N N 237 
PHE HZ   H  N N 238 
PHE HXT  H  N N 239 
PRO N    N  N N 240 
PRO CA   C  N S 241 
PRO C    C  N N 242 
PRO O    O  N N 243 
PRO CB   C  N N 244 
PRO CG   C  N N 245 
PRO CD   C  N N 246 
PRO OXT  O  N N 247 
PRO H    H  N N 248 
PRO HA   H  N N 249 
PRO HB2  H  N N 250 
PRO HB3  H  N N 251 
PRO HG2  H  N N 252 
PRO HG3  H  N N 253 
PRO HD2  H  N N 254 
PRO HD3  H  N N 255 
PRO HXT  H  N N 256 
SER N    N  N N 257 
SER CA   C  N S 258 
SER C    C  N N 259 
SER O    O  N N 260 
SER CB   C  N N 261 
SER OG   O  N N 262 
SER OXT  O  N N 263 
SER H    H  N N 264 
SER H2   H  N N 265 
SER HA   H  N N 266 
SER HB2  H  N N 267 
SER HB3  H  N N 268 
SER HG   H  N N 269 
SER HXT  H  N N 270 
THR N    N  N N 271 
THR CA   C  N S 272 
THR C    C  N N 273 
THR O    O  N N 274 
THR CB   C  N R 275 
THR OG1  O  N N 276 
THR CG2  C  N N 277 
THR OXT  O  N N 278 
THR H    H  N N 279 
THR H2   H  N N 280 
THR HA   H  N N 281 
THR HB   H  N N 282 
THR HG1  H  N N 283 
THR HG21 H  N N 284 
THR HG22 H  N N 285 
THR HG23 H  N N 286 
THR HXT  H  N N 287 
TRP N    N  N N 288 
TRP CA   C  N S 289 
TRP C    C  N N 290 
TRP O    O  N N 291 
TRP CB   C  N N 292 
TRP CG   C  Y N 293 
TRP CD1  C  Y N 294 
TRP CD2  C  Y N 295 
TRP NE1  N  Y N 296 
TRP CE2  C  Y N 297 
TRP CE3  C  Y N 298 
TRP CZ2  C  Y N 299 
TRP CZ3  C  Y N 300 
TRP CH2  C  Y N 301 
TRP OXT  O  N N 302 
TRP H    H  N N 303 
TRP H2   H  N N 304 
TRP HA   H  N N 305 
TRP HB2  H  N N 306 
TRP HB3  H  N N 307 
TRP HD1  H  N N 308 
TRP HE1  H  N N 309 
TRP HE3  H  N N 310 
TRP HZ2  H  N N 311 
TRP HZ3  H  N N 312 
TRP HH2  H  N N 313 
TRP HXT  H  N N 314 
TYR N    N  N N 315 
TYR CA   C  N S 316 
TYR C    C  N N 317 
TYR O    O  N N 318 
TYR CB   C  N N 319 
TYR CG   C  Y N 320 
TYR CD1  C  Y N 321 
TYR CD2  C  Y N 322 
TYR CE1  C  Y N 323 
TYR CE2  C  Y N 324 
TYR CZ   C  Y N 325 
TYR OH   O  N N 326 
TYR OXT  O  N N 327 
TYR H    H  N N 328 
TYR H2   H  N N 329 
TYR HA   H  N N 330 
TYR HB2  H  N N 331 
TYR HB3  H  N N 332 
TYR HD1  H  N N 333 
TYR HD2  H  N N 334 
TYR HE1  H  N N 335 
TYR HE2  H  N N 336 
TYR HH   H  N N 337 
TYR HXT  H  N N 338 
VAL N    N  N N 339 
VAL CA   C  N S 340 
VAL C    C  N N 341 
VAL O    O  N N 342 
VAL CB   C  N N 343 
VAL CG1  C  N N 344 
VAL CG2  C  N N 345 
VAL OXT  O  N N 346 
VAL H    H  N N 347 
VAL H2   H  N N 348 
VAL HA   H  N N 349 
VAL HB   H  N N 350 
VAL HG11 H  N N 351 
VAL HG12 H  N N 352 
VAL HG13 H  N N 353 
VAL HG21 H  N N 354 
VAL HG22 H  N N 355 
VAL HG23 H  N N 356 
VAL HXT  H  N N 357 
# 
loop_
_chem_comp_bond.comp_id 
_chem_comp_bond.atom_id_1 
_chem_comp_bond.atom_id_2 
_chem_comp_bond.value_order 
_chem_comp_bond.pdbx_aromatic_flag 
_chem_comp_bond.pdbx_stereo_config 
_chem_comp_bond.pdbx_ordinal 
ALA N   CA   sing N N 1   
ALA N   H    sing N N 2   
ALA N   H2   sing N N 3   
ALA CA  C    sing N N 4   
ALA CA  CB   sing N N 5   
ALA CA  HA   sing N N 6   
ALA C   O    doub N N 7   
ALA C   OXT  sing N N 8   
ALA CB  HB1  sing N N 9   
ALA CB  HB2  sing N N 10  
ALA CB  HB3  sing N N 11  
ALA OXT HXT  sing N N 12  
ARG N   CA   sing N N 13  
ARG N   H    sing N N 14  
ARG N   H2   sing N N 15  
ARG CA  C    sing N N 16  
ARG CA  CB   sing N N 17  
ARG CA  HA   sing N N 18  
ARG C   O    doub N N 19  
ARG C   OXT  sing N N 20  
ARG CB  CG   sing N N 21  
ARG CB  HB2  sing N N 22  
ARG CB  HB3  sing N N 23  
ARG CG  CD   sing N N 24  
ARG CG  HG2  sing N N 25  
ARG CG  HG3  sing N N 26  
ARG CD  NE   sing N N 27  
ARG CD  HD2  sing N N 28  
ARG CD  HD3  sing N N 29  
ARG NE  CZ   sing N N 30  
ARG NE  HE   sing N N 31  
ARG CZ  NH1  sing N N 32  
ARG CZ  NH2  doub N N 33  
ARG NH1 HH11 sing N N 34  
ARG NH1 HH12 sing N N 35  
ARG NH2 HH21 sing N N 36  
ARG NH2 HH22 sing N N 37  
ARG OXT HXT  sing N N 38  
ASN N   CA   sing N N 39  
ASN N   H    sing N N 40  
ASN N   H2   sing N N 41  
ASN CA  C    sing N N 42  
ASN CA  CB   sing N N 43  
ASN CA  HA   sing N N 44  
ASN C   O    doub N N 45  
ASN C   OXT  sing N N 46  
ASN CB  CG   sing N N 47  
ASN CB  HB2  sing N N 48  
ASN CB  HB3  sing N N 49  
ASN CG  OD1  doub N N 50  
ASN CG  ND2  sing N N 51  
ASN ND2 HD21 sing N N 52  
ASN ND2 HD22 sing N N 53  
ASN OXT HXT  sing N N 54  
ASP N   CA   sing N N 55  
ASP N   H    sing N N 56  
ASP N   H2   sing N N 57  
ASP CA  C    sing N N 58  
ASP CA  CB   sing N N 59  
ASP CA  HA   sing N N 60  
ASP C   O    doub N N 61  
ASP C   OXT  sing N N 62  
ASP CB  CG   sing N N 63  
ASP CB  HB2  sing N N 64  
ASP CB  HB3  sing N N 65  
ASP CG  OD1  doub N N 66  
ASP CG  OD2  sing N N 67  
ASP OD2 HD2  sing N N 68  
ASP OXT HXT  sing N N 69  
GLU N   CA   sing N N 70  
GLU N   H    sing N N 71  
GLU N   H2   sing N N 72  
GLU CA  C    sing N N 73  
GLU CA  CB   sing N N 74  
GLU CA  HA   sing N N 75  
GLU C   O    doub N N 76  
GLU C   OXT  sing N N 77  
GLU CB  CG   sing N N 78  
GLU CB  HB2  sing N N 79  
GLU CB  HB3  sing N N 80  
GLU CG  CD   sing N N 81  
GLU CG  HG2  sing N N 82  
GLU CG  HG3  sing N N 83  
GLU CD  OE1  doub N N 84  
GLU CD  OE2  sing N N 85  
GLU OE2 HE2  sing N N 86  
GLU OXT HXT  sing N N 87  
GLY N   CA   sing N N 88  
GLY N   H    sing N N 89  
GLY N   H2   sing N N 90  
GLY CA  C    sing N N 91  
GLY CA  HA2  sing N N 92  
GLY CA  HA3  sing N N 93  
GLY C   O    doub N N 94  
GLY C   OXT  sing N N 95  
GLY OXT HXT  sing N N 96  
HIS N   CA   sing N N 97  
HIS N   H    sing N N 98  
HIS N   H2   sing N N 99  
HIS CA  C    sing N N 100 
HIS CA  CB   sing N N 101 
HIS CA  HA   sing N N 102 
HIS C   O    doub N N 103 
HIS C   OXT  sing N N 104 
HIS CB  CG   sing N N 105 
HIS CB  HB2  sing N N 106 
HIS CB  HB3  sing N N 107 
HIS CG  ND1  sing Y N 108 
HIS CG  CD2  doub Y N 109 
HIS ND1 CE1  doub Y N 110 
HIS ND1 HD1  sing N N 111 
HIS CD2 NE2  sing Y N 112 
HIS CD2 HD2  sing N N 113 
HIS CE1 NE2  sing Y N 114 
HIS CE1 HE1  sing N N 115 
HIS NE2 HE2  sing N N 116 
HIS OXT HXT  sing N N 117 
HOH O   H1   sing N N 118 
HOH O   H2   sing N N 119 
ILE N   CA   sing N N 120 
ILE N   H    sing N N 121 
ILE N   H2   sing N N 122 
ILE CA  C    sing N N 123 
ILE CA  CB   sing N N 124 
ILE CA  HA   sing N N 125 
ILE C   O    doub N N 126 
ILE C   OXT  sing N N 127 
ILE CB  CG1  sing N N 128 
ILE CB  CG2  sing N N 129 
ILE CB  HB   sing N N 130 
ILE CG1 CD1  sing N N 131 
ILE CG1 HG12 sing N N 132 
ILE CG1 HG13 sing N N 133 
ILE CG2 HG21 sing N N 134 
ILE CG2 HG22 sing N N 135 
ILE CG2 HG23 sing N N 136 
ILE CD1 HD11 sing N N 137 
ILE CD1 HD12 sing N N 138 
ILE CD1 HD13 sing N N 139 
ILE OXT HXT  sing N N 140 
LEU N   CA   sing N N 141 
LEU N   H    sing N N 142 
LEU N   H2   sing N N 143 
LEU CA  C    sing N N 144 
LEU CA  CB   sing N N 145 
LEU CA  HA   sing N N 146 
LEU C   O    doub N N 147 
LEU C   OXT  sing N N 148 
LEU CB  CG   sing N N 149 
LEU CB  HB2  sing N N 150 
LEU CB  HB3  sing N N 151 
LEU CG  CD1  sing N N 152 
LEU CG  CD2  sing N N 153 
LEU CG  HG   sing N N 154 
LEU CD1 HD11 sing N N 155 
LEU CD1 HD12 sing N N 156 
LEU CD1 HD13 sing N N 157 
LEU CD2 HD21 sing N N 158 
LEU CD2 HD22 sing N N 159 
LEU CD2 HD23 sing N N 160 
LEU OXT HXT  sing N N 161 
LYS N   CA   sing N N 162 
LYS N   H    sing N N 163 
LYS N   H2   sing N N 164 
LYS CA  C    sing N N 165 
LYS CA  CB   sing N N 166 
LYS CA  HA   sing N N 167 
LYS C   O    doub N N 168 
LYS C   OXT  sing N N 169 
LYS CB  CG   sing N N 170 
LYS CB  HB2  sing N N 171 
LYS CB  HB3  sing N N 172 
LYS CG  CD   sing N N 173 
LYS CG  HG2  sing N N 174 
LYS CG  HG3  sing N N 175 
LYS CD  CE   sing N N 176 
LYS CD  HD2  sing N N 177 
LYS CD  HD3  sing N N 178 
LYS CE  NZ   sing N N 179 
LYS CE  HE2  sing N N 180 
LYS CE  HE3  sing N N 181 
LYS NZ  HZ1  sing N N 182 
LYS NZ  HZ2  sing N N 183 
LYS NZ  HZ3  sing N N 184 
LYS OXT HXT  sing N N 185 
MET N   CA   sing N N 186 
MET N   H    sing N N 187 
MET N   H2   sing N N 188 
MET CA  C    sing N N 189 
MET CA  CB   sing N N 190 
MET CA  HA   sing N N 191 
MET C   O    doub N N 192 
MET C   OXT  sing N N 193 
MET CB  CG   sing N N 194 
MET CB  HB2  sing N N 195 
MET CB  HB3  sing N N 196 
MET CG  SD   sing N N 197 
MET CG  HG2  sing N N 198 
MET CG  HG3  sing N N 199 
MET SD  CE   sing N N 200 
MET CE  HE1  sing N N 201 
MET CE  HE2  sing N N 202 
MET CE  HE3  sing N N 203 
MET OXT HXT  sing N N 204 
PHE N   CA   sing N N 205 
PHE N   H    sing N N 206 
PHE N   H2   sing N N 207 
PHE CA  C    sing N N 208 
PHE CA  CB   sing N N 209 
PHE CA  HA   sing N N 210 
PHE C   O    doub N N 211 
PHE C   OXT  sing N N 212 
PHE CB  CG   sing N N 213 
PHE CB  HB2  sing N N 214 
PHE CB  HB3  sing N N 215 
PHE CG  CD1  doub Y N 216 
PHE CG  CD2  sing Y N 217 
PHE CD1 CE1  sing Y N 218 
PHE CD1 HD1  sing N N 219 
PHE CD2 CE2  doub Y N 220 
PHE CD2 HD2  sing N N 221 
PHE CE1 CZ   doub Y N 222 
PHE CE1 HE1  sing N N 223 
PHE CE2 CZ   sing Y N 224 
PHE CE2 HE2  sing N N 225 
PHE CZ  HZ   sing N N 226 
PHE OXT HXT  sing N N 227 
PRO N   CA   sing N N 228 
PRO N   CD   sing N N 229 
PRO N   H    sing N N 230 
PRO CA  C    sing N N 231 
PRO CA  CB   sing N N 232 
PRO CA  HA   sing N N 233 
PRO C   O    doub N N 234 
PRO C   OXT  sing N N 235 
PRO CB  CG   sing N N 236 
PRO CB  HB2  sing N N 237 
PRO CB  HB3  sing N N 238 
PRO CG  CD   sing N N 239 
PRO CG  HG2  sing N N 240 
PRO CG  HG3  sing N N 241 
PRO CD  HD2  sing N N 242 
PRO CD  HD3  sing N N 243 
PRO OXT HXT  sing N N 244 
SER N   CA   sing N N 245 
SER N   H    sing N N 246 
SER N   H2   sing N N 247 
SER CA  C    sing N N 248 
SER CA  CB   sing N N 249 
SER CA  HA   sing N N 250 
SER C   O    doub N N 251 
SER C   OXT  sing N N 252 
SER CB  OG   sing N N 253 
SER CB  HB2  sing N N 254 
SER CB  HB3  sing N N 255 
SER OG  HG   sing N N 256 
SER OXT HXT  sing N N 257 
THR N   CA   sing N N 258 
THR N   H    sing N N 259 
THR N   H2   sing N N 260 
THR CA  C    sing N N 261 
THR CA  CB   sing N N 262 
THR CA  HA   sing N N 263 
THR C   O    doub N N 264 
THR C   OXT  sing N N 265 
THR CB  OG1  sing N N 266 
THR CB  CG2  sing N N 267 
THR CB  HB   sing N N 268 
THR OG1 HG1  sing N N 269 
THR CG2 HG21 sing N N 270 
THR CG2 HG22 sing N N 271 
THR CG2 HG23 sing N N 272 
THR OXT HXT  sing N N 273 
TRP N   CA   sing N N 274 
TRP N   H    sing N N 275 
TRP N   H2   sing N N 276 
TRP CA  C    sing N N 277 
TRP CA  CB   sing N N 278 
TRP CA  HA   sing N N 279 
TRP C   O    doub N N 280 
TRP C   OXT  sing N N 281 
TRP CB  CG   sing N N 282 
TRP CB  HB2  sing N N 283 
TRP CB  HB3  sing N N 284 
TRP CG  CD1  doub Y N 285 
TRP CG  CD2  sing Y N 286 
TRP CD1 NE1  sing Y N 287 
TRP CD1 HD1  sing N N 288 
TRP CD2 CE2  doub Y N 289 
TRP CD2 CE3  sing Y N 290 
TRP NE1 CE2  sing Y N 291 
TRP NE1 HE1  sing N N 292 
TRP CE2 CZ2  sing Y N 293 
TRP CE3 CZ3  doub Y N 294 
TRP CE3 HE3  sing N N 295 
TRP CZ2 CH2  doub Y N 296 
TRP CZ2 HZ2  sing N N 297 
TRP CZ3 CH2  sing Y N 298 
TRP CZ3 HZ3  sing N N 299 
TRP CH2 HH2  sing N N 300 
TRP OXT HXT  sing N N 301 
TYR N   CA   sing N N 302 
TYR N   H    sing N N 303 
TYR N   H2   sing N N 304 
TYR CA  C    sing N N 305 
TYR CA  CB   sing N N 306 
TYR CA  HA   sing N N 307 
TYR C   O    doub N N 308 
TYR C   OXT  sing N N 309 
TYR CB  CG   sing N N 310 
TYR CB  HB2  sing N N 311 
TYR CB  HB3  sing N N 312 
TYR CG  CD1  doub Y N 313 
TYR CG  CD2  sing Y N 314 
TYR CD1 CE1  sing Y N 315 
TYR CD1 HD1  sing N N 316 
TYR CD2 CE2  doub Y N 317 
TYR CD2 HD2  sing N N 318 
TYR CE1 CZ   doub Y N 319 
TYR CE1 HE1  sing N N 320 
TYR CE2 CZ   sing Y N 321 
TYR CE2 HE2  sing N N 322 
TYR CZ  OH   sing N N 323 
TYR OH  HH   sing N N 324 
TYR OXT HXT  sing N N 325 
VAL N   CA   sing N N 326 
VAL N   H    sing N N 327 
VAL N   H2   sing N N 328 
VAL CA  C    sing N N 329 
VAL CA  CB   sing N N 330 
VAL CA  HA   sing N N 331 
VAL C   O    doub N N 332 
VAL C   OXT  sing N N 333 
VAL CB  CG1  sing N N 334 
VAL CB  CG2  sing N N 335 
VAL CB  HB   sing N N 336 
VAL CG1 HG11 sing N N 337 
VAL CG1 HG12 sing N N 338 
VAL CG1 HG13 sing N N 339 
VAL CG2 HG21 sing N N 340 
VAL CG2 HG22 sing N N 341 
VAL CG2 HG23 sing N N 342 
VAL OXT HXT  sing N N 343 
# 
_atom_sites.entry_id                    5B3P 
_atom_sites.fract_transf_matrix[1][1]   -0.00004891 
_atom_sites.fract_transf_matrix[1][2]   -0.02079403 
_atom_sites.fract_transf_matrix[1][3]   0.01244560 
_atom_sites.fract_transf_matrix[2][1]   -0.01085747 
_atom_sites.fract_transf_matrix[2][2]   0.01084070 
_atom_sites.fract_transf_matrix[2][3]   0.01806991 
_atom_sites.fract_transf_matrix[3][1]   -0.01268158 
_atom_sites.fract_transf_matrix[3][2]   -0.00333374 
_atom_sites.fract_transf_matrix[3][3]   -0.00561983 
_atom_sites.fract_transf_vector[1]      0.500539 
_atom_sites.fract_transf_vector[2]      0.468204 
_atom_sites.fract_transf_vector[3]      0.397763 
# 
loop_
_atom_type.symbol 
C  
CA 
N  
O  
S  
# 
loop_
_atom_site.group_PDB 
_atom_site.id 
_atom_site.type_symbol 
_atom_site.label_atom_id 
_atom_site.label_alt_id 
_atom_site.label_comp_id 
_atom_site.label_asym_id 
_atom_site.label_entity_id 
_atom_site.label_seq_id 
_atom_site.pdbx_PDB_ins_code 
_atom_site.Cartn_x 
_atom_site.Cartn_y 
_atom_site.Cartn_z 
_atom_site.occupancy 
_atom_site.B_iso_or_equiv 
_atom_site.pdbx_formal_charge 
_atom_site.auth_seq_id 
_atom_site.auth_comp_id 
_atom_site.auth_asym_id 
_atom_site.auth_atom_id 
_atom_site.pdbx_PDB_model_num 
ATOM   1    N  N   . MET A 1 1   ? -10.557 0.402   -17.672 1.00 34.23  ? 1   MET A N   1 
ATOM   2    C  CA  . MET A 1 1   ? -9.528  -0.314  -16.919 1.00 27.40  ? 1   MET A CA  1 
ATOM   3    C  C   . MET A 1 1   ? -9.329  0.312   -15.534 1.00 27.33  ? 1   MET A C   1 
ATOM   4    O  O   . MET A 1 1   ? -9.297  1.531   -15.392 1.00 23.10  ? 1   MET A O   1 
ATOM   5    C  CB  . MET A 1 1   ? -8.222  -0.305  -17.688 1.00 26.80  ? 1   MET A CB  1 
ATOM   6    C  CG  . MET A 1 1   ? -7.195  -1.283  -17.194 1.00 32.35  ? 1   MET A CG  1 
ATOM   7    S  SD  . MET A 1 1   ? -5.719  -1.216  -18.249 1.00 37.31  ? 1   MET A SD  1 
ATOM   8    C  CE  . MET A 1 1   ? -5.123  0.440   -17.841 1.00 38.13  ? 1   MET A CE  1 
ATOM   9    N  N   . ARG A 1 2   ? -9.211  -0.540  -14.508 1.00 20.71  ? 2   ARG A N   1 
ATOM   10   C  CA  . ARG A 1 2   ? -9.169  -0.033  -13.136 1.00 23.56  ? 2   ARG A CA  1 
ATOM   11   C  C   . ARG A 1 2   ? -7.995  0.923   -12.912 1.00 21.27  ? 2   ARG A C   1 
ATOM   12   O  O   . ARG A 1 2   ? -8.132  1.916   -12.182 1.00 19.94  ? 2   ARG A O   1 
ATOM   13   C  CB  . ARG A 1 2   ? -9.138  -1.217  -12.161 1.00 19.95  ? 2   ARG A CB  1 
ATOM   14   C  CG  . ARG A 1 2   ? -10.513 -1.948  -12.093 1.00 22.24  ? 2   ARG A CG  1 
ATOM   15   C  CD  . ARG A 1 2   ? -10.356 -3.346  -11.554 1.00 22.31  ? 2   ARG A CD  1 
ATOM   16   N  NE  . ARG A 1 2   ? -11.624 -4.045  -11.382 1.00 24.52  ? 2   ARG A NE  1 
ATOM   17   C  CZ  . ARG A 1 2   ? -12.292 -4.649  -12.359 1.00 30.19  ? 2   ARG A CZ  1 
ATOM   18   N  NH1 . ARG A 1 2   ? -11.841 -4.614  -13.613 1.00 33.88  ? 2   ARG A NH1 1 
ATOM   19   N  NH2 . ARG A 1 2   ? -13.425 -5.275  -12.092 1.00 34.50  ? 2   ARG A NH2 1 
ATOM   20   N  N   . LEU A 1 3   ? -6.839  0.657   -13.526 1.00 20.92  ? 3   LEU A N   1 
ATOM   21   C  CA  . LEU A 1 3   ? -5.681  1.519   -13.288 1.00 17.84  ? 3   LEU A CA  1 
ATOM   22   C  C   . LEU A 1 3   ? -5.947  2.960   -13.721 1.00 21.69  ? 3   LEU A C   1 
ATOM   23   O  O   . LEU A 1 3   ? -5.505  3.911   -13.052 1.00 19.36  ? 3   LEU A O   1 
ATOM   24   C  CB  . LEU A 1 3   ? -4.461  0.951   -14.017 1.00 19.97  ? 3   LEU A CB  1 
ATOM   25   C  CG  . LEU A 1 3   ? -3.077  1.374   -13.573 1.00 33.37  ? 3   LEU A CG  1 
ATOM   26   C  CD1 . LEU A 1 3   ? -2.968  1.433   -12.028 1.00 35.65  ? 3   LEU A CD1 1 
ATOM   27   C  CD2 . LEU A 1 3   ? -2.102  0.411   -14.166 1.00 31.82  ? 3   LEU A CD2 1 
ATOM   28   N  N   . GLU A 1 4   ? -6.675  3.163   -14.829 1.00 20.58  ? 4   GLU A N   1 
ATOM   29   C  CA  . GLU A 1 4   ? -7.023  4.535   -15.212 1.00 15.63  ? 4   GLU A CA  1 
ATOM   30   C  C   . GLU A 1 4   ? -7.753  5.246   -14.078 1.00 15.87  ? 4   GLU A C   1 
ATOM   31   O  O   . GLU A 1 4   ? -7.447  6.394   -13.741 1.00 17.03  ? 4   GLU A O   1 
ATOM   32   C  CB  . GLU A 1 4   ? -7.926  4.534   -16.472 1.00 14.78  ? 4   GLU A CB  1 
ATOM   33   C  CG  . GLU A 1 4   ? -8.353  5.962   -16.838 1.00 16.84  ? 4   GLU A CG  1 
ATOM   34   C  CD  . GLU A 1 4   ? -9.262  6.041   -18.054 1.00 22.43  ? 4   GLU A CD  1 
ATOM   35   O  OE1 . GLU A 1 4   ? -9.710  5.001   -18.556 1.00 28.54  ? 4   GLU A OE1 1 
ATOM   36   O  OE2 . GLU A 1 4   ? -9.544  7.166   -18.469 1.00 20.80  ? 4   GLU A OE2 1 
ATOM   37   N  N   . ARG A 1 5   ? -8.749  4.573   -13.510 1.00 15.95  ? 5   ARG A N   1 
ATOM   38   C  CA  . ARG A 1 5   ? -9.540  5.168   -12.445 1.00 17.56  ? 5   ARG A CA  1 
ATOM   39   C  C   . ARG A 1 5   ? -8.684  5.468   -11.222 1.00 16.58  ? 5   ARG A C   1 
ATOM   40   O  O   . ARG A 1 5   ? -8.829  6.533   -10.602 1.00 17.76  ? 5   ARG A O   1 
ATOM   41   C  CB  . ARG A 1 5   ? -10.705 4.238   -12.093 1.00 19.27  ? 5   ARG A CB  1 
ATOM   42   C  CG  . ARG A 1 5   ? -11.605 4.781   -10.980 1.00 17.89  ? 5   ARG A CG  1 
ATOM   43   C  CD  . ARG A 1 5   ? -12.206 6.146   -11.299 1.00 21.74  ? 5   ARG A CD  1 
ATOM   44   N  NE  . ARG A 1 5   ? -12.859 6.688   -10.103 1.00 23.18  ? 5   ARG A NE  1 
ATOM   45   C  CZ  . ARG A 1 5   ? -13.496 7.846   -10.075 1.00 29.19  ? 5   ARG A CZ  1 
ATOM   46   N  NH1 . ARG A 1 5   ? -13.601 8.562   -11.192 1.00 32.00  ? 5   ARG A NH1 1 
ATOM   47   N  NH2 . ARG A 1 5   ? -14.033 8.274   -8.933  1.00 23.03  ? 5   ARG A NH2 1 
ATOM   48   N  N   . VAL A 1 6   ? -7.792  4.537   -10.850 1.00 17.08  ? 6   VAL A N   1 
ATOM   49   C  CA  . VAL A 1 6   ? -6.895  4.771   -9.708  1.00 18.94  ? 6   VAL A CA  1 
ATOM   50   C  C   . VAL A 1 6   ? -6.111  6.057   -9.903  1.00 21.17  ? 6   VAL A C   1 
ATOM   51   O  O   . VAL A 1 6   ? -5.982  6.888   -8.984  1.00 18.69  ? 6   VAL A O   1 
ATOM   52   C  CB  . VAL A 1 6   ? -5.954  3.570   -9.507  1.00 15.88  ? 6   VAL A CB  1 
ATOM   53   C  CG1 . VAL A 1 6   ? -4.849  3.909   -8.468  1.00 16.82  ? 6   VAL A CG1 1 
ATOM   54   C  CG2 . VAL A 1 6   ? -6.741  2.397   -8.995  1.00 19.78  ? 6   VAL A CG2 1 
ATOM   55   N  N   . LEU A 1 7   ? -5.524  6.222   -11.090 1.00 18.51  ? 7   LEU A N   1 
ATOM   56   C  CA  . LEU A 1 7   ? -4.724  7.410   -11.328 1.00 16.83  ? 7   LEU A CA  1 
ATOM   57   C  C   . LEU A 1 7   ? -5.578  8.676   -11.429 1.00 17.41  ? 7   LEU A C   1 
ATOM   58   O  O   . LEU A 1 7   ? -5.139  9.753   -11.002 1.00 22.78  ? 7   LEU A O   1 
ATOM   59   C  CB  . LEU A 1 7   ? -3.917  7.216   -12.595 1.00 15.62  ? 7   LEU A CB  1 
ATOM   60   C  CG  . LEU A 1 7   ? -2.956  6.040   -12.455 1.00 22.98  ? 7   LEU A CG  1 
ATOM   61   C  CD1 . LEU A 1 7   ? -2.152  5.928   -13.724 1.00 26.58  ? 7   LEU A CD1 1 
ATOM   62   C  CD2 . LEU A 1 7   ? -2.008  6.164   -11.260 1.00 29.81  ? 7   LEU A CD2 1 
ATOM   63   N  N   . GLU A 1 8   ? -6.768  8.580   -12.035 1.00 18.91  ? 8   GLU A N   1 
ATOM   64   C  CA  . GLU A 1 8   ? -7.675  9.735   -12.090 1.00 19.26  ? 8   GLU A CA  1 
ATOM   65   C  C   . GLU A 1 8   ? -7.988  10.226  -10.684 1.00 19.14  ? 8   GLU A C   1 
ATOM   66   O  O   . GLU A 1 8   ? -7.951  11.432  -10.406 1.00 20.67  ? 8   GLU A O   1 
ATOM   67   C  CB  . GLU A 1 8   ? -8.969  9.373   -12.819 1.00 16.03  ? 8   GLU A CB  1 
ATOM   68   C  CG  . GLU A 1 8   ? -8.742  9.211   -14.322 1.00 21.53  ? 8   GLU A CG  1 
ATOM   69   C  CD  . GLU A 1 8   ? -9.959  8.689   -15.081 1.00 29.69  ? 8   GLU A CD  1 
ATOM   70   O  OE1 . GLU A 1 8   ? -10.826 7.958   -14.536 1.00 30.79  ? 8   GLU A OE1 1 
ATOM   71   O  OE2 . GLU A 1 8   ? -10.027 9.019   -16.265 1.00 29.74  ? 8   GLU A OE2 1 
ATOM   72   N  N   . GLU A 1 9   ? -8.323  9.292   -9.783  1.00 16.72  ? 9   GLU A N   1 
ATOM   73   C  CA  . GLU A 1 9   ? -8.652  9.671   -8.402  1.00 16.06  ? 9   GLU A CA  1 
ATOM   74   C  C   . GLU A 1 9   ? -7.445  10.283  -7.694  1.00 23.40  ? 9   GLU A C   1 
ATOM   75   O  O   . GLU A 1 9   ? -7.582  11.272  -6.950  1.00 20.30  ? 9   GLU A O   1 
ATOM   76   C  CB  . GLU A 1 9   ? -9.171  8.447   -7.633  1.00 17.66  ? 9   GLU A CB  1 
ATOM   77   C  CG  . GLU A 1 9   ? -10.500 7.888   -8.123  1.00 21.94  ? 9   GLU A CG  1 
ATOM   78   C  CD  . GLU A 1 9   ? -10.990 6.690   -7.306  1.00 29.77  ? 9   GLU A CD  1 
ATOM   79   O  OE1 . GLU A 1 9   ? -10.327 6.296   -6.328  1.00 32.03  ? 9   GLU A OE1 1 
ATOM   80   O  OE2 . GLU A 1 9   ? -12.049 6.140   -7.639  1.00 21.74  ? 9   GLU A OE2 1 
ATOM   81   N  N   . ALA A 1 10  ? -6.255  9.691   -7.882  1.00 18.14  ? 10  ALA A N   1 
ATOM   82   C  CA  . ALA A 1 10  ? -5.055  10.229  -7.241  1.00 16.53  ? 10  ALA A CA  1 
ATOM   83   C  C   . ALA A 1 10  ? -4.785  11.649  -7.715  1.00 22.84  ? 10  ALA A C   1 
ATOM   84   O  O   . ALA A 1 10  ? -4.478  12.539  -6.911  1.00 23.23  ? 10  ALA A O   1 
ATOM   85   C  CB  . ALA A 1 10  ? -3.830  9.341   -7.537  1.00 20.05  ? 10  ALA A CB  1 
ATOM   86   N  N   . ARG A 1 11  ? -4.886  11.870  -9.034  1.00 21.23  ? 11  ARG A N   1 
ATOM   87   C  CA  . ARG A 1 11  ? -4.687  13.207  -9.585  1.00 24.88  ? 11  ARG A CA  1 
ATOM   88   C  C   . ARG A 1 11  ? -5.649  14.202  -8.955  1.00 25.89  ? 11  ARG A C   1 
ATOM   89   O  O   . ARG A 1 11  ? -5.228  15.257  -8.459  1.00 26.12  ? 11  ARG A O   1 
ATOM   90   C  CB  . ARG A 1 11  ? -4.864  13.176  -11.103 1.00 25.71  ? 11  ARG A CB  1 
ATOM   91   C  CG  . ARG A 1 11  ? -4.080  14.220  -11.842 1.00 38.87  ? 11  ARG A CG  1 
ATOM   92   C  CD  . ARG A 1 11  ? -3.874  13.713  -13.244 1.00 45.82  ? 11  ARG A CD  1 
ATOM   93   N  NE  . ARG A 1 11  ? -3.265  14.704  -14.109 1.00 49.44  ? 11  ARG A NE  1 
ATOM   94   C  CZ  . ARG A 1 11  ? -3.072  14.501  -15.405 1.00 53.77  ? 11  ARG A CZ  1 
ATOM   95   N  NH1 . ARG A 1 11  ? -3.450  13.353  -15.952 1.00 46.17  ? 11  ARG A NH1 1 
ATOM   96   N  NH2 . ARG A 1 11  ? -2.523  15.442  -16.147 1.00 49.96  ? 11  ARG A NH2 1 
ATOM   97   N  N   . ALA A 1 12  ? -6.935  13.836  -8.902  1.00 19.88  ? 12  ALA A N   1 
ATOM   98   C  CA  . ALA A 1 12  ? -7.980  14.707  -8.375  1.00 24.44  ? 12  ALA A CA  1 
ATOM   99   C  C   . ALA A 1 12  ? -7.777  14.998  -6.898  1.00 34.43  ? 12  ALA A C   1 
ATOM   100  O  O   . ALA A 1 12  ? -8.127  16.091  -6.424  1.00 27.38  ? 12  ALA A O   1 
ATOM   101  C  CB  . ALA A 1 12  ? -9.355  14.064  -8.578  1.00 23.56  ? 12  ALA A CB  1 
ATOM   102  N  N   . LYS A 1 13  ? -7.272  14.022  -6.152  1.00 24.38  ? 13  LYS A N   1 
ATOM   103  C  CA  . LYS A 1 13  ? -7.089  14.197  -4.721  1.00 19.57  ? 13  LYS A CA  1 
ATOM   104  C  C   . LYS A 1 13  ? -5.739  14.749  -4.355  1.00 24.93  ? 13  LYS A C   1 
ATOM   105  O  O   . LYS A 1 13  ? -5.513  15.036  -3.222  1.00 30.20  ? 13  LYS A O   1 
ATOM   106  C  CB  . LYS A 1 13  ? -7.368  12.917  -3.971  1.00 19.87  ? 13  LYS A CB  1 
ATOM   107  C  CG  . LYS A 1 13  ? -8.782  12.468  -4.089  1.00 24.37  ? 13  LYS A CG  1 
ATOM   108  C  CD  . LYS A 1 13  ? -9.135  11.362  -3.165  1.00 24.71  ? 13  LYS A CD  1 
ATOM   109  C  CE  . LYS A 1 13  ? -9.732  10.121  -3.786  1.00 38.34  ? 13  LYS A CE  1 
ATOM   110  N  NZ  . LYS A 1 13  ? -10.937 9.634   -3.019  1.00 47.20  ? 13  LYS A NZ  1 
ATOM   111  N  N   . GLY A 1 14  ? -4.862  14.885  -5.324  1.00 21.97  ? 14  GLY A N   1 
ATOM   112  C  CA  . GLY A 1 14  ? -3.522  15.357  -5.109  1.00 22.75  ? 14  GLY A CA  1 
ATOM   113  C  C   . GLY A 1 14  ? -2.615  14.358  -4.438  1.00 31.77  ? 14  GLY A C   1 
ATOM   114  O  O   . GLY A 1 14  ? -1.717  14.756  -3.698  1.00 29.45  ? 14  GLY A O   1 
ATOM   115  N  N   . TYR A 1 15  ? -2.840  13.061  -4.643  1.00 20.83  ? 15  TYR A N   1 
ATOM   116  C  CA  . TYR A 1 15  ? -1.873  12.086  -4.151  1.00 20.87  ? 15  TYR A CA  1 
ATOM   117  C  C   . TYR A 1 15  ? -0.746  11.964  -5.172  1.00 26.33  ? 15  TYR A C   1 
ATOM   118  O  O   . TYR A 1 15  ? -1.028  11.824  -6.370  1.00 20.56  ? 15  TYR A O   1 
ATOM   119  C  CB  . TYR A 1 15  ? -2.525  10.714  -3.952  1.00 18.39  ? 15  TYR A CB  1 
ATOM   120  C  CG  . TYR A 1 15  ? -3.718  10.593  -3.021  1.00 19.88  ? 15  TYR A CG  1 
ATOM   121  C  CD1 . TYR A 1 15  ? -3.858  11.408  -1.899  1.00 19.96  ? 15  TYR A CD1 1 
ATOM   122  C  CD2 . TYR A 1 15  ? -4.702  9.637   -3.255  1.00 18.59  ? 15  TYR A CD2 1 
ATOM   123  C  CE1 . TYR A 1 15  ? -4.960  11.269  -1.049  1.00 20.83  ? 15  TYR A CE1 1 
ATOM   124  C  CE2 . TYR A 1 15  ? -5.787  9.485   -2.392  1.00 18.20  ? 15  TYR A CE2 1 
ATOM   125  C  CZ  . TYR A 1 15  ? -5.915  10.324  -1.304  1.00 19.68  ? 15  TYR A CZ  1 
ATOM   126  O  OH  . TYR A 1 15  ? -6.998  10.173  -0.472  1.00 22.45  ? 15  TYR A OH  1 
ATOM   127  N  N   . PRO A 1 16  ? 0.520   12.027  -4.750  1.00 21.82  ? 16  PRO A N   1 
ATOM   128  C  CA  . PRO A 1 16  ? 1.644   11.932  -5.704  1.00 19.29  ? 16  PRO A CA  1 
ATOM   129  C  C   . PRO A 1 16  ? 1.621   10.640  -6.500  1.00 21.43  ? 16  PRO A C   1 
ATOM   130  O  O   . PRO A 1 16  ? 1.402   9.566   -5.945  1.00 21.92  ? 16  PRO A O   1 
ATOM   131  C  CB  . PRO A 1 16  ? 2.876   11.987  -4.806  1.00 26.92  ? 16  PRO A CB  1 
ATOM   132  C  CG  . PRO A 1 16  ? 2.411   12.677  -3.569  1.00 19.97  ? 16  PRO A CG  1 
ATOM   133  C  CD  . PRO A 1 16  ? 0.971   12.351  -3.380  1.00 20.53  ? 16  PRO A CD  1 
ATOM   134  N  N   . ILE A 1 17  ? 1.900   10.740  -7.797  1.00 20.19  ? 17  ILE A N   1 
ATOM   135  C  CA  . ILE A 1 17  ? 1.987   9.579   -8.674  1.00 20.63  ? 17  ILE A CA  1 
ATOM   136  C  C   . ILE A 1 17  ? 3.422   9.454   -9.182  1.00 23.92  ? 17  ILE A C   1 
ATOM   137  O  O   . ILE A 1 17  ? 4.081   10.463  -9.469  1.00 25.07  ? 17  ILE A O   1 
ATOM   138  C  CB  . ILE A 1 17  ? 0.991   9.708   -9.846  1.00 21.29  ? 17  ILE A CB  1 
ATOM   139  C  CG1 . ILE A 1 17  ? -0.464  9.816   -9.344  1.00 23.46  ? 17  ILE A CG1 1 
ATOM   140  C  CG2 . ILE A 1 17  ? 1.180   8.543   -10.858 1.00 22.14  ? 17  ILE A CG2 1 
ATOM   141  C  CD1 . ILE A 1 17  ? -1.451  10.271  -10.420 1.00 27.23  ? 17  ILE A CD1 1 
ATOM   142  N  N   . GLU A 1 18  ? 3.925   8.241   -9.276  1.00 16.90  ? 18  GLU A N   1 
ATOM   143  C  CA  . GLU A 1 18  ? 5.285   7.975   -9.767  1.00 23.49  ? 18  GLU A CA  1 
ATOM   144  C  C   . GLU A 1 18  ? 5.297   6.842   -10.780 1.00 23.26  ? 18  GLU A C   1 
ATOM   145  O  O   . GLU A 1 18  ? 4.572   5.925   -10.679 1.00 22.36  ? 18  GLU A O   1 
ATOM   146  C  CB  . GLU A 1 18  ? 6.287   7.597   -8.659  1.00 28.29  ? 18  GLU A CB  1 
ATOM   147  C  CG  . GLU A 1 18  ? 6.587   8.653   -7.654  1.00 29.12  ? 18  GLU A CG  1 
ATOM   148  C  CD  . GLU A 1 18  ? 7.534   8.178   -6.569  1.00 50.93  ? 18  GLU A CD  1 
ATOM   149  O  OE1 . GLU A 1 18  ? 8.387   7.327   -6.850  1.00 45.57  ? 18  GLU A OE1 1 
ATOM   150  O  OE2 . GLU A 1 18  ? 7.430   8.664   -5.463  1.00 37.51  ? 18  GLU A OE2 1 
ATOM   151  N  N   . ASP A 1 19  ? 6.169   6.949   -11.756 1.00 28.57  ? 19  ASP A N   1 
ATOM   152  C  CA  . ASP A 1 19  ? 6.286   5.943   -12.803 1.00 33.02  ? 19  ASP A CA  1 
ATOM   153  C  C   . ASP A 1 19  ? 7.768   5.657   -13.014 1.00 47.55  ? 19  ASP A C   1 
ATOM   154  O  O   . ASP A 1 19  ? 8.610   6.528   -12.781 1.00 57.73  ? 19  ASP A O   1 
ATOM   155  C  CB  . ASP A 1 19  ? 5.620   6.473   -14.080 1.00 41.94  ? 19  ASP A CB  1 
ATOM   156  C  CG  . ASP A 1 19  ? 5.793   5.560   -15.267 1.00 62.55  ? 19  ASP A CG  1 
ATOM   157  O  OD1 . ASP A 1 19  ? 6.950   5.255   -15.625 1.00 60.68  ? 19  ASP A OD1 1 
ATOM   158  O  OD2 . ASP A 1 19  ? 4.764   5.169   -15.866 1.00 64.70  ? 19  ASP A OD2 1 
ATOM   159  N  N   . ASN A 1 20  ? 8.096   4.433   -13.450 1.00 41.43  ? 20  ASN A N   1 
ATOM   160  C  CA  A ASN A 1 20  ? 9.461   4.009   -13.764 0.71 43.12  ? 20  ASN A CA  1 
ATOM   161  C  CA  B ASN A 1 20  ? 9.491   4.156   -13.794 0.29 43.01  ? 20  ASN A CA  1 
ATOM   162  C  C   . ASN A 1 20  ? 9.670   3.746   -15.253 1.00 46.47  ? 20  ASN A C   1 
ATOM   163  O  O   . ASN A 1 20  ? 10.705  3.177   -15.619 1.00 54.87  ? 20  ASN A O   1 
ATOM   164  C  CB  A ASN A 1 20  ? 9.847   2.744   -12.971 0.71 34.84  ? 20  ASN A CB  1 
ATOM   165  C  CB  B ASN A 1 20  ? 10.084  3.112   -12.853 0.29 34.25  ? 20  ASN A CB  1 
ATOM   166  C  CG  A ASN A 1 20  ? 9.195   1.444   -13.519 0.71 32.76  ? 20  ASN A CG  1 
ATOM   167  C  CG  B ASN A 1 20  ? 10.336  3.670   -11.469 0.29 37.47  ? 20  ASN A CG  1 
ATOM   168  O  OD1 A ASN A 1 20  ? 8.273   1.475   -14.334 0.71 29.11  ? 20  ASN A OD1 1 
ATOM   169  O  OD1 B ASN A 1 20  ? 10.341  4.887   -11.265 0.29 42.50  ? 20  ASN A OD1 1 
ATOM   170  N  ND2 A ASN A 1 20  ? 9.666   0.297   -13.026 0.71 31.10  ? 20  ASN A ND2 1 
ATOM   171  N  ND2 B ASN A 1 20  ? 10.555  2.792   -10.512 0.29 32.70  ? 20  ASN A ND2 1 
ATOM   172  N  N   . GLY A 1 21  ? 8.705   4.078   -16.115 1.00 50.73  ? 21  GLY A N   1 
ATOM   173  C  CA  . GLY A 1 21  ? 8.838   3.810   -17.536 1.00 49.29  ? 21  GLY A CA  1 
ATOM   174  C  C   . GLY A 1 21  ? 8.746   2.354   -17.953 1.00 54.27  ? 21  GLY A C   1 
ATOM   175  O  O   . GLY A 1 21  ? 8.619   2.084   -19.156 1.00 51.04  ? 21  GLY A O   1 
ATOM   176  N  N   . LEU A 1 22  ? 8.822   1.409   -17.010 1.00 41.69  ? 22  LEU A N   1 
ATOM   177  C  CA  . LEU A 1 22  ? 8.682   -0.018  -17.270 1.00 33.88  ? 22  LEU A CA  1 
ATOM   178  C  C   . LEU A 1 22  ? 7.269   -0.520  -16.999 1.00 48.13  ? 22  LEU A C   1 
ATOM   179  O  O   . LEU A 1 22  ? 7.069   -1.725  -16.815 1.00 56.92  ? 22  LEU A O   1 
ATOM   180  C  CB  . LEU A 1 22  ? 9.685   -0.811  -16.429 1.00 45.60  ? 22  LEU A CB  1 
ATOM   181  C  CG  . LEU A 1 22  ? 10.872  -1.443  -17.154 1.00 48.45  ? 22  LEU A CG  1 
ATOM   182  C  CD1 . LEU A 1 22  ? 11.541  -0.426  -18.067 1.00 39.44  ? 22  LEU A CD1 1 
ATOM   183  C  CD2 . LEU A 1 22  ? 11.866  -2.024  -16.141 1.00 33.40  ? 22  LEU A CD2 1 
ATOM   184  N  N   . GLY A 1 23  ? 6.289   0.376   -16.962 1.00 33.07  ? 23  GLY A N   1 
ATOM   185  C  CA  . GLY A 1 23  ? 4.936   -0.010  -16.631 1.00 35.71  ? 23  GLY A CA  1 
ATOM   186  C  C   . GLY A 1 23  ? 4.628   -0.121  -15.152 1.00 38.94  ? 23  GLY A C   1 
ATOM   187  O  O   . GLY A 1 23  ? 3.554   -0.626  -14.797 1.00 40.72  ? 23  GLY A O   1 
ATOM   188  N  N   . ASN A 1 24  ? 5.513   0.342   -14.269 1.00 29.23  ? 24  ASN A N   1 
ATOM   189  C  CA  . ASN A 1 24  ? 5.235   0.289   -12.837 1.00 25.27  ? 24  ASN A CA  1 
ATOM   190  C  C   . ASN A 1 24  ? 4.776   1.657   -12.350 1.00 24.98  ? 24  ASN A C   1 
ATOM   191  O  O   . ASN A 1 24  ? 5.396   2.682   -12.660 1.00 26.71  ? 24  ASN A O   1 
ATOM   192  C  CB  . ASN A 1 24  ? 6.454   -0.223  -12.052 1.00 20.58  ? 24  ASN A CB  1 
ATOM   193  C  CG  . ASN A 1 24  ? 6.634   -1.741  -12.217 1.00 48.82  ? 24  ASN A CG  1 
ATOM   194  O  OD1 . ASN A 1 24  ? 5.678   -2.460  -12.563 1.00 42.01  ? 24  ASN A OD1 1 
ATOM   195  N  ND2 . ASN A 1 24  ? 7.839   -2.230  -11.975 1.00 41.76  ? 24  ASN A ND2 1 
ATOM   196  N  N   . LEU A 1 25  ? 3.671   1.670   -11.604 1.00 23.18  ? 25  LEU A N   1 
ATOM   197  C  CA  . LEU A 1 25  ? 3.055   2.889   -11.102 1.00 22.63  ? 25  LEU A CA  1 
ATOM   198  C  C   . LEU A 1 25  ? 2.967   2.846   -9.580  1.00 16.42  ? 25  LEU A C   1 
ATOM   199  O  O   . LEU A 1 25  ? 2.609   1.811   -9.012  1.00 18.66  ? 25  LEU A O   1 
ATOM   200  C  CB  . LEU A 1 25  ? 1.637   3.046   -11.679 1.00 23.26  ? 25  LEU A CB  1 
ATOM   201  C  CG  . LEU A 1 25  ? 1.651   3.092   -13.208 1.00 32.97  ? 25  LEU A CG  1 
ATOM   202  C  CD1 . LEU A 1 25  ? 0.250   3.186   -13.699 1.00 51.86  ? 25  LEU A CD1 1 
ATOM   203  C  CD2 . LEU A 1 25  ? 2.481   4.275   -13.690 1.00 34.86  ? 25  LEU A CD2 1 
ATOM   204  N  N   . TRP A 1 26  ? 3.252   3.982   -8.953  1.00 17.06  ? 26  TRP A N   1 
ATOM   205  C  CA  . TRP A 1 26  ? 3.115   4.187   -7.512  1.00 16.31  ? 26  TRP A CA  1 
ATOM   206  C  C   . TRP A 1 26  ? 2.152   5.323   -7.241  1.00 13.55  ? 26  TRP A C   1 
ATOM   207  O  O   . TRP A 1 26  ? 2.225   6.372   -7.882  1.00 16.40  ? 26  TRP A O   1 
ATOM   208  C  CB  . TRP A 1 26  ? 4.446   4.549   -6.845  1.00 18.04  ? 26  TRP A CB  1 
ATOM   209  C  CG  . TRP A 1 26  ? 5.443   3.424   -6.729  1.00 19.83  ? 26  TRP A CG  1 
ATOM   210  C  CD1 . TRP A 1 26  ? 5.738   2.688   -5.615  1.00 15.65  ? 26  TRP A CD1 1 
ATOM   211  C  CD2 . TRP A 1 26  ? 6.254   2.903   -7.790  1.00 20.44  ? 26  TRP A CD2 1 
ATOM   212  N  NE1 . TRP A 1 26  ? 6.722   1.732   -5.925  1.00 18.56  ? 26  TRP A NE1 1 
ATOM   213  C  CE2 . TRP A 1 26  ? 7.052   1.868   -7.247  1.00 19.52  ? 26  TRP A CE2 1 
ATOM   214  C  CE3 . TRP A 1 26  ? 6.381   3.217   -9.146  1.00 22.46  ? 26  TRP A CE3 1 
ATOM   215  C  CZ2 . TRP A 1 26  ? 7.923   1.120   -8.028  1.00 21.80  ? 26  TRP A CZ2 1 
ATOM   216  C  CZ3 . TRP A 1 26  ? 7.287   2.491   -9.918  1.00 27.43  ? 26  TRP A CZ3 1 
ATOM   217  C  CH2 . TRP A 1 26  ? 8.036   1.453   -9.351  1.00 31.39  ? 26  TRP A CH2 1 
ATOM   218  N  N   . VAL A 1 27  ? 1.271   5.125   -6.252  1.00 16.22  ? 27  VAL A N   1 
ATOM   219  C  CA  . VAL A 1 27  ? 0.453   6.197   -5.679  1.00 13.95  ? 27  VAL A CA  1 
ATOM   220  C  C   . VAL A 1 27  ? 0.877   6.345   -4.223  1.00 15.08  ? 27  VAL A C   1 
ATOM   221  O  O   . VAL A 1 27  ? 0.920   5.347   -3.496  1.00 15.49  ? 27  VAL A O   1 
ATOM   222  C  CB  . VAL A 1 27  ? -1.051  5.884   -5.762  1.00 16.98  ? 27  VAL A CB  1 
ATOM   223  C  CG1 . VAL A 1 27  ? -1.876  6.947   -5.029  1.00 14.42  ? 27  VAL A CG1 1 
ATOM   224  C  CG2 . VAL A 1 27  ? -1.488  5.807   -7.246  1.00 19.05  ? 27  VAL A CG2 1 
ATOM   225  N  N   . VAL A 1 28  ? 1.194   7.569   -3.813  1.00 17.04  ? 28  VAL A N   1 
ATOM   226  C  CA  . VAL A 1 28  ? 1.621   7.878   -2.437  1.00 12.17  ? 28  VAL A CA  1 
ATOM   227  C  C   . VAL A 1 28  ? 0.419   8.365   -1.666  1.00 16.74  ? 28  VAL A C   1 
ATOM   228  O  O   . VAL A 1 28  ? -0.208  9.381   -2.026  1.00 19.17  ? 28  VAL A O   1 
ATOM   229  C  CB  . VAL A 1 28  ? 2.743   8.929   -2.434  1.00 19.46  ? 28  VAL A CB  1 
ATOM   230  C  CG1 . VAL A 1 28  ? 3.180   9.253   -1.017  1.00 19.06  ? 28  VAL A CG1 1 
ATOM   231  C  CG2 . VAL A 1 28  ? 3.911   8.440   -3.256  1.00 23.62  ? 28  VAL A CG2 1 
ATOM   232  N  N   . LEU A 1 29  ? 0.056   7.616   -0.609  1.00 16.91  ? 29  LEU A N   1 
ATOM   233  C  CA  . LEU A 1 29  ? -1.110  7.977   0.177   1.00 15.29  ? 29  LEU A CA  1 
ATOM   234  C  C   . LEU A 1 29  ? -0.694  8.549   1.520   1.00 22.04  ? 29  LEU A C   1 
ATOM   235  O  O   . LEU A 1 29  ? 0.218   8.010   2.149   1.00 18.30  ? 29  LEU A O   1 
ATOM   236  C  CB  . LEU A 1 29  ? -2.001  6.758   0.460   1.00 13.93  ? 29  LEU A CB  1 
ATOM   237  C  CG  . LEU A 1 29  ? -2.606  6.028   -0.719  1.00 15.36  ? 29  LEU A CG  1 
ATOM   238  C  CD1 . LEU A 1 29  ? -3.383  4.844   -0.203  1.00 16.78  ? 29  LEU A CD1 1 
ATOM   239  C  CD2 . LEU A 1 29  ? -3.521  7.000   -1.482  1.00 20.67  ? 29  LEU A CD2 1 
ATOM   240  N  N   . PRO A 1 30  ? -1.370  9.602   1.985   1.00 24.22  ? 30  PRO A N   1 
ATOM   241  C  CA  A PRO A 1 30  ? -1.157  10.051  3.365   0.61 19.09  ? 30  PRO A CA  1 
ATOM   242  C  CA  B PRO A 1 30  ? -1.156  10.051  3.365   0.39 19.11  ? 30  PRO A CA  1 
ATOM   243  C  C   . PRO A 1 30  ? -1.657  8.996   4.330   1.00 16.90  ? 30  PRO A C   1 
ATOM   244  O  O   . PRO A 1 30  ? -2.682  8.354   4.093   1.00 17.70  ? 30  PRO A O   1 
ATOM   245  C  CB  A PRO A 1 30  ? -2.016  11.322  3.464   0.61 21.55  ? 30  PRO A CB  1 
ATOM   246  C  CB  B PRO A 1 30  ? -2.004  11.332  3.463   0.39 21.54  ? 30  PRO A CB  1 
ATOM   247  C  CG  A PRO A 1 30  ? -3.128  11.095  2.502   0.61 16.46  ? 30  PRO A CG  1 
ATOM   248  C  CG  B PRO A 1 30  ? -2.318  11.723  2.038   0.39 14.16  ? 30  PRO A CG  1 
ATOM   249  C  CD  A PRO A 1 30  ? -2.526  10.262  1.362   0.61 19.89  ? 30  PRO A CD  1 
ATOM   250  C  CD  B PRO A 1 30  ? -2.364  10.420  1.280   0.39 20.03  ? 30  PRO A CD  1 
ATOM   251  N  N   . ARG A 1 31  ? -0.937  8.837   5.442   1.00 18.07  ? 31  ARG A N   1 
ATOM   252  C  CA  . ARG A 1 31  ? -1.324  7.813   6.417   1.00 18.29  ? 31  ARG A CA  1 
ATOM   253  C  C   . ARG A 1 31  ? -2.767  7.998   6.888   1.00 18.74  ? 31  ARG A C   1 
ATOM   254  O  O   . ARG A 1 31  ? -3.485  7.019   7.108   1.00 18.03  ? 31  ARG A O   1 
ATOM   255  C  CB  . ARG A 1 31  ? -0.330  7.845   7.590   1.00 22.72  ? 31  ARG A CB  1 
ATOM   256  C  CG  . ARG A 1 31  ? -0.470  6.716   8.539   1.00 34.56  ? 31  ARG A CG  1 
ATOM   257  C  CD  . ARG A 1 31  ? 0.790   6.600   9.429   1.00 27.13  ? 31  ARG A CD  1 
ATOM   258  N  NE  . ARG A 1 31  ? 0.923   7.721   10.376  1.00 24.79  ? 31  ARG A NE  1 
ATOM   259  C  CZ  . ARG A 1 31  ? 1.354   7.575   11.623  1.00 20.96  ? 31  ARG A CZ  1 
ATOM   260  N  NH1 . ARG A 1 31  ? 1.679   6.354   12.052  1.00 17.38  ? 31  ARG A NH1 1 
ATOM   261  N  NH2 . ARG A 1 31  ? 1.493   8.645   12.438  1.00 18.85  ? 31  ARG A NH2 1 
ATOM   262  N  N   . GLU A 1 32  ? -3.223  9.253   7.017   1.00 17.44  ? 32  GLU A N   1 
ATOM   263  C  CA  . GLU A 1 32  ? -4.564  9.530   7.504   1.00 17.94  ? 32  GLU A CA  1 
ATOM   264  C  C   . GLU A 1 32  ? -5.660  9.068   6.548   1.00 18.74  ? 32  GLU A C   1 
ATOM   265  O  O   . GLU A 1 32  ? -6.784  8.846   6.994   1.00 23.36  ? 32  GLU A O   1 
ATOM   266  C  CB  . GLU A 1 32  ? -4.713  11.035  7.757   1.00 26.81  ? 32  GLU A CB  1 
ATOM   267  C  CG  . GLU A 1 32  ? -3.816  11.590  8.840   1.00 43.54  ? 32  GLU A CG  1 
ATOM   268  C  CD  . GLU A 1 32  ? -2.345  11.750  8.433   1.00 58.93  ? 32  GLU A CD  1 
ATOM   269  O  OE1 . GLU A 1 32  ? -2.011  11.667  7.214   1.00 29.04  ? 32  GLU A OE1 1 
ATOM   270  O  OE2 . GLU A 1 32  ? -1.525  11.977  9.361   1.00 52.40  ? 32  GLU A OE2 1 
ATOM   271  N  N   . ARG A 1 33  ? -5.352  8.897   5.253   1.00 17.98  ? 33  ARG A N   1 
ATOM   272  C  CA  . ARG A 1 33  ? -6.332  8.454   4.248   1.00 19.22  ? 33  ARG A CA  1 
ATOM   273  C  C   . ARG A 1 33  ? -6.093  7.019   3.795   1.00 19.57  ? 33  ARG A C   1 
ATOM   274  O  O   . ARG A 1 33  ? -6.872  6.499   2.972   1.00 19.13  ? 33  ARG A O   1 
ATOM   275  C  CB  . ARG A 1 33  ? -6.285  9.371   3.008   1.00 24.68  ? 33  ARG A CB  1 
ATOM   276  C  CG  . ARG A 1 33  ? -6.665  10.826  3.289   1.00 30.32  ? 33  ARG A CG  1 
ATOM   277  C  CD  . ARG A 1 33  ? -8.021  11.155  2.668   1.00 47.24  ? 33  ARG A CD  1 
ATOM   278  N  NE  . ARG A 1 33  ? -8.283  12.594  2.680   1.00 77.25  ? 33  ARG A NE  1 
ATOM   279  C  CZ  . ARG A 1 33  ? -8.125  13.410  1.637   1.00 86.42  ? 33  ARG A CZ  1 
ATOM   280  N  NH1 . ARG A 1 33  ? -7.712  12.939  0.466   1.00 48.62  ? 33  ARG A NH1 1 
ATOM   281  N  NH2 . ARG A 1 33  ? -8.393  14.706  1.761   1.00 97.68  ? 33  ARG A NH2 1 
ATOM   282  N  N   . PHE A 1 34  ? -5.079  6.360   4.353   1.00 16.48  ? 34  PHE A N   1 
ATOM   283  C  CA  . PHE A 1 34  ? -4.619  5.067   3.840   1.00 16.28  ? 34  PHE A CA  1 
ATOM   284  C  C   . PHE A 1 34  ? -5.716  4.006   3.920   1.00 18.63  ? 34  PHE A C   1 
ATOM   285  O  O   . PHE A 1 34  ? -6.012  3.350   2.922   1.00 17.26  ? 34  PHE A O   1 
ATOM   286  C  CB  . PHE A 1 34  ? -3.326  4.644   4.605   1.00 17.12  ? 34  PHE A CB  1 
ATOM   287  C  CG  . PHE A 1 34  ? -2.942  3.172   4.439   1.00 14.46  ? 34  PHE A CG  1 
ATOM   288  C  CD1 . PHE A 1 34  ? -2.267  2.721   3.302   1.00 16.05  ? 34  PHE A CD1 1 
ATOM   289  C  CD2 . PHE A 1 34  ? -3.242  2.246   5.435   1.00 17.58  ? 34  PHE A CD2 1 
ATOM   290  C  CE1 . PHE A 1 34  ? -1.950  1.393   3.170   1.00 16.03  ? 34  PHE A CE1 1 
ATOM   291  C  CE2 . PHE A 1 34  ? -2.919  0.895   5.296   1.00 17.74  ? 34  PHE A CE2 1 
ATOM   292  C  CZ  . PHE A 1 34  ? -2.275  0.464   4.160   1.00 14.53  ? 34  PHE A CZ  1 
ATOM   293  N  N   . LYS A 1 35  ? -6.334  3.806   5.097   1.00 18.75  ? 35  LYS A N   1 
ATOM   294  C  CA  . LYS A 1 35  ? -7.244  2.664   5.202   1.00 17.17  ? 35  LYS A CA  1 
ATOM   295  C  C   . LYS A 1 35  ? -8.486  2.864   4.346   1.00 19.90  ? 35  LYS A C   1 
ATOM   296  O  O   . LYS A 1 35  ? -8.952  1.916   3.700   1.00 18.73  ? 35  LYS A O   1 
ATOM   297  C  CB  . LYS A 1 35  ? -7.655  2.395   6.653   1.00 16.74  ? 35  LYS A CB  1 
ATOM   298  C  CG  . LYS A 1 35  ? -8.537  1.158   6.807   1.00 19.72  ? 35  LYS A CG  1 
ATOM   299  C  CD  . LYS A 1 35  ? -7.838  -0.096  6.396   1.00 18.05  ? 35  LYS A CD  1 
ATOM   300  C  CE  . LYS A 1 35  ? -8.674  -1.331  6.564   1.00 22.12  ? 35  LYS A CE  1 
ATOM   301  N  NZ  . LYS A 1 35  ? -9.119  -1.544  7.926   1.00 31.75  ? 35  LYS A NZ  1 
ATOM   302  N  N   . GLU A 1 36  ? -9.048  4.088   4.349   1.00 16.32  ? 36  GLU A N   1 
ATOM   303  C  CA  A GLU A 1 36  ? -10.202 4.382   3.511   0.54 19.37  ? 36  GLU A CA  1 
ATOM   304  C  CA  B GLU A 1 36  ? -10.203 4.374   3.505   0.46 19.39  ? 36  GLU A CA  1 
ATOM   305  C  C   . GLU A 1 36  ? -9.891  4.084   2.045   1.00 17.78  ? 36  GLU A C   1 
ATOM   306  O  O   . GLU A 1 36  ? -10.712 3.507   1.327   1.00 18.34  ? 36  GLU A O   1 
ATOM   307  C  CB  A GLU A 1 36  ? -10.612 5.850   3.697   0.54 23.46  ? 36  GLU A CB  1 
ATOM   308  C  CB  B GLU A 1 36  ? -10.631 5.834   3.624   0.46 23.48  ? 36  GLU A CB  1 
ATOM   309  C  CG  A GLU A 1 36  ? -11.696 6.345   2.735   0.54 31.65  ? 36  GLU A CG  1 
ATOM   310  C  CG  B GLU A 1 36  ? -10.960 6.368   4.975   0.46 34.66  ? 36  GLU A CG  1 
ATOM   311  C  CD  A GLU A 1 36  ? -11.760 7.877   2.604   0.54 38.80  ? 36  GLU A CD  1 
ATOM   312  C  CD  B GLU A 1 36  ? -10.896 7.881   4.952   0.46 34.96  ? 36  GLU A CD  1 
ATOM   313  O  OE1 A GLU A 1 36  ? -10.936 8.607   3.226   0.54 31.82  ? 36  GLU A OE1 1 
ATOM   314  O  OE1 B GLU A 1 36  ? -11.761 8.484   4.282   0.46 31.78  ? 36  GLU A OE1 1 
ATOM   315  O  OE2 A GLU A 1 36  ? -12.647 8.345   1.855   0.54 40.14  ? 36  GLU A OE2 1 
ATOM   316  O  OE2 B GLU A 1 36  ? -9.958  8.459   5.545   0.46 17.82  ? 36  GLU A OE2 1 
ATOM   317  N  N   . GLU A 1 37  ? -8.722  4.527   1.575   1.00 16.92  ? 37  GLU A N   1 
ATOM   318  C  CA  . GLU A 1 37  ? -8.399  4.329   0.163   1.00 16.41  ? 37  GLU A CA  1 
ATOM   319  C  C   . GLU A 1 37  ? -8.124  2.862   -0.129  1.00 17.49  ? 37  GLU A C   1 
ATOM   320  O  O   . GLU A 1 37  ? -8.554  2.354   -1.167  1.00 17.91  ? 37  GLU A O   1 
ATOM   321  C  CB  . GLU A 1 37  ? -7.218  5.190   -0.291  1.00 17.99  ? 37  GLU A CB  1 
ATOM   322  C  CG  . GLU A 1 37  ? -7.419  6.737   -0.219  1.00 20.01  ? 37  GLU A CG  1 
ATOM   323  C  CD  . GLU A 1 37  ? -8.588  7.268   -1.072  1.00 34.83  ? 37  GLU A CD  1 
ATOM   324  O  OE1 . GLU A 1 37  ? -9.267  6.483   -1.788  1.00 27.79  ? 37  GLU A OE1 1 
ATOM   325  O  OE2 . GLU A 1 37  ? -8.830  8.497   -0.990  1.00 26.38  ? 37  GLU A OE2 1 
ATOM   326  N  N   . MET A 1 38  ? -7.431  2.150   0.772   1.00 15.25  ? 38  MET A N   1 
ATOM   327  C  CA  . MET A 1 38  ? -7.245  0.715   0.541   1.00 13.59  ? 38  MET A CA  1 
ATOM   328  C  C   . MET A 1 38  ? -8.597  -0.003  0.435   1.00 19.56  ? 38  MET A C   1 
ATOM   329  O  O   . MET A 1 38  ? -8.788  -0.883  -0.416  1.00 17.01  ? 38  MET A O   1 
ATOM   330  C  CB  . MET A 1 38  ? -6.369  0.096   1.632   1.00 18.11  ? 38  MET A CB  1 
ATOM   331  C  CG  . MET A 1 38  ? -4.946  0.678   1.653   1.00 13.75  ? 38  MET A CG  1 
ATOM   332  S  SD  . MET A 1 38  ? -4.005  0.367   0.119   1.00 17.13  ? 38  MET A SD  1 
ATOM   333  C  CE  . MET A 1 38  ? -3.341  -1.284  0.400   1.00 16.31  ? 38  MET A CE  1 
ATOM   334  N  N   . ALA A 1 39  ? -9.544  0.362   1.287   1.00 16.86  ? 39  ALA A N   1 
ATOM   335  C  CA  . ALA A 1 39  ? -10.846 -0.289  1.199   1.00 18.00  ? 39  ALA A CA  1 
ATOM   336  C  C   . ALA A 1 39  ? -11.521 0.040   -0.127  1.00 18.46  ? 39  ALA A C   1 
ATOM   337  O  O   . ALA A 1 39  ? -12.245 -0.795  -0.697  1.00 18.91  ? 39  ALA A O   1 
ATOM   338  C  CB  . ALA A 1 39  ? -11.713 0.127   2.372   1.00 15.81  ? 39  ALA A CB  1 
ATOM   339  N  N   . HIS A 1 40  ? -11.327 1.267   -0.612  1.00 17.36  ? 40  HIS A N   1 
ATOM   340  C  CA  . HIS A 1 40  ? -11.891 1.665   -1.902  1.00 15.50  ? 40  HIS A CA  1 
ATOM   341  C  C   . HIS A 1 40  ? -11.237 0.877   -3.036  1.00 19.16  ? 40  HIS A C   1 
ATOM   342  O  O   . HIS A 1 40  ? -11.919 0.453   -3.980  1.00 18.16  ? 40  HIS A O   1 
ATOM   343  C  CB  . HIS A 1 40  ? -11.725 3.185   -2.097  1.00 19.35  ? 40  HIS A CB  1 
ATOM   344  C  CG  . HIS A 1 40  ? -12.255 3.713   -3.413  1.00 18.28  ? 40  HIS A CG  1 
ATOM   345  N  ND1 . HIS A 1 40  ? -13.586 3.625   -3.780  1.00 21.63  ? 40  HIS A ND1 1 
ATOM   346  C  CD2 . HIS A 1 40  ? -11.631 4.354   -4.434  1.00 18.78  ? 40  HIS A CD2 1 
ATOM   347  C  CE1 . HIS A 1 40  ? -13.756 4.193   -4.962  1.00 26.20  ? 40  HIS A CE1 1 
ATOM   348  N  NE2 . HIS A 1 40  ? -12.588 4.642   -5.382  1.00 23.01  ? 40  HIS A NE2 1 
ATOM   349  N  N   . TYR A 1 41  ? -9.913  0.675   -2.970  1.00 19.08  ? 41  TYR A N   1 
ATOM   350  C  CA  . TYR A 1 41  ? -9.251  -0.142  -3.997  1.00 17.67  ? 41  TYR A CA  1 
ATOM   351  C  C   . TYR A 1 41  ? -9.784  -1.565  -3.990  1.00 18.90  ? 41  TYR A C   1 
ATOM   352  O  O   . TYR A 1 41  ? -10.008 -2.153  -5.057  1.00 17.76  ? 41  TYR A O   1 
ATOM   353  C  CB  . TYR A 1 41  ? -7.734  -0.153  -3.791  1.00 17.25  ? 41  TYR A CB  1 
ATOM   354  C  CG  . TYR A 1 41  ? -7.064  1.182   -3.965  1.00 14.05  ? 41  TYR A CG  1 
ATOM   355  C  CD1 . TYR A 1 41  ? -7.527  2.101   -4.895  1.00 16.59  ? 41  TYR A CD1 1 
ATOM   356  C  CD2 . TYR A 1 41  ? -5.941  1.521   -3.197  1.00 13.54  ? 41  TYR A CD2 1 
ATOM   357  C  CE1 . TYR A 1 41  ? -6.901  3.337   -5.080  1.00 13.94  ? 41  TYR A CE1 1 
ATOM   358  C  CE2 . TYR A 1 41  ? -5.313  2.718   -3.351  1.00 13.85  ? 41  TYR A CE2 1 
ATOM   359  C  CZ  . TYR A 1 41  ? -5.777  3.638   -4.273  1.00 20.24  ? 41  TYR A CZ  1 
ATOM   360  O  OH  . TYR A 1 41  ? -5.100  4.835   -4.397  1.00 18.27  ? 41  TYR A OH  1 
ATOM   361  N  N   . LYS A 1 42  ? -10.039 -2.129  -2.798  1.00 16.67  ? 42  LYS A N   1 
ATOM   362  C  CA  . LYS A 1 42  ? -10.609 -3.474  -2.733  1.00 18.83  ? 42  LYS A CA  1 
ATOM   363  C  C   . LYS A 1 42  ? -11.976 -3.496  -3.391  1.00 19.88  ? 42  LYS A C   1 
ATOM   364  O  O   . LYS A 1 42  ? -12.265 -4.378  -4.214  1.00 22.30  ? 42  LYS A O   1 
ATOM   365  C  CB  . LYS A 1 42  ? -10.718 -3.942  -1.284  1.00 21.44  ? 42  LYS A CB  1 
ATOM   366  C  CG  . LYS A 1 42  ? -11.446 -5.321  -1.083  1.00 22.88  ? 42  LYS A CG  1 
ATOM   367  C  CD  . LYS A 1 42  ? -10.642 -6.521  -1.559  1.00 32.11  ? 42  LYS A CD  1 
ATOM   368  C  CE  . LYS A 1 42  ? -11.379 -7.858  -1.258  1.00 33.04  ? 42  LYS A CE  1 
ATOM   369  N  NZ  . LYS A 1 42  ? -11.769 -7.924  0.179   1.00 38.03  ? 42  LYS A NZ  1 
ATOM   370  N  N   . ALA A 1 43  ? -12.803 -2.490  -3.085  1.00 20.02  ? 43  ALA A N   1 
ATOM   371  C  CA  . ALA A 1 43  ? -14.141 -2.403  -3.686  1.00 19.82  ? 43  ALA A CA  1 
ATOM   372  C  C   . ALA A 1 43  ? -14.072 -2.235  -5.201  1.00 21.24  ? 43  ALA A C   1 
ATOM   373  O  O   . ALA A 1 43  ? -14.966 -2.720  -5.924  1.00 23.44  ? 43  ALA A O   1 
ATOM   374  C  CB  . ALA A 1 43  ? -14.902 -1.246  -3.041  1.00 19.00  ? 43  ALA A CB  1 
ATOM   375  N  N   . MET A 1 44  ? -13.027 -1.566  -5.702  1.00 19.58  ? 44  MET A N   1 
ATOM   376  C  CA  . MET A 1 44  ? -12.840 -1.368  -7.134  1.00 19.49  ? 44  MET A CA  1 
ATOM   377  C  C   . MET A 1 44  ? -12.413 -2.638  -7.839  1.00 24.35  ? 44  MET A C   1 
ATOM   378  O  O   . MET A 1 44  ? -12.362 -2.643  -9.071  1.00 23.25  ? 44  MET A O   1 
ATOM   379  C  CB  . MET A 1 44  ? -11.808 -0.277  -7.418  1.00 21.22  ? 44  MET A CB  1 
ATOM   380  C  CG  . MET A 1 44  ? -12.319 1.146   -7.250  1.00 29.97  ? 44  MET A CG  1 
ATOM   381  S  SD  . MET A 1 44  ? -10.951 2.289   -7.583  1.00 38.42  ? 44  MET A SD  1 
ATOM   382  C  CE  . MET A 1 44  ? -10.527 1.721   -9.228  1.00 24.61  ? 44  MET A CE  1 
ATOM   383  N  N   . GLY A 1 45  ? -12.116 -3.701  -7.104  1.00 19.18  ? 45  GLY A N   1 
ATOM   384  C  CA  . GLY A 1 45  ? -11.704 -4.942  -7.700  1.00 24.55  ? 45  GLY A CA  1 
ATOM   385  C  C   . GLY A 1 45  ? -10.233 -5.286  -7.622  1.00 23.53  ? 45  GLY A C   1 
ATOM   386  O  O   . GLY A 1 45  ? -9.814  -6.233  -8.300  1.00 20.51  ? 45  GLY A O   1 
ATOM   387  N  N   . PHE A 1 46  ? -9.429  -4.572  -6.819  1.00 19.46  ? 46  PHE A N   1 
ATOM   388  C  CA  . PHE A 1 46  ? -8.049  -5.007  -6.590  1.00 16.06  ? 46  PHE A CA  1 
ATOM   389  C  C   . PHE A 1 46  ? -8.146  -6.077  -5.519  1.00 19.12  ? 46  PHE A C   1 
ATOM   390  O  O   . PHE A 1 46  ? -8.120  -5.801  -4.306  1.00 20.25  ? 46  PHE A O   1 
ATOM   391  C  CB  . PHE A 1 46  ? -7.152  -3.826  -6.208  1.00 16.54  ? 46  PHE A CB  1 
ATOM   392  C  CG  . PHE A 1 46  ? -6.897  -2.904  -7.371  1.00 12.88  ? 46  PHE A CG  1 
ATOM   393  C  CD1 . PHE A 1 46  ? -5.872  -3.174  -8.264  1.00 14.48  ? 46  PHE A CD1 1 
ATOM   394  C  CD2 . PHE A 1 46  ? -7.749  -1.836  -7.620  1.00 17.01  ? 46  PHE A CD2 1 
ATOM   395  C  CE1 . PHE A 1 46  ? -5.648  -2.356  -9.328  1.00 15.88  ? 46  PHE A CE1 1 
ATOM   396  C  CE2 . PHE A 1 46  ? -7.521  -1.012  -8.682  1.00 15.75  ? 46  PHE A CE2 1 
ATOM   397  C  CZ  . PHE A 1 46  ? -6.484  -1.288  -9.557  1.00 21.51  ? 46  PHE A CZ  1 
ATOM   398  N  N   . ASN A 1 47  ? -8.337  -7.316  -5.982  1.00 16.84  ? 47  ASN A N   1 
ATOM   399  C  CA  A ASN A 1 47  ? -8.687  -8.439  -5.124  0.53 20.78  ? 47  ASN A CA  1 
ATOM   400  C  CA  B ASN A 1 47  ? -8.686  -8.407  -5.085  0.47 20.71  ? 47  ASN A CA  1 
ATOM   401  C  C   . ASN A 1 47  ? -7.478  -9.180  -4.565  1.00 19.48  ? 47  ASN A C   1 
ATOM   402  O  O   . ASN A 1 47  ? -7.639  -10.017 -3.663  1.00 23.36  ? 47  ASN A O   1 
ATOM   403  C  CB  A ASN A 1 47  ? -9.608  -9.428  -5.882  0.53 21.72  ? 47  ASN A CB  1 
ATOM   404  C  CB  B ASN A 1 47  ? -9.661  -9.360  -5.792  0.47 21.89  ? 47  ASN A CB  1 
ATOM   405  C  CG  A ASN A 1 47  ? -9.207  -9.659  -7.350  0.53 23.32  ? 47  ASN A CG  1 
ATOM   406  C  CG  B ASN A 1 47  ? -11.082 -8.805  -5.840  0.47 21.96  ? 47  ASN A CG  1 
ATOM   407  O  OD1 A ASN A 1 47  ? -8.131  -9.280  -7.810  0.53 16.97  ? 47  ASN A OD1 1 
ATOM   408  O  OD1 B ASN A 1 47  ? -11.505 -8.072  -4.944  0.47 26.15  ? 47  ASN A OD1 1 
ATOM   409  N  ND2 A ASN A 1 47  ? -10.092 -10.324 -8.085  0.53 34.24  ? 47  ASN A ND2 1 
ATOM   410  N  ND2 B ASN A 1 47  ? -11.823 -9.167  -6.880  0.47 35.76  ? 47  ASN A ND2 1 
ATOM   411  N  N   . PHE A 1 48  ? -6.290  -8.881  -5.039  1.00 17.71  ? 48  PHE A N   1 
ATOM   412  C  CA  . PHE A 1 48  ? -5.110  -9.652  -4.681  1.00 16.05  ? 48  PHE A CA  1 
ATOM   413  C  C   . PHE A 1 48  ? -4.045  -8.692  -4.172  1.00 20.90  ? 48  PHE A C   1 
ATOM   414  O  O   . PHE A 1 48  ? -3.566  -7.842  -4.926  1.00 16.15  ? 48  PHE A O   1 
ATOM   415  C  CB  . PHE A 1 48  ? -4.593  -10.435 -5.876  1.00 18.58  ? 48  PHE A CB  1 
ATOM   416  C  CG  . PHE A 1 48  ? -3.351  -11.235 -5.585  1.00 16.31  ? 48  PHE A CG  1 
ATOM   417  C  CD1 . PHE A 1 48  ? -3.311  -12.154 -4.560  1.00 29.17  ? 48  PHE A CD1 1 
ATOM   418  C  CD2 . PHE A 1 48  ? -2.237  -11.077 -6.349  1.00 21.43  ? 48  PHE A CD2 1 
ATOM   419  C  CE1 . PHE A 1 48  ? -2.143  -12.878 -4.306  1.00 25.24  ? 48  PHE A CE1 1 
ATOM   420  C  CE2 . PHE A 1 48  ? -1.103  -11.804 -6.091  1.00 23.58  ? 48  PHE A CE2 1 
ATOM   421  C  CZ  . PHE A 1 48  ? -1.079  -12.698 -5.081  1.00 26.45  ? 48  PHE A CZ  1 
ATOM   422  N  N   . LEU A 1 49  ? -3.697  -8.814  -2.903  1.00 16.85  ? 49  LEU A N   1 
ATOM   423  C  CA  . LEU A 1 49  ? -2.555  -8.097  -2.344  1.00 12.59  ? 49  LEU A CA  1 
ATOM   424  C  C   . LEU A 1 49  ? -1.363  -9.018  -2.483  1.00 15.17  ? 49  LEU A C   1 
ATOM   425  O  O   . LEU A 1 49  ? -1.260  -10.024 -1.757  1.00 18.49  ? 49  LEU A O   1 
ATOM   426  C  CB  . LEU A 1 49  ? -2.809  -7.723  -0.876  1.00 16.96  ? 49  LEU A CB  1 
ATOM   427  C  CG  . LEU A 1 49  ? -1.575  -7.181  -0.131  1.00 20.21  ? 49  LEU A CG  1 
ATOM   428  C  CD1 . LEU A 1 49  ? -1.165  -5.862  -0.720  1.00 17.13  ? 49  LEU A CD1 1 
ATOM   429  C  CD2 . LEU A 1 49  ? -1.897  -7.045  1.373   1.00 17.35  ? 49  LEU A CD2 1 
ATOM   430  N  N   . ALA A 1 50  ? -0.486  -8.688  -3.430  1.00 13.33  ? 50  ALA A N   1 
ATOM   431  C  CA  . ALA A 1 50  ? 0.617   -9.572  -3.790  1.00 14.10  ? 50  ALA A CA  1 
ATOM   432  C  C   . ALA A 1 50  ? 1.777   -9.495  -2.806  1.00 17.46  ? 50  ALA A C   1 
ATOM   433  O  O   . ALA A 1 50  ? 2.458   -10.506 -2.576  1.00 19.60  ? 50  ALA A O   1 
ATOM   434  C  CB  . ALA A 1 50  ? 1.135   -9.223  -5.178  1.00 19.62  ? 50  ALA A CB  1 
ATOM   435  N  N   . ASP A 1 51  ? 2.011   -8.324  -2.213  1.00 16.37  ? 51  ASP A N   1 
ATOM   436  C  CA  . ASP A 1 51  ? 3.295   -8.082  -1.535  1.00 14.75  ? 51  ASP A CA  1 
ATOM   437  C  C   . ASP A 1 51  ? 3.146   -6.856  -0.643  1.00 14.97  ? 51  ASP A C   1 
ATOM   438  O  O   . ASP A 1 51  ? 2.341   -5.970  -0.925  1.00 14.29  ? 51  ASP A O   1 
ATOM   439  C  CB  . ASP A 1 51  ? 4.393   -7.844  -2.582  1.00 16.09  ? 51  ASP A CB  1 
ATOM   440  C  CG  . ASP A 1 51  ? 5.777   -8.311  -2.142  1.00 17.69  ? 51  ASP A CG  1 
ATOM   441  O  OD1 . ASP A 1 51  ? 6.007   -8.546  -0.934  1.00 19.46  ? 51  ASP A OD1 1 
ATOM   442  O  OD2 . ASP A 1 51  ? 6.612   -8.485  -3.053  1.00 21.66  ? 51  ASP A OD2 1 
ATOM   443  N  N   . ILE A 1 52  ? 3.933   -6.818  0.442   1.00 17.15  ? 52  ILE A N   1 
ATOM   444  C  CA  . ILE A 1 52  ? 4.150   -5.605  1.228   1.00 17.60  ? 52  ILE A CA  1 
ATOM   445  C  C   . ILE A 1 52  ? 5.650   -5.543  1.472   1.00 20.66  ? 52  ILE A C   1 
ATOM   446  O  O   . ILE A 1 52  ? 6.273   -6.575  1.735   1.00 21.07  ? 52  ILE A O   1 
ATOM   447  C  CB  . ILE A 1 52  ? 3.399   -5.621  2.563   1.00 13.66  ? 52  ILE A CB  1 
ATOM   448  C  CG1 . ILE A 1 52  ? 1.891   -5.801  2.397   1.00 15.96  ? 52  ILE A CG1 1 
ATOM   449  C  CG2 . ILE A 1 52  ? 3.654   -4.324  3.306   1.00 15.25  ? 52  ILE A CG2 1 
ATOM   450  C  CD1 . ILE A 1 52  ? 1.149   -5.942  3.702   1.00 16.44  ? 52  ILE A CD1 1 
ATOM   451  N  N   . VAL A 1 53  ? 6.253   -4.386  1.248   1.00 14.09  ? 53  VAL A N   1 
ATOM   452  C  CA  . VAL A 1 53  ? 7.700   -4.220  1.398   1.00 15.93  ? 53  VAL A CA  1 
ATOM   453  C  C   . VAL A 1 53  ? 7.920   -3.051  2.352   1.00 19.64  ? 53  VAL A C   1 
ATOM   454  O  O   . VAL A 1 53  ? 7.397   -1.957  2.117   1.00 15.54  ? 53  VAL A O   1 
ATOM   455  C  CB  . VAL A 1 53  ? 8.402   -3.962  0.053   1.00 17.97  ? 53  VAL A CB  1 
ATOM   456  C  CG1 . VAL A 1 53  ? 9.887   -3.557  0.294   1.00 21.39  ? 53  VAL A CG1 1 
ATOM   457  C  CG2 . VAL A 1 53  ? 8.303   -5.201  -0.852  1.00 21.72  ? 53  VAL A CG2 1 
ATOM   458  N  N   . GLY A 1 54  ? 8.700   -3.273  3.419   1.00 16.08  ? 54  GLY A N   1 
ATOM   459  C  CA  . GLY A 1 54  ? 9.081   -2.176  4.302   1.00 16.87  ? 54  GLY A CA  1 
ATOM   460  C  C   . GLY A 1 54  ? 10.372  -1.536  3.804   1.00 20.69  ? 54  GLY A C   1 
ATOM   461  O  O   . GLY A 1 54  ? 11.258  -2.203  3.234   1.00 16.93  ? 54  GLY A O   1 
ATOM   462  N  N   . LEU A 1 55  ? 10.482  -0.227  4.023   1.00 16.94  ? 55  LEU A N   1 
ATOM   463  C  CA  . LEU A 1 55  ? 11.616  0.577   3.569   1.00 18.51  ? 55  LEU A CA  1 
ATOM   464  C  C   . LEU A 1 55  ? 12.160  1.473   4.677   1.00 16.46  ? 55  LEU A C   1 
ATOM   465  O  O   . LEU A 1 55  ? 11.392  2.117   5.398   1.00 15.49  ? 55  LEU A O   1 
ATOM   466  C  CB  . LEU A 1 55  ? 11.206  1.439   2.367   1.00 18.15  ? 55  LEU A CB  1 
ATOM   467  C  CG  . LEU A 1 55  ? 10.730  0.703   1.121   1.00 19.40  ? 55  LEU A CG  1 
ATOM   468  C  CD1 . LEU A 1 55  ? 10.425  1.737   0.035   1.00 22.18  ? 55  LEU A CD1 1 
ATOM   469  C  CD2 . LEU A 1 55  ? 11.811  -0.306  0.600   1.00 18.05  ? 55  LEU A CD2 1 
ATOM   470  N  N   . ASP A 1 56  ? 13.501  1.527   4.781   1.00 14.01  ? 56  ASP A N   1 
ATOM   471  C  CA  . ASP A 1 56  ? 14.190  2.398   5.738   1.00 17.48  ? 56  ASP A CA  1 
ATOM   472  C  C   . ASP A 1 56  ? 15.134  3.285   4.956   1.00 24.90  ? 56  ASP A C   1 
ATOM   473  O  O   . ASP A 1 56  ? 16.105  2.787   4.367   1.00 22.60  ? 56  ASP A O   1 
ATOM   474  C  CB  . ASP A 1 56  ? 14.947  1.591   6.769   1.00 14.62  ? 56  ASP A CB  1 
ATOM   475  C  CG  . ASP A 1 56  ? 15.591  2.472   7.839   1.00 20.87  ? 56  ASP A CG  1 
ATOM   476  O  OD1 . ASP A 1 56  ? 15.565  3.730   7.778   1.00 21.08  ? 56  ASP A OD1 1 
ATOM   477  O  OD2 . ASP A 1 56  ? 16.147  1.870   8.762   1.00 23.54  ? 56  ASP A OD2 1 
ATOM   478  N  N   . TYR A 1 57  ? 14.831  4.576   4.923   1.00 18.78  ? 57  TYR A N   1 
ATOM   479  C  CA  . TYR A 1 57  ? 15.578  5.530   4.127   1.00 19.62  ? 57  TYR A CA  1 
ATOM   480  C  C   . TYR A 1 57  ? 16.755  6.098   4.887   1.00 27.39  ? 57  TYR A C   1 
ATOM   481  O  O   . TYR A 1 57  ? 17.455  6.967   4.360   1.00 25.17  ? 57  TYR A O   1 
ATOM   482  C  CB  . TYR A 1 57  ? 14.690  6.667   3.663   1.00 17.51  ? 57  TYR A CB  1 
ATOM   483  C  CG  . TYR A 1 57  ? 13.588  6.228   2.717   1.00 19.78  ? 57  TYR A CG  1 
ATOM   484  C  CD1 . TYR A 1 57  ? 13.872  5.718   1.464   1.00 17.95  ? 57  TYR A CD1 1 
ATOM   485  C  CD2 . TYR A 1 57  ? 12.271  6.346   3.093   1.00 21.92  ? 57  TYR A CD2 1 
ATOM   486  C  CE1 . TYR A 1 57  ? 12.842  5.321   0.614   1.00 20.88  ? 57  TYR A CE1 1 
ATOM   487  C  CE2 . TYR A 1 57  ? 11.256  5.964   2.267   1.00 19.84  ? 57  TYR A CE2 1 
ATOM   488  C  CZ  . TYR A 1 57  ? 11.532  5.465   1.037   1.00 20.67  ? 57  TYR A CZ  1 
ATOM   489  O  OH  . TYR A 1 57  ? 10.453  5.105   0.256   1.00 23.92  ? 57  TYR A OH  1 
ATOM   490  N  N   . LEU A 1 58  ? 16.961  5.635   6.114   1.00 22.72  ? 58  LEU A N   1 
ATOM   491  C  CA  . LEU A 1 58  ? 18.101  6.086   6.890   1.00 32.96  ? 58  LEU A CA  1 
ATOM   492  C  C   . LEU A 1 58  ? 19.376  5.856   6.104   1.00 28.79  ? 58  LEU A C   1 
ATOM   493  O  O   . LEU A 1 58  ? 19.595  4.775   5.536   1.00 31.69  ? 58  LEU A O   1 
ATOM   494  C  CB  . LEU A 1 58  ? 18.181  5.343   8.211   1.00 36.07  ? 58  LEU A CB  1 
ATOM   495  C  CG  . LEU A 1 58  ? 19.187  5.966   9.178   1.00 38.48  ? 58  LEU A CG  1 
ATOM   496  C  CD1 . LEU A 1 58  ? 18.496  7.052   9.999   1.00 26.09  ? 58  LEU A CD1 1 
ATOM   497  C  CD2 . LEU A 1 58  ? 19.780  4.877   10.033  1.00 47.93  ? 58  LEU A CD2 1 
ATOM   498  N  N   . THR A 1 59  ? 20.211  6.885   6.071   1.00 28.85  ? 59  THR A N   1 
ATOM   499  C  CA  . THR A 1 59  ? 21.541  6.920   5.476   1.00 31.58  ? 59  THR A CA  1 
ATOM   500  C  C   . THR A 1 59  ? 21.510  7.121   3.958   1.00 25.75  ? 59  THR A C   1 
ATOM   501  O  O   . THR A 1 59  ? 22.570  7.328   3.367   1.00 25.96  ? 59  THR A O   1 
ATOM   502  C  CB  . THR A 1 59  ? 22.391  5.679   5.819   1.00 31.71  ? 59  THR A CB  1 
ATOM   503  O  OG1 . THR A 1 59  ? 21.898  4.511   5.132   1.00 32.76  ? 59  THR A OG1 1 
ATOM   504  C  CG2 . THR A 1 59  ? 22.376  5.438   7.327   1.00 36.10  ? 59  THR A CG2 1 
ATOM   505  N  N   . TYR A 1 60  ? 20.333  7.108   3.297   1.00 22.27  ? 60  TYR A N   1 
ATOM   506  C  CA  . TYR A 1 60  ? 20.299  7.452   1.879   1.00 21.11  ? 60  TYR A CA  1 
ATOM   507  C  C   . TYR A 1 60  ? 20.332  8.961   1.693   1.00 23.44  ? 60  TYR A C   1 
ATOM   508  O  O   . TYR A 1 60  ? 19.867  9.703   2.551   1.00 23.54  ? 60  TYR A O   1 
ATOM   509  C  CB  . TYR A 1 60  ? 19.051  6.882   1.221   1.00 20.33  ? 60  TYR A CB  1 
ATOM   510  C  CG  . TYR A 1 60  ? 19.246  5.425   0.814   1.00 21.63  ? 60  TYR A CG  1 
ATOM   511  C  CD1 . TYR A 1 60  ? 19.030  4.397   1.731   1.00 22.18  ? 60  TYR A CD1 1 
ATOM   512  C  CD2 . TYR A 1 60  ? 19.649  5.083   -0.480  1.00 25.41  ? 60  TYR A CD2 1 
ATOM   513  C  CE1 . TYR A 1 60  ? 19.216  3.047   1.363   1.00 26.79  ? 60  TYR A CE1 1 
ATOM   514  C  CE2 . TYR A 1 60  ? 19.798  3.732   -0.871  1.00 26.56  ? 60  TYR A CE2 1 
ATOM   515  C  CZ  . TYR A 1 60  ? 19.591  2.732   0.061   1.00 29.95  ? 60  TYR A CZ  1 
ATOM   516  O  OH  . TYR A 1 60  ? 19.729  1.401   -0.273  1.00 27.90  ? 60  TYR A OH  1 
ATOM   517  N  N   . PRO A 1 61  ? 20.887  9.440   0.576   1.00 22.22  ? 61  PRO A N   1 
ATOM   518  C  CA  . PRO A 1 61  ? 21.260  10.869  0.482   1.00 24.52  ? 61  PRO A CA  1 
ATOM   519  C  C   . PRO A 1 61  ? 20.125  11.839  0.234   1.00 23.22  ? 61  PRO A C   1 
ATOM   520  O  O   . PRO A 1 61  ? 20.328  13.039  0.473   1.00 25.32  ? 61  PRO A O   1 
ATOM   521  C  CB  . PRO A 1 61  ? 22.211  10.913  -0.722  1.00 30.20  ? 61  PRO A CB  1 
ATOM   522  C  CG  . PRO A 1 61  ? 22.353  9.551   -1.195  1.00 25.82  ? 61  PRO A CG  1 
ATOM   523  C  CD  . PRO A 1 61  ? 21.366  8.659   -0.565  1.00 21.94  ? 61  PRO A CD  1 
ATOM   524  N  N   . ASP A 1 62  ? 18.950  11.381  -0.302  1.00 19.33  ? 62  ASP A N   1 
ATOM   525  C  CA  . ASP A 1 62  ? 17.918  12.370  -0.586  1.00 20.30  ? 62  ASP A CA  1 
ATOM   526  C  C   . ASP A 1 62  ? 16.859  12.379  0.499   1.00 22.85  ? 62  ASP A C   1 
ATOM   527  O  O   . ASP A 1 62  ? 16.335  11.313  0.851   1.00 20.52  ? 62  ASP A O   1 
ATOM   528  C  CB  . ASP A 1 62  ? 17.249  12.080  -1.912  1.00 25.96  ? 62  ASP A CB  1 
ATOM   529  C  CG  . ASP A 1 62  ? 18.183  12.263  -3.077  1.00 34.90  ? 62  ASP A CG  1 
ATOM   530  O  OD1 . ASP A 1 62  ? 19.191  13.025  -2.973  1.00 31.92  ? 62  ASP A OD1 1 
ATOM   531  O  OD2 . ASP A 1 62  ? 17.877  11.640  -4.105  1.00 27.86  ? 62  ASP A OD2 1 
ATOM   532  N  N   . PRO A 1 63  ? 16.505  13.545  1.015   1.00 22.34  ? 63  PRO A N   1 
ATOM   533  C  CA  . PRO A 1 63  ? 15.427  13.616  2.023   1.00 19.68  ? 63  PRO A CA  1 
ATOM   534  C  C   . PRO A 1 63  ? 14.111  13.038  1.494   1.00 26.29  ? 63  PRO A C   1 
ATOM   535  O  O   . PRO A 1 63  ? 13.775  13.193  0.322   1.00 19.76  ? 63  PRO A O   1 
ATOM   536  C  CB  . PRO A 1 63  ? 15.302  15.127  2.289   1.00 24.80  ? 63  PRO A CB  1 
ATOM   537  C  CG  . PRO A 1 63  ? 16.668  15.703  1.893   1.00 37.52  ? 63  PRO A CG  1 
ATOM   538  C  CD  . PRO A 1 63  ? 17.117  14.856  0.735   1.00 29.80  ? 63  PRO A CD  1 
ATOM   539  N  N   . ARG A 1 64  ? 13.345  12.411  2.397   1.00 22.36  ? 64  ARG A N   1 
ATOM   540  C  CA  . ARG A 1 64  ? 11.998  11.885  2.203   1.00 19.36  ? 64  ARG A CA  1 
ATOM   541  C  C   . ARG A 1 64  ? 11.098  12.474  3.283   1.00 15.62  ? 64  ARG A C   1 
ATOM   542  O  O   . ARG A 1 64  ? 11.605  13.023  4.269   1.00 19.08  ? 64  ARG A O   1 
ATOM   543  C  CB  . ARG A 1 64  ? 11.978  10.352  2.333   1.00 21.13  ? 64  ARG A CB  1 
ATOM   544  C  CG  . ARG A 1 64  ? 12.942  9.536   1.434   1.00 28.71  ? 64  ARG A CG  1 
ATOM   545  C  CD  . ARG A 1 64  ? 12.593  9.723   -0.001  1.00 27.89  ? 64  ARG A CD  1 
ATOM   546  N  NE  . ARG A 1 64  ? 12.969  8.607   -0.888  1.00 30.31  ? 64  ARG A NE  1 
ATOM   547  C  CZ  . ARG A 1 64  ? 14.231  8.282   -1.195  1.00 39.15  ? 64  ARG A CZ  1 
ATOM   548  N  NH1 . ARG A 1 64  ? 15.248  8.932   -0.638  1.00 33.62  ? 64  ARG A NH1 1 
ATOM   549  N  NH2 . ARG A 1 64  ? 14.481  7.289   -2.041  1.00 23.91  ? 64  ARG A NH2 1 
ATOM   550  N  N   . PRO A 1 65  ? 9.765   12.406  3.116   1.00 17.57  ? 65  PRO A N   1 
ATOM   551  C  CA  . PRO A 1 65  ? 8.863   12.922  4.156   1.00 22.19  ? 65  PRO A CA  1 
ATOM   552  C  C   . PRO A 1 65  ? 9.066   12.271  5.505   1.00 22.89  ? 65  PRO A C   1 
ATOM   553  O  O   . PRO A 1 65  ? 8.904   12.948  6.534   1.00 23.56  ? 65  PRO A O   1 
ATOM   554  C  CB  . PRO A 1 65  ? 7.473   12.628  3.565   1.00 21.52  ? 65  PRO A CB  1 
ATOM   555  C  CG  . PRO A 1 65  ? 7.676   12.796  2.137   1.00 21.02  ? 65  PRO A CG  1 
ATOM   556  C  CD  . PRO A 1 65  ? 9.034   12.159  1.873   1.00 20.95  ? 65  PRO A CD  1 
ATOM   557  N  N   . GLU A 1 66  ? 9.436   10.987  5.544   1.00 20.86  ? 66  GLU A N   1 
ATOM   558  C  CA  . GLU A 1 66  ? 9.625   10.249  6.783   1.00 18.31  ? 66  GLU A CA  1 
ATOM   559  C  C   . GLU A 1 66  ? 10.744  9.238   6.597   1.00 18.37  ? 66  GLU A C   1 
ATOM   560  O  O   . GLU A 1 66  ? 11.196  8.966   5.468   1.00 16.32  ? 66  GLU A O   1 
ATOM   561  C  CB  . GLU A 1 66  ? 8.341   9.536   7.228   1.00 17.22  ? 66  GLU A CB  1 
ATOM   562  C  CG  . GLU A 1 66  ? 7.149   10.424  7.384   1.00 19.01  ? 66  GLU A CG  1 
ATOM   563  C  CD  . GLU A 1 66  ? 7.222   11.388  8.558   1.00 24.27  ? 66  GLU A CD  1 
ATOM   564  O  OE1 . GLU A 1 66  ? 8.106   11.270  9.440   1.00 18.76  ? 66  GLU A OE1 1 
ATOM   565  O  OE2 . GLU A 1 66  ? 6.378   12.305  8.571   1.00 21.68  ? 66  GLU A OE2 1 
ATOM   566  N  N   . ARG A 1 67  ? 11.198  8.690   7.730   1.00 17.56  ? 67  ARG A N   1 
ATOM   567  C  CA  . ARG A 1 67  ? 12.295  7.736   7.700   1.00 14.55  ? 67  ARG A CA  1 
ATOM   568  C  C   . ARG A 1 67  ? 11.855  6.437   7.033   1.00 21.78  ? 67  ARG A C   1 
ATOM   569  O  O   . ARG A 1 67  ? 12.630  5.801   6.331   1.00 17.33  ? 67  ARG A O   1 
ATOM   570  C  CB  . ARG A 1 67  ? 12.822  7.434   9.112   1.00 16.36  ? 67  ARG A CB  1 
ATOM   571  C  CG  . ARG A 1 67  ? 13.963  6.364   9.077   1.00 17.74  ? 67  ARG A CG  1 
ATOM   572  C  CD  . ARG A 1 67  ? 14.507  6.007   10.463  1.00 19.52  ? 67  ARG A CD  1 
ATOM   573  N  NE  . ARG A 1 67  ? 15.339  4.795   10.398  1.00 22.89  ? 67  ARG A NE  1 
ATOM   574  C  CZ  . ARG A 1 67  ? 15.880  4.185   11.442  1.00 20.17  ? 67  ARG A CZ  1 
ATOM   575  N  NH1 . ARG A 1 67  ? 15.726  4.701   12.668  1.00 25.45  ? 67  ARG A NH1 1 
ATOM   576  N  NH2 . ARG A 1 67  ? 16.583  3.081   11.266  1.00 24.55  ? 67  ARG A NH2 1 
ATOM   577  N  N   . PHE A 1 68  ? 10.617  6.030   7.258   1.00 14.67  ? 68  PHE A N   1 
ATOM   578  C  CA  . PHE A 1 68  ? 10.152  4.714   6.844   1.00 15.24  ? 68  PHE A CA  1 
ATOM   579  C  C   . PHE A 1 68  ? 9.061   4.855   5.804   1.00 15.54  ? 68  PHE A C   1 
ATOM   580  O  O   . PHE A 1 68  ? 8.339   5.855   5.748   1.00 12.91  ? 68  PHE A O   1 
ATOM   581  C  CB  . PHE A 1 68  ? 9.584   3.917   8.041   1.00 15.24  ? 68  PHE A CB  1 
ATOM   582  C  CG  . PHE A 1 68  ? 10.618  3.567   9.110   1.00 15.84  ? 68  PHE A CG  1 
ATOM   583  C  CD1 . PHE A 1 68  ? 11.608  2.615   8.869   1.00 16.49  ? 68  PHE A CD1 1 
ATOM   584  C  CD2 . PHE A 1 68  ? 10.577  4.192   10.360  1.00 17.46  ? 68  PHE A CD2 1 
ATOM   585  C  CE1 . PHE A 1 68  ? 12.537  2.278   9.844   1.00 18.78  ? 68  PHE A CE1 1 
ATOM   586  C  CE2 . PHE A 1 68  ? 11.500  3.859   11.349  1.00 17.43  ? 68  PHE A CE2 1 
ATOM   587  C  CZ  . PHE A 1 68  ? 12.470  2.900   11.113  1.00 16.54  ? 68  PHE A CZ  1 
ATOM   588  N  N   . ALA A 1 69  ? 8.920   3.829   4.967   1.00 14.33  ? 69  ALA A N   1 
ATOM   589  C  CA  . ALA A 1 69  ? 7.739   3.758   4.129   1.00 12.35  ? 69  ALA A CA  1 
ATOM   590  C  C   . ALA A 1 69  ? 7.351   2.285   4.025   1.00 14.56  ? 69  ALA A C   1 
ATOM   591  O  O   . ALA A 1 69  ? 8.158   1.388   4.281   1.00 15.69  ? 69  ALA A O   1 
ATOM   592  C  CB  . ALA A 1 69  ? 7.992   4.376   2.733   1.00 14.54  ? 69  ALA A CB  1 
ATOM   593  N  N   . VAL A 1 70  ? 6.100   2.034   3.661   1.00 11.80  ? 70  VAL A N   1 
ATOM   594  C  CA  . VAL A 1 70  ? 5.630   0.675   3.386   1.00 13.08  ? 70  VAL A CA  1 
ATOM   595  C  C   . VAL A 1 70  ? 4.975   0.718   2.006   1.00 16.64  ? 70  VAL A C   1 
ATOM   596  O  O   . VAL A 1 70  ? 4.204   1.650   1.711   1.00 14.21  ? 70  VAL A O   1 
ATOM   597  C  CB  . VAL A 1 70  ? 4.625   0.189   4.452   1.00 12.94  ? 70  VAL A CB  1 
ATOM   598  C  CG1 . VAL A 1 70  ? 4.144   -1.190  4.149   1.00 14.61  ? 70  VAL A CG1 1 
ATOM   599  C  CG2 . VAL A 1 70  ? 5.286   0.161   5.868   1.00 12.74  ? 70  VAL A CG2 1 
ATOM   600  N  N   . VAL A 1 71  ? 5.277   -0.283  1.169   1.00 13.00  ? 71  VAL A N   1 
ATOM   601  C  CA  . VAL A 1 71  ? 4.770   -0.348  -0.203  1.00 12.49  ? 71  VAL A CA  1 
ATOM   602  C  C   . VAL A 1 71  ? 3.919   -1.595  -0.358  1.00 13.31  ? 71  VAL A C   1 
ATOM   603  O  O   . VAL A 1 71  ? 4.335   -2.701  0.031   1.00 15.46  ? 71  VAL A O   1 
ATOM   604  C  CB  . VAL A 1 71  ? 5.902   -0.351  -1.240  1.00 13.48  ? 71  VAL A CB  1 
ATOM   605  C  CG1 . VAL A 1 71  ? 5.266   -0.424  -2.654  1.00 15.90  ? 71  VAL A CG1 1 
ATOM   606  C  CG2 . VAL A 1 71  ? 6.742   0.924   -1.099  1.00 19.57  ? 71  VAL A CG2 1 
ATOM   607  N  N   . TYR A 1 72  ? 2.741   -1.419  -0.950  1.00 12.33  ? 72  TYR A N   1 
ATOM   608  C  CA  . TYR A 1 72  ? 1.773   -2.492  -1.160  1.00 14.30  ? 72  TYR A CA  1 
ATOM   609  C  C   . TYR A 1 72  ? 1.618   -2.732  -2.648  1.00 13.84  ? 72  TYR A C   1 
ATOM   610  O  O   . TYR A 1 72  ? 1.513   -1.776  -3.411  1.00 15.93  ? 72  TYR A O   1 
ATOM   611  C  CB  . TYR A 1 72  ? 0.398   -2.129  -0.574  1.00 15.59  ? 72  TYR A CB  1 
ATOM   612  C  CG  . TYR A 1 72  ? 0.413   -1.881  0.925   1.00 15.05  ? 72  TYR A CG  1 
ATOM   613  C  CD1 . TYR A 1 72  ? 1.018   -0.718  1.463   1.00 11.79  ? 72  TYR A CD1 1 
ATOM   614  C  CD2 . TYR A 1 72  ? -0.180  -2.800  1.805   1.00 15.29  ? 72  TYR A CD2 1 
ATOM   615  C  CE1 . TYR A 1 72  ? 1.038   -0.494  2.852   1.00 12.34  ? 72  TYR A CE1 1 
ATOM   616  C  CE2 . TYR A 1 72  ? -0.165  -2.575  3.203   1.00 14.19  ? 72  TYR A CE2 1 
ATOM   617  C  CZ  . TYR A 1 72  ? 0.473   -1.421  3.702   1.00 13.48  ? 72  TYR A CZ  1 
ATOM   618  O  OH  . TYR A 1 72  ? 0.479   -1.197  5.067   1.00 14.09  ? 72  TYR A OH  1 
ATOM   619  N  N   . GLU A 1 73  ? 1.579   -4.002  -3.059  1.00 17.15  ? 73  GLU A N   1 
ATOM   620  C  CA  . GLU A 1 73  ? 1.421   -4.346  -4.470  1.00 14.30  ? 73  GLU A CA  1 
ATOM   621  C  C   . GLU A 1 73  ? 0.005   -4.894  -4.647  1.00 14.03  ? 73  GLU A C   1 
ATOM   622  O  O   . GLU A 1 73  ? -0.320  -5.957  -4.106  1.00 15.51  ? 73  GLU A O   1 
ATOM   623  C  CB  . GLU A 1 73  ? 2.490   -5.351  -4.907  1.00 12.31  ? 73  GLU A CB  1 
ATOM   624  C  CG  . GLU A 1 73  ? 2.369   -5.721  -6.386  1.00 15.14  ? 73  GLU A CG  1 
ATOM   625  C  CD  . GLU A 1 73  ? 3.422   -6.708  -6.817  1.00 20.42  ? 73  GLU A CD  1 
ATOM   626  O  OE1 . GLU A 1 73  ? 4.140   -7.241  -5.953  1.00 20.20  ? 73  GLU A OE1 1 
ATOM   627  O  OE2 . GLU A 1 73  ? 3.507   -6.945  -8.032  1.00 19.95  ? 73  GLU A OE2 1 
ATOM   628  N  N   . LEU A 1 74  ? -0.845  -4.136  -5.355  1.00 14.80  ? 74  LEU A N   1 
ATOM   629  C  CA  . LEU A 1 74  ? -2.267  -4.446  -5.555  1.00 12.27  ? 74  LEU A CA  1 
ATOM   630  C  C   . LEU A 1 74  ? -2.507  -4.909  -6.979  1.00 12.80  ? 74  LEU A C   1 
ATOM   631  O  O   . LEU A 1 74  ? -1.967  -4.310  -7.921  1.00 14.67  ? 74  LEU A O   1 
ATOM   632  C  CB  . LEU A 1 74  ? -3.159  -3.216  -5.299  1.00 13.90  ? 74  LEU A CB  1 
ATOM   633  C  CG  . LEU A 1 74  ? -3.155  -2.855  -3.806  1.00 14.11  ? 74  LEU A CG  1 
ATOM   634  C  CD1 . LEU A 1 74  ? -4.147  -1.747  -3.543  1.00 18.07  ? 74  LEU A CD1 1 
ATOM   635  C  CD2 . LEU A 1 74  ? -3.479  -4.051  -2.972  1.00 22.59  ? 74  LEU A CD2 1 
ATOM   636  N  N   . VAL A 1 75  ? -3.346  -5.949  -7.129  1.00 14.30  ? 75  VAL A N   1 
ATOM   637  C  CA  . VAL A 1 75  ? -3.565  -6.572  -8.435  1.00 13.36  ? 75  VAL A CA  1 
ATOM   638  C  C   . VAL A 1 75  ? -5.047  -6.841  -8.625  1.00 15.23  ? 75  VAL A C   1 
ATOM   639  O  O   . VAL A 1 75  ? -5.721  -7.344  -7.721  1.00 15.64  ? 75  VAL A O   1 
ATOM   640  C  CB  . VAL A 1 75  ? -2.765  -7.886  -8.597  1.00 18.59  ? 75  VAL A CB  1 
ATOM   641  C  CG1 . VAL A 1 75  ? -2.950  -8.461  -10.001 1.00 21.59  ? 75  VAL A CG1 1 
ATOM   642  C  CG2 . VAL A 1 75  ? -1.278  -7.657  -8.355  1.00 16.74  ? 75  VAL A CG2 1 
ATOM   643  N  N   . SER A 1 76  ? -5.553  -6.495  -9.811  1.00 19.06  ? 76  SER A N   1 
ATOM   644  C  CA  . SER A 1 76  ? -6.871  -6.919  -10.292 1.00 17.53  ? 76  SER A CA  1 
ATOM   645  C  C   . SER A 1 76  ? -6.637  -8.133  -11.185 1.00 22.14  ? 76  SER A C   1 
ATOM   646  O  O   . SER A 1 76  ? -6.021  -8.011  -12.242 1.00 25.71  ? 76  SER A O   1 
ATOM   647  C  CB  . SER A 1 76  ? -7.537  -5.795  -11.083 1.00 23.43  ? 76  SER A CB  1 
ATOM   648  O  OG  . SER A 1 76  ? -8.685  -6.263  -11.775 1.00 27.95  ? 76  SER A OG  1 
ATOM   649  N  N   . LEU A 1 77  ? -7.039  -9.292  -10.728 1.00 24.40  ? 77  LEU A N   1 
ATOM   650  C  CA  . LEU A 1 77  ? -6.542  -10.467 -11.426 1.00 31.13  ? 77  LEU A CA  1 
ATOM   651  C  C   . LEU A 1 77  ? -7.386  -10.717 -12.659 1.00 45.34  ? 77  LEU A C   1 
ATOM   652  O  O   . LEU A 1 77  ? -8.615  -10.809 -12.549 1.00 53.62  ? 77  LEU A O   1 
ATOM   653  C  CB  . LEU A 1 77  ? -6.540  -11.690 -10.526 1.00 36.36  ? 77  LEU A CB  1 
ATOM   654  C  CG  . LEU A 1 77  ? -5.275  -11.758 -9.649  1.00 21.53  ? 77  LEU A CG  1 
ATOM   655  C  CD1 . LEU A 1 77  ? -5.369  -12.903 -8.659  1.00 29.16  ? 77  LEU A CD1 1 
ATOM   656  C  CD2 . LEU A 1 77  ? -4.032  -11.897 -10.460 1.00 28.23  ? 77  LEU A CD2 1 
ATOM   657  N  N   . PRO A 1 78  ? -6.762  -10.826 -13.845 1.00 55.09  ? 78  PRO A N   1 
ATOM   658  C  CA  . PRO A 1 78  ? -7.538  -11.040 -15.079 1.00 56.61  ? 78  PRO A CA  1 
ATOM   659  C  C   . PRO A 1 78  ? -8.292  -12.364 -15.042 1.00 46.83  ? 78  PRO A C   1 
ATOM   660  O  O   . PRO A 1 78  ? -7.750  -13.377 -15.485 1.00 58.52  ? 78  PRO A O   1 
ATOM   661  C  CB  . PRO A 1 78  ? -6.463  -11.009 -16.179 1.00 53.46  ? 78  PRO A CB  1 
ATOM   662  C  CG  . PRO A 1 78  ? -5.163  -11.406 -15.482 1.00 45.63  ? 78  PRO A CG  1 
ATOM   663  C  CD  . PRO A 1 78  ? -5.301  -10.883 -14.065 1.00 38.81  ? 78  PRO A CD  1 
ATOM   664  N  N   . GLY A 1 79  ? -9.525  -12.378 -14.495 1.00 66.52  ? 79  GLY A N   1 
ATOM   665  C  CA  . GLY A 1 79  ? -10.271 -13.622 -14.328 1.00 73.03  ? 79  GLY A CA  1 
ATOM   666  C  C   . GLY A 1 79  ? -11.599 -13.615 -13.577 1.00 82.88  ? 79  GLY A C   1 
ATOM   667  O  O   . GLY A 1 79  ? -11.775 -12.893 -12.590 1.00 64.46  ? 79  GLY A O   1 
ATOM   668  N  N   . TRP A 1 80  ? -12.507 -14.497 -14.019 1.00 77.35  ? 80  TRP A N   1 
ATOM   669  C  CA  . TRP A 1 80  ? -13.943 -14.579 -13.641 1.00 89.92  ? 80  TRP A CA  1 
ATOM   670  C  C   . TRP A 1 80  ? -14.754 -13.299 -13.396 1.00 99.30  ? 80  TRP A C   1 
ATOM   671  O  O   . TRP A 1 80  ? -15.195 -13.056 -12.266 1.00 91.09  ? 80  TRP A O   1 
ATOM   672  C  CB  . TRP A 1 80  ? -14.130 -15.458 -12.391 1.00 81.60  ? 80  TRP A CB  1 
ATOM   673  C  CG  . TRP A 1 80  ? -14.612 -16.846 -12.730 1.00 84.12  ? 80  TRP A CG  1 
ATOM   674  C  CD1 . TRP A 1 80  ? -13.843 -17.946 -12.872 1.00 78.12  ? 80  TRP A CD1 1 
ATOM   675  C  CD2 . TRP A 1 80  ? -15.963 -17.264 -13.012 1.00 92.57  ? 80  TRP A CD2 1 
ATOM   676  N  NE1 . TRP A 1 80  ? -14.607 -19.042 -13.206 1.00 86.63  ? 80  TRP A NE1 1 
ATOM   677  C  CE2 . TRP A 1 80  ? -15.918 -18.650 -13.302 1.00 95.33  ? 80  TRP A CE2 1 
ATOM   678  C  CE3 . TRP A 1 80  ? -17.204 -16.607 -13.039 1.00 79.89  ? 80  TRP A CE3 1 
ATOM   679  C  CZ2 . TRP A 1 80  ? -17.065 -19.394 -13.617 1.00 80.37  ? 80  TRP A CZ2 1 
ATOM   680  C  CZ3 . TRP A 1 80  ? -18.344 -17.348 -13.356 1.00 72.02  ? 80  TRP A CZ3 1 
ATOM   681  C  CH2 . TRP A 1 80  ? -18.261 -18.729 -13.642 1.00 66.88  ? 80  TRP A CH2 1 
ATOM   682  N  N   . LYS A 1 81  ? -14.961 -12.479 -14.426 1.00 98.25  ? 81  LYS A N   1 
ATOM   683  C  CA  . LYS A 1 81  ? -14.133 -12.431 -15.625 1.00 88.87  ? 81  LYS A CA  1 
ATOM   684  C  C   . LYS A 1 81  ? -13.845 -10.952 -15.708 1.00 86.29  ? 81  LYS A C   1 
ATOM   685  O  O   . LYS A 1 81  ? -12.995 -10.484 -16.473 1.00 86.81  ? 81  LYS A O   1 
ATOM   686  C  CB  . LYS A 1 81  ? -14.823 -12.973 -16.876 1.00 85.55  ? 81  LYS A CB  1 
ATOM   687  C  CG  . LYS A 1 81  ? -13.900 -13.036 -18.081 1.00 76.54  ? 81  LYS A CG  1 
ATOM   688  C  CD  . LYS A 1 81  ? -12.800 -14.066 -17.845 1.00 77.56  ? 81  LYS A CD  1 
ATOM   689  C  CE  . LYS A 1 81  ? -11.832 -14.136 -19.006 1.00 70.96  ? 81  LYS A CE  1 
ATOM   690  N  NZ  . LYS A 1 81  ? -12.504 -14.600 -20.240 1.00 69.56  ? 81  LYS A NZ  1 
ATOM   691  N  N   . ASP A 1 82  ? -14.596 -10.221 -14.888 1.00 78.28  ? 82  ASP A N   1 
ATOM   692  C  CA  . ASP A 1 82  ? -14.149 -8.908  -14.474 1.00 62.70  ? 82  ASP A CA  1 
ATOM   693  C  C   . ASP A 1 82  ? -12.854 -9.050  -13.697 1.00 64.82  ? 82  ASP A C   1 
ATOM   694  O  O   . ASP A 1 82  ? -12.578 -10.083 -13.084 1.00 70.58  ? 82  ASP A O   1 
ATOM   695  C  CB  . ASP A 1 82  ? -15.211 -8.217  -13.636 1.00 60.37  ? 82  ASP A CB  1 
ATOM   696  C  CG  . ASP A 1 82  ? -16.448 -7.913  -14.436 1.00 88.32  ? 82  ASP A CG  1 
ATOM   697  O  OD1 . ASP A 1 82  ? -16.320 -7.197  -15.450 1.00 93.67  ? 82  ASP A OD1 1 
ATOM   698  O  OD2 . ASP A 1 82  ? -17.538 -8.401  -14.073 1.00 115.72 ? 82  ASP A OD2 1 
ATOM   699  N  N   . GLY A 1 83  ? -12.058 -7.999  -13.726 1.00 62.74  ? 83  GLY A N   1 
ATOM   700  C  CA  . GLY A 1 83  ? -10.656 -8.160  -13.429 1.00 45.43  ? 83  GLY A CA  1 
ATOM   701  C  C   . GLY A 1 83  ? -9.936  -7.976  -14.740 1.00 34.84  ? 83  GLY A C   1 
ATOM   702  O  O   . GLY A 1 83  ? -10.287 -8.589  -15.757 1.00 35.10  ? 83  GLY A O   1 
ATOM   703  N  N   . ASP A 1 84  ? -8.945  -7.097  -14.747 1.00 24.71  ? 84  ASP A N   1 
ATOM   704  C  CA  . ASP A 1 84  ? -8.385  -6.638  -16.000 1.00 21.05  ? 84  ASP A CA  1 
ATOM   705  C  C   . ASP A 1 84  ? -6.872  -6.627  -15.951 1.00 25.99  ? 84  ASP A C   1 
ATOM   706  O  O   . ASP A 1 84  ? -6.233  -6.093  -16.863 1.00 25.32  ? 84  ASP A O   1 
ATOM   707  C  CB  . ASP A 1 84  ? -8.944  -5.248  -16.350 1.00 24.06  ? 84  ASP A CB  1 
ATOM   708  C  CG  . ASP A 1 84  ? -8.733  -4.215  -15.246 1.00 27.81  ? 84  ASP A CG  1 
ATOM   709  O  OD1 . ASP A 1 84  ? -7.750  -4.338  -14.480 1.00 21.57  ? 84  ASP A OD1 1 
ATOM   710  O  OD2 . ASP A 1 84  ? -9.537  -3.258  -15.173 1.00 22.03  ? 84  ASP A OD2 1 
ATOM   711  N  N   . GLY A 1 85  ? -6.275  -7.216  -14.918 1.00 24.82  ? 85  GLY A N   1 
ATOM   712  C  CA  . GLY A 1 85  ? -4.836  -7.223  -14.875 1.00 19.53  ? 85  GLY A CA  1 
ATOM   713  C  C   . GLY A 1 85  ? -4.203  -5.952  -14.377 1.00 26.21  ? 85  GLY A C   1 
ATOM   714  O  O   . GLY A 1 85  ? -2.971  -5.863  -14.363 1.00 24.69  ? 85  GLY A O   1 
ATOM   715  N  N   . SER A 1 86  ? -4.989  -4.952  -14.005 1.00 19.21  ? 86  SER A N   1 
ATOM   716  C  CA  . SER A 1 86  ? -4.384  -3.732  -13.485 1.00 19.79  ? 86  SER A CA  1 
ATOM   717  C  C   . SER A 1 86  ? -3.512  -4.043  -12.268 1.00 21.16  ? 86  SER A C   1 
ATOM   718  O  O   . SER A 1 86  ? -3.901  -4.815  -11.400 1.00 19.31  ? 86  SER A O   1 
ATOM   719  C  CB  . SER A 1 86  ? -5.474  -2.740  -13.053 1.00 19.10  ? 86  SER A CB  1 
ATOM   720  O  OG  . SER A 1 86  ? -6.230  -2.251  -14.136 1.00 18.98  ? 86  SER A OG  1 
ATOM   721  N  N   . ARG A 1 87  ? -2.379  -3.367  -12.160 1.00 17.86  ? 87  ARG A N   1 
ATOM   722  C  CA  . ARG A 1 87  ? -1.492  -3.600  -11.028 1.00 15.27  ? 87  ARG A CA  1 
ATOM   723  C  C   . ARG A 1 87  ? -0.777  -2.297  -10.714 1.00 18.27  ? 87  ARG A C   1 
ATOM   724  O  O   . ARG A 1 87  ? -0.316  -1.604  -11.621 1.00 20.97  ? 87  ARG A O   1 
ATOM   725  C  CB  . ARG A 1 87  ? -0.492  -4.709  -11.368 1.00 20.20  ? 87  ARG A CB  1 
ATOM   726  C  CG  . ARG A 1 87  ? 0.592   -4.890  -10.338 1.00 37.54  ? 87  ARG A CG  1 
ATOM   727  C  CD  . ARG A 1 87  ? 1.333   -6.228  -10.481 1.00 49.38  ? 87  ARG A CD  1 
ATOM   728  N  NE  . ARG A 1 87  ? 2.305   -6.232  -11.570 1.00 52.64  ? 87  ARG A NE  1 
ATOM   729  C  CZ  . ARG A 1 87  ? 3.486   -5.619  -11.523 1.00 50.88  ? 87  ARG A CZ  1 
ATOM   730  N  NH1 . ARG A 1 87  ? 3.844   -4.944  -10.442 1.00 43.55  ? 87  ARG A NH1 1 
ATOM   731  N  NH2 . ARG A 1 87  ? 4.317   -5.681  -12.559 1.00 67.57  ? 87  ARG A NH2 1 
ATOM   732  N  N   . PHE A 1 88  ? -0.679  -1.957  -9.429  1.00 13.91  ? 88  PHE A N   1 
ATOM   733  C  CA  . PHE A 1 88  ? 0.040   -0.749  -9.071  1.00 16.32  ? 88  PHE A CA  1 
ATOM   734  C  C   . PHE A 1 88  ? 0.502   -0.921  -7.633  1.00 13.51  ? 88  PHE A C   1 
ATOM   735  O  O   . PHE A 1 88  ? 0.086   -1.866  -6.942  1.00 15.16  ? 88  PHE A O   1 
ATOM   736  C  CB  . PHE A 1 88  ? -0.823  0.524   -9.259  1.00 14.64  ? 88  PHE A CB  1 
ATOM   737  C  CG  . PHE A 1 88  ? -1.902  0.722   -8.223  1.00 14.20  ? 88  PHE A CG  1 
ATOM   738  C  CD1 . PHE A 1 88  ? -3.017  -0.075  -8.205  1.00 15.81  ? 88  PHE A CD1 1 
ATOM   739  C  CD2 . PHE A 1 88  ? -1.790  1.737   -7.275  1.00 15.50  ? 88  PHE A CD2 1 
ATOM   740  C  CE1 . PHE A 1 88  ? -4.015  0.129   -7.253  1.00 14.48  ? 88  PHE A CE1 1 
ATOM   741  C  CE2 . PHE A 1 88  ? -2.800  1.969   -6.333  1.00 15.62  ? 88  PHE A CE2 1 
ATOM   742  C  CZ  . PHE A 1 88  ? -3.881  1.159   -6.300  1.00 14.71  ? 88  PHE A CZ  1 
ATOM   743  N  N   . PHE A 1 89  ? 1.385   -0.019  -7.221  1.00 14.64  ? 89  PHE A N   1 
ATOM   744  C  CA  . PHE A 1 89  ? 1.918   0.038   -5.861  1.00 13.54  ? 89  PHE A CA  1 
ATOM   745  C  C   . PHE A 1 89  ? 1.340   1.218   -5.095  1.00 14.00  ? 89  PHE A C   1 
ATOM   746  O  O   . PHE A 1 89  ? 1.220   2.318   -5.632  1.00 14.66  ? 89  PHE A O   1 
ATOM   747  C  CB  . PHE A 1 89  ? 3.448   0.169   -5.879  1.00 14.92  ? 89  PHE A CB  1 
ATOM   748  C  CG  . PHE A 1 89  ? 4.149   -0.968  -6.592  1.00 15.95  ? 89  PHE A CG  1 
ATOM   749  C  CD1 . PHE A 1 89  ? 4.191   -2.236  -6.022  1.00 15.44  ? 89  PHE A CD1 1 
ATOM   750  C  CD2 . PHE A 1 89  ? 4.772   -0.758  -7.814  1.00 23.78  ? 89  PHE A CD2 1 
ATOM   751  C  CE1 . PHE A 1 89  ? 4.839   -3.294  -6.681  1.00 16.09  ? 89  PHE A CE1 1 
ATOM   752  C  CE2 . PHE A 1 89  ? 5.408   -1.817  -8.484  1.00 24.43  ? 89  PHE A CE2 1 
ATOM   753  C  CZ  . PHE A 1 89  ? 5.443   -3.065  -7.902  1.00 18.82  ? 89  PHE A CZ  1 
ATOM   754  N  N   . VAL A 1 90  ? 1.044   1.003   -3.811  1.00 12.94  ? 90  VAL A N   1 
ATOM   755  C  CA  . VAL A 1 90  ? 0.720   2.088   -2.881  1.00 11.30  ? 90  VAL A CA  1 
ATOM   756  C  C   . VAL A 1 90  ? 1.938   2.282   -1.979  1.00 13.82  ? 90  VAL A C   1 
ATOM   757  O  O   . VAL A 1 90  ? 2.432   1.311   -1.388  1.00 16.80  ? 90  VAL A O   1 
ATOM   758  C  CB  . VAL A 1 90  ? -0.519  1.707   -2.062  1.00 15.40  ? 90  VAL A CB  1 
ATOM   759  C  CG1 . VAL A 1 90  ? -0.704  2.656   -0.845  1.00 13.72  ? 90  VAL A CG1 1 
ATOM   760  C  CG2 . VAL A 1 90  ? -1.745  1.674   -2.973  1.00 15.75  ? 90  VAL A CG2 1 
ATOM   761  N  N   . ARG A 1 91  ? 2.415   3.525   -1.835  1.00 14.43  ? 91  ARG A N   1 
ATOM   762  C  CA  . ARG A 1 91  ? 3.481   3.819   -0.863  1.00 13.49  ? 91  ARG A CA  1 
ATOM   763  C  C   . ARG A 1 91  ? 2.897   4.742   0.187   1.00 12.92  ? 91  ARG A C   1 
ATOM   764  O  O   . ARG A 1 91  ? 2.233   5.732   -0.152  1.00 13.87  ? 91  ARG A O   1 
ATOM   765  C  CB  . ARG A 1 91  ? 4.697   4.498   -1.501  1.00 15.78  ? 91  ARG A CB  1 
ATOM   766  C  CG  . ARG A 1 91  ? 5.831   4.773   -0.491  1.00 18.72  ? 91  ARG A CG  1 
ATOM   767  C  CD  . ARG A 1 91  ? 6.920   5.720   -1.071  1.00 24.85  ? 91  ARG A CD  1 
ATOM   768  N  NE  . ARG A 1 91  ? 7.321   5.196   -2.353  1.00 30.82  ? 91  ARG A NE  1 
ATOM   769  C  CZ  . ARG A 1 91  ? 7.534   5.934   -3.422  1.00 27.78  ? 91  ARG A CZ  1 
ATOM   770  N  NH1 . ARG A 1 91  ? 7.483   7.257   -3.341  1.00 27.74  ? 91  ARG A NH1 1 
ATOM   771  N  NH2 . ARG A 1 91  ? 7.876   5.342   -4.554  1.00 30.75  ? 91  ARG A NH2 1 
ATOM   772  N  N   . VAL A 1 92  ? 3.165   4.446   1.455   1.00 14.09  ? 92  VAL A N   1 
ATOM   773  C  CA  . VAL A 1 92  ? 2.765   5.328   2.550   1.00 12.71  ? 92  VAL A CA  1 
ATOM   774  C  C   . VAL A 1 92  ? 3.989   5.578   3.430   1.00 13.38  ? 92  VAL A C   1 
ATOM   775  O  O   . VAL A 1 92  ? 4.650   4.632   3.873   1.00 14.68  ? 92  VAL A O   1 
ATOM   776  C  CB  . VAL A 1 92  ? 1.584   4.726   3.341   1.00 13.22  ? 92  VAL A CB  1 
ATOM   777  C  CG1 . VAL A 1 92  ? 1.853   3.309   3.844   1.00 18.48  ? 92  VAL A CG1 1 
ATOM   778  C  CG2 . VAL A 1 92  ? 1.137   5.632   4.522   1.00 12.88  ? 92  VAL A CG2 1 
ATOM   779  N  N   . TYR A 1 93  ? 4.269   6.852   3.718   1.00 15.48  ? 93  TYR A N   1 
ATOM   780  C  CA  . TYR A 1 93  ? 5.369   7.161   4.617   1.00 15.28  ? 93  TYR A CA  1 
ATOM   781  C  C   . TYR A 1 93  ? 4.935   6.994   6.073   1.00 16.85  ? 93  TYR A C   1 
ATOM   782  O  O   . TYR A 1 93  ? 3.801   7.317   6.438   1.00 15.37  ? 93  TYR A O   1 
ATOM   783  C  CB  . TYR A 1 93  ? 5.895   8.593   4.371   1.00 16.54  ? 93  TYR A CB  1 
ATOM   784  C  CG  . TYR A 1 93  ? 6.586   8.682   3.048   1.00 16.61  ? 93  TYR A CG  1 
ATOM   785  C  CD1 . TYR A 1 93  ? 7.885   8.197   2.879   1.00 16.58  ? 93  TYR A CD1 1 
ATOM   786  C  CD2 . TYR A 1 93  ? 5.916   9.175   1.937   1.00 20.47  ? 93  TYR A CD2 1 
ATOM   787  C  CE1 . TYR A 1 93  ? 8.498   8.237   1.627   1.00 20.72  ? 93  TYR A CE1 1 
ATOM   788  C  CE2 . TYR A 1 93  ? 6.534   9.233   0.710   1.00 23.03  ? 93  TYR A CE2 1 
ATOM   789  C  CZ  . TYR A 1 93  ? 7.809   8.749   0.553   1.00 22.55  ? 93  TYR A CZ  1 
ATOM   790  O  OH  . TYR A 1 93  ? 8.408   8.797   -0.686  1.00 24.70  ? 93  TYR A OH  1 
ATOM   791  N  N   . VAL A 1 94  ? 5.858   6.497   6.903   1.00 17.20  ? 94  VAL A N   1 
ATOM   792  C  CA  . VAL A 1 94  ? 5.580   6.130   8.286   1.00 15.40  ? 94  VAL A CA  1 
ATOM   793  C  C   . VAL A 1 94  ? 6.592   6.844   9.184   1.00 14.33  ? 94  VAL A C   1 
ATOM   794  O  O   . VAL A 1 94  ? 7.798   6.648   9.026   1.00 15.98  ? 94  VAL A O   1 
ATOM   795  C  CB  . VAL A 1 94  ? 5.708   4.605   8.462   1.00 17.76  ? 94  VAL A CB  1 
ATOM   796  C  CG1 . VAL A 1 94  ? 5.676   4.238   9.909   1.00 23.90  ? 94  VAL A CG1 1 
ATOM   797  C  CG2 . VAL A 1 94  ? 4.561   3.902   7.694   1.00 17.09  ? 94  VAL A CG2 1 
ATOM   798  N  N   . PRO A 1 95  ? 6.166   7.695   10.128  1.00 13.71  ? 95  PRO A N   1 
ATOM   799  C  CA  . PRO A 1 95  ? 7.127   8.453   10.937  1.00 13.31  ? 95  PRO A CA  1 
ATOM   800  C  C   . PRO A 1 95  ? 7.919   7.587   11.901  1.00 14.63  ? 95  PRO A C   1 
ATOM   801  O  O   . PRO A 1 95  ? 7.385   6.653   12.511  1.00 15.87  ? 95  PRO A O   1 
ATOM   802  C  CB  . PRO A 1 95  ? 6.243   9.468   11.705  1.00 16.28  ? 95  PRO A CB  1 
ATOM   803  C  CG  . PRO A 1 95  ? 4.921   8.892   11.702  1.00 20.77  ? 95  PRO A CG  1 
ATOM   804  C  CD  . PRO A 1 95  ? 4.759   8.012   10.471  1.00 17.60  ? 95  PRO A CD  1 
ATOM   805  N  N   . GLU A 1 96  ? 9.211   7.914   12.045  1.00 15.67  ? 96  GLU A N   1 
ATOM   806  C  CA  . GLU A 1 96  ? 10.040  7.178   12.987  1.00 13.50  ? 96  GLU A CA  1 
ATOM   807  C  C   . GLU A 1 96  ? 9.494   7.323   14.408  1.00 15.90  ? 96  GLU A C   1 
ATOM   808  O  O   . GLU A 1 96  ? 9.698   6.437   15.243  1.00 17.65  ? 96  GLU A O   1 
ATOM   809  C  CB  . GLU A 1 96  ? 11.495  7.654   12.911  1.00 15.60  ? 96  GLU A CB  1 
ATOM   810  C  CG  . GLU A 1 96  ? 11.643  9.114   13.257  1.00 16.57  ? 96  GLU A CG  1 
ATOM   811  C  CD  . GLU A 1 96  ? 13.090  9.593   13.109  1.00 24.96  ? 96  GLU A CD  1 
ATOM   812  O  OE1 . GLU A 1 96  ? 13.286  10.817  12.971  1.00 25.37  ? 96  GLU A OE1 1 
ATOM   813  O  OE2 . GLU A 1 96  ? 13.995  8.724   13.083  1.00 28.13  ? 96  GLU A OE2 1 
ATOM   814  N  N   . GLU A 1 97  ? 8.770   8.416   14.670  1.00 14.15  ? 97  GLU A N   1 
ATOM   815  C  CA  . GLU A 1 97  ? 8.230   8.689   16.007  1.00 12.58  ? 97  GLU A CA  1 
ATOM   816  C  C   . GLU A 1 97  ? 7.075   7.767   16.343  1.00 16.01  ? 97  GLU A C   1 
ATOM   817  O  O   . GLU A 1 97  ? 6.701   7.638   17.522  1.00 15.42  ? 97  GLU A O   1 
ATOM   818  C  CB  . GLU A 1 97  ? 7.727   10.128  16.075  1.00 13.59  ? 97  GLU A CB  1 
ATOM   819  C  CG  . GLU A 1 97  ? 8.885   11.151  16.079  1.00 15.59  ? 97  GLU A CG  1 
ATOM   820  C  CD  . GLU A 1 97  ? 9.503   11.385  14.709  1.00 20.47  ? 97  GLU A CD  1 
ATOM   821  O  OE1 . GLU A 1 97  ? 8.898   11.033  13.660  1.00 18.92  ? 97  GLU A OE1 1 
ATOM   822  O  OE2 . GLU A 1 97  ? 10.614  11.954  14.723  1.00 23.96  ? 97  GLU A OE2 1 
ATOM   823  N  N   . ASP A 1 98  ? 6.475   7.154   15.325  1.00 14.83  ? 98  ASP A N   1 
ATOM   824  C  CA  . ASP A 1 98  ? 5.212   6.434   15.477  1.00 17.63  ? 98  ASP A CA  1 
ATOM   825  C  C   . ASP A 1 98  ? 5.127   5.435   14.334  1.00 15.92  ? 98  ASP A C   1 
ATOM   826  O  O   . ASP A 1 98  ? 4.373   5.670   13.388  1.00 16.03  ? 98  ASP A O   1 
ATOM   827  C  CB  . ASP A 1 98  ? 4.030   7.392   15.426  1.00 13.77  ? 98  ASP A CB  1 
ATOM   828  C  CG  . ASP A 1 98  ? 2.704   6.681   15.531  1.00 19.57  ? 98  ASP A CG  1 
ATOM   829  O  OD1 . ASP A 1 98  ? 2.615   5.718   16.306  1.00 21.53  ? 98  ASP A OD1 1 
ATOM   830  O  OD2 . ASP A 1 98  ? 1.754   7.077   14.815  1.00 17.02  ? 98  ASP A OD2 1 
ATOM   831  N  N   . PRO A 1 99  ? 5.936   4.384   14.354  1.00 18.53  ? 99  PRO A N   1 
ATOM   832  C  CA  . PRO A 1 99  ? 6.024   3.475   13.198  1.00 18.52  ? 99  PRO A CA  1 
ATOM   833  C  C   . PRO A 1 99  ? 4.880   2.470   13.215  1.00 19.96  ? 99  PRO A C   1 
ATOM   834  O  O   . PRO A 1 99  ? 4.962   1.392   13.809  1.00 19.09  ? 99  PRO A O   1 
ATOM   835  C  CB  . PRO A 1 99  ? 7.395   2.820   13.381  1.00 17.93  ? 99  PRO A CB  1 
ATOM   836  C  CG  . PRO A 1 99  ? 7.648   2.912   14.850  1.00 27.70  ? 99  PRO A CG  1 
ATOM   837  C  CD  . PRO A 1 99  ? 6.998   4.131   15.352  1.00 19.85  ? 99  PRO A CD  1 
ATOM   838  N  N   . ARG A 1 100 ? 3.782   2.872   12.595  1.00 16.24  ? 100 ARG A N   1 
ATOM   839  C  CA  . ARG A 1 100 ? 2.459   2.302   12.825  1.00 18.98  ? 100 ARG A CA  1 
ATOM   840  C  C   . ARG A 1 100 ? 1.579   2.596   11.615  1.00 18.11  ? 100 ARG A C   1 
ATOM   841  O  O   . ARG A 1 100 ? 1.592   3.721   11.094  1.00 16.56  ? 100 ARG A O   1 
ATOM   842  C  CB  . ARG A 1 100 ? 1.839   2.921   14.097  1.00 18.15  ? 100 ARG A CB  1 
ATOM   843  C  CG  . ARG A 1 100 ? 0.726   2.189   14.712  1.00 23.41  ? 100 ARG A CG  1 
ATOM   844  C  CD  . ARG A 1 100 ? 0.426   2.853   16.075  1.00 24.25  ? 100 ARG A CD  1 
ATOM   845  N  NE  . ARG A 1 100 ? 0.262   4.296   15.892  1.00 22.96  ? 100 ARG A NE  1 
ATOM   846  C  CZ  . ARG A 1 100 ? -0.893  4.925   15.678  1.00 23.83  ? 100 ARG A CZ  1 
ATOM   847  N  NH1 . ARG A 1 100 ? -2.043  4.260   15.643  1.00 21.51  ? 100 ARG A NH1 1 
ATOM   848  N  NH2 . ARG A 1 100 ? -0.895  6.236   15.474  1.00 19.84  ? 100 ARG A NH2 1 
ATOM   849  N  N   . LEU A 1 101 ? 0.795   1.600   11.196  1.00 16.71  ? 101 LEU A N   1 
ATOM   850  C  CA  . LEU A 1 101 ? -0.188  1.712   10.128  1.00 14.06  ? 101 LEU A CA  1 
ATOM   851  C  C   . LEU A 1 101 ? -1.398  0.872   10.518  1.00 15.73  ? 101 LEU A C   1 
ATOM   852  O  O   . LEU A 1 101 ? -1.255  -0.090  11.268  1.00 16.07  ? 101 LEU A O   1 
ATOM   853  C  CB  . LEU A 1 101 ? 0.339   1.157   8.798   1.00 17.27  ? 101 LEU A CB  1 
ATOM   854  C  CG  . LEU A 1 101 ? 1.358   2.014   8.062   1.00 19.61  ? 101 LEU A CG  1 
ATOM   855  C  CD1 . LEU A 1 101 ? 1.938   1.175   6.928   1.00 15.54  ? 101 LEU A CD1 1 
ATOM   856  C  CD2 . LEU A 1 101 ? 0.652   3.240   7.499   1.00 19.93  ? 101 LEU A CD2 1 
ATOM   857  N  N   . PRO A 1 102 ? -2.567  1.176   9.956   1.00 16.34  ? 102 PRO A N   1 
ATOM   858  C  CA  . PRO A 1 102 ? -3.731  0.280   10.101  1.00 17.62  ? 102 PRO A CA  1 
ATOM   859  C  C   . PRO A 1 102 ? -3.471  -1.037  9.388   1.00 17.44  ? 102 PRO A C   1 
ATOM   860  O  O   . PRO A 1 102 ? -2.931  -1.043  8.286   1.00 17.76  ? 102 PRO A O   1 
ATOM   861  C  CB  . PRO A 1 102 ? -4.851  1.030   9.379   1.00 18.86  ? 102 PRO A CB  1 
ATOM   862  C  CG  . PRO A 1 102 ? -4.377  2.381   9.116   1.00 23.45  ? 102 PRO A CG  1 
ATOM   863  C  CD  . PRO A 1 102 ? -2.881  2.398   9.210   1.00 13.76  ? 102 PRO A CD  1 
ATOM   864  N  N   . THR A 1 103 ? -3.862  -2.142  10.006  1.00 17.09  ? 103 THR A N   1 
ATOM   865  C  CA  . THR A 1 103 ? -3.849  -3.406  9.258   1.00 15.27  ? 103 THR A CA  1 
ATOM   866  C  C   . THR A 1 103 ? -4.814  -3.348  8.082   1.00 14.19  ? 103 THR A C   1 
ATOM   867  O  O   . THR A 1 103 ? -5.834  -2.645  8.103   1.00 16.60  ? 103 THR A O   1 
ATOM   868  C  CB  . THR A 1 103 ? -4.209  -4.579  10.182  1.00 21.25  ? 103 THR A CB  1 
ATOM   869  O  OG1 . THR A 1 103 ? -3.979  -5.834  9.513   1.00 19.53  ? 103 THR A OG1 1 
ATOM   870  C  CG2 . THR A 1 103 ? -5.649  -4.512  10.581  1.00 19.51  ? 103 THR A CG2 1 
ATOM   871  N  N   . VAL A 1 104 ? -4.494  -4.107  7.036   1.00 15.86  ? 104 VAL A N   1 
ATOM   872  C  CA  . VAL A 1 104 ? -5.483  -4.401  6.004   1.00 17.35  ? 104 VAL A CA  1 
ATOM   873  C  C   . VAL A 1 104 ? -5.803  -5.899  5.949   1.00 18.95  ? 104 VAL A C   1 
ATOM   874  O  O   . VAL A 1 104 ? -6.246  -6.410  4.910   1.00 18.79  ? 104 VAL A O   1 
ATOM   875  C  CB  . VAL A 1 104 ? -5.041  -3.878  4.621   1.00 14.86  ? 104 VAL A CB  1 
ATOM   876  C  CG1 . VAL A 1 104 ? -4.934  -2.373  4.657   1.00 15.32  ? 104 VAL A CG1 1 
ATOM   877  C  CG2 . VAL A 1 104 ? -3.730  -4.514  4.175   1.00 17.36  ? 104 VAL A CG2 1 
ATOM   878  N  N   . THR A 1 105 ? -5.583  -6.610  7.057   1.00 22.15  ? 105 THR A N   1 
ATOM   879  C  CA  . THR A 1 105 ? -5.950  -8.019  7.126   1.00 21.40  ? 105 THR A CA  1 
ATOM   880  C  C   . THR A 1 105 ? -7.453  -8.213  7.069   1.00 21.43  ? 105 THR A C   1 
ATOM   881  O  O   . THR A 1 105 ? -7.886  -9.338  6.816   1.00 25.64  ? 105 THR A O   1 
ATOM   882  C  CB  . THR A 1 105 ? -5.422  -8.674  8.413   1.00 19.59  ? 105 THR A CB  1 
ATOM   883  O  OG1 . THR A 1 105 ? -5.817  -7.886  9.541   1.00 20.71  ? 105 THR A OG1 1 
ATOM   884  C  CG2 . THR A 1 105 ? -3.916  -8.848  8.384   1.00 20.71  ? 105 THR A CG2 1 
ATOM   885  N  N   . ASP A 1 106 ? -8.256  -7.154  7.302   1.00 19.61  ? 106 ASP A N   1 
ATOM   886  C  CA  . ASP A 1 106 ? -9.700  -7.201  7.067   1.00 24.79  ? 106 ASP A CA  1 
ATOM   887  C  C   . ASP A 1 106 ? -10.080 -7.083  5.594   1.00 25.91  ? 106 ASP A C   1 
ATOM   888  O  O   . ASP A 1 106 ? -11.232 -7.381  5.236   1.00 24.09  ? 106 ASP A O   1 
ATOM   889  C  CB  . ASP A 1 106 ? -10.436 -6.120  7.881   1.00 26.83  ? 106 ASP A CB  1 
ATOM   890  C  CG  . ASP A 1 106 ? -9.853  -4.721  7.698   1.00 33.06  ? 106 ASP A CG  1 
ATOM   891  O  OD1 . ASP A 1 106 ? -8.674  -4.630  7.327   1.00 22.56  ? 106 ASP A OD1 1 
ATOM   892  O  OD2 . ASP A 1 106 ? -10.565 -3.721  7.962   1.00 33.67  ? 106 ASP A OD2 1 
ATOM   893  N  N   . LEU A 1 107 ? -9.139  -6.753  4.723   1.00 18.19  ? 107 LEU A N   1 
ATOM   894  C  CA  . LEU A 1 107 ? -9.408  -6.617  3.293   1.00 17.56  ? 107 LEU A CA  1 
ATOM   895  C  C   . LEU A 1 107 ? -8.761  -7.708  2.461   1.00 18.03  ? 107 LEU A C   1 
ATOM   896  O  O   . LEU A 1 107 ? -9.365  -8.142  1.468   1.00 22.42  ? 107 LEU A O   1 
ATOM   897  C  CB  . LEU A 1 107 ? -8.915  -5.250  2.791   1.00 17.41  ? 107 LEU A CB  1 
ATOM   898  C  CG  . LEU A 1 107 ? -9.557  -3.994  3.401   1.00 19.62  ? 107 LEU A CG  1 
ATOM   899  C  CD1 . LEU A 1 107 ? -8.702  -2.766  3.056   1.00 20.51  ? 107 LEU A CD1 1 
ATOM   900  C  CD2 . LEU A 1 107 ? -10.971 -3.808  2.888   1.00 18.80  ? 107 LEU A CD2 1 
ATOM   901  N  N   . TRP A 1 108 ? -7.566  -8.179  2.840   1.00 16.07  ? 108 TRP A N   1 
ATOM   902  C  CA  . TRP A 1 108 ? -6.869  -9.212  2.069   1.00 16.43  ? 108 TRP A CA  1 
ATOM   903  C  C   . TRP A 1 108 ? -6.242  -10.219 3.020   1.00 23.26  ? 108 TRP A C   1 
ATOM   904  O  O   . TRP A 1 108 ? -5.469  -9.834  3.893   1.00 20.04  ? 108 TRP A O   1 
ATOM   905  C  CB  . TRP A 1 108 ? -5.760  -8.651  1.160   1.00 16.86  ? 108 TRP A CB  1 
ATOM   906  C  CG  . TRP A 1 108 ? -6.241  -7.671  0.097   1.00 19.82  ? 108 TRP A CG  1 
ATOM   907  C  CD1 . TRP A 1 108 ? -6.783  -7.975  -1.122  1.00 18.87  ? 108 TRP A CD1 1 
ATOM   908  C  CD2 . TRP A 1 108 ? -6.200  -6.238  0.172   1.00 23.21  ? 108 TRP A CD2 1 
ATOM   909  N  NE1 . TRP A 1 108 ? -7.104  -6.826  -1.802  1.00 18.06  ? 108 TRP A NE1 1 
ATOM   910  C  CE2 . TRP A 1 108 ? -6.756  -5.742  -1.027  1.00 20.20  ? 108 TRP A CE2 1 
ATOM   911  C  CE3 . TRP A 1 108 ? -5.740  -5.327  1.142   1.00 18.69  ? 108 TRP A CE3 1 
ATOM   912  C  CZ2 . TRP A 1 108 ? -6.888  -4.375  -1.281  1.00 19.00  ? 108 TRP A CZ2 1 
ATOM   913  C  CZ3 . TRP A 1 108 ? -5.863  -3.981  0.894   1.00 19.00  ? 108 TRP A CZ3 1 
ATOM   914  C  CH2 . TRP A 1 108 ? -6.444  -3.501  -0.291  1.00 18.01  ? 108 TRP A CH2 1 
ATOM   915  N  N   . GLY A 1 109 ? -6.508  -11.510 2.801   1.00 24.29  ? 109 GLY A N   1 
ATOM   916  C  CA  . GLY A 1 109 ? -5.966  -12.532 3.689   1.00 20.94  ? 109 GLY A CA  1 
ATOM   917  C  C   . GLY A 1 109 ? -4.457  -12.683 3.628   1.00 20.78  ? 109 GLY A C   1 
ATOM   918  O  O   . GLY A 1 109 ? -3.829  -13.060 4.618   1.00 26.60  ? 109 GLY A O   1 
ATOM   919  N  N   . SER A 1 110 ? -3.852  -12.371 2.479   1.00 19.20  ? 110 SER A N   1 
ATOM   920  C  CA  . SER A 1 110 ? -2.409  -12.404 2.340   1.00 18.74  ? 110 SER A CA  1 
ATOM   921  C  C   . SER A 1 110 ? -1.708  -11.393 3.252   1.00 21.37  ? 110 SER A C   1 
ATOM   922  O  O   . SER A 1 110 ? -0.506  -11.535 3.495   1.00 18.84  ? 110 SER A O   1 
ATOM   923  C  CB  . SER A 1 110 ? -2.044  -12.155 0.887   1.00 20.28  ? 110 SER A CB  1 
ATOM   924  O  OG  . SER A 1 110 ? -2.509  -10.885 0.447   1.00 22.30  ? 110 SER A OG  1 
ATOM   925  N  N   . ALA A 1 111 ? -2.433  -10.381 3.735   1.00 18.37  ? 111 ALA A N   1 
ATOM   926  C  CA  . ALA A 1 111 ? -1.846  -9.357  4.609   1.00 17.03  ? 111 ALA A CA  1 
ATOM   927  C  C   . ALA A 1 111 ? -1.374  -9.932  5.942   1.00 21.52  ? 111 ALA A C   1 
ATOM   928  O  O   . ALA A 1 111 ? -0.428  -9.410  6.536   1.00 22.33  ? 111 ALA A O   1 
ATOM   929  C  CB  . ALA A 1 111 ? -2.873  -8.248  4.855   1.00 16.67  ? 111 ALA A CB  1 
ATOM   930  N  N   . ASN A 1 112 ? -2.028  -10.979 6.443   1.00 19.82  ? 112 ASN A N   1 
ATOM   931  C  CA  A ASN A 1 112 ? -1.600  -11.601 7.693   0.50 22.88  ? 112 ASN A CA  1 
ATOM   932  C  CA  B ASN A 1 112 ? -1.605  -11.593 7.696   0.50 22.88  ? 112 ASN A CA  1 
ATOM   933  C  C   . ASN A 1 112 ? -0.117  -11.915 7.659   1.00 21.48  ? 112 ASN A C   1 
ATOM   934  O  O   . ASN A 1 112 ? 0.660   -11.429 8.488   1.00 23.87  ? 112 ASN A O   1 
ATOM   935  C  CB  A ASN A 1 112 ? -2.394  -12.882 7.965   0.50 24.73  ? 112 ASN A CB  1 
ATOM   936  C  CB  B ASN A 1 112 ? -2.460  -12.839 7.966   0.50 24.69  ? 112 ASN A CB  1 
ATOM   937  C  CG  A ASN A 1 112 ? -3.785  -12.615 8.462   0.50 31.65  ? 112 ASN A CG  1 
ATOM   938  C  CG  B ASN A 1 112 ? -2.054  -13.583 9.230   0.50 30.29  ? 112 ASN A CG  1 
ATOM   939  O  OD1 A ASN A 1 112 ? -4.086  -12.796 9.647   0.50 29.57  ? 112 ASN A OD1 1 
ATOM   940  O  OD1 B ASN A 1 112 ? -1.459  -13.020 10.135  0.50 34.69  ? 112 ASN A OD1 1 
ATOM   941  N  ND2 A ASN A 1 112 ? -4.657  -12.196 7.554   0.50 28.20  ? 112 ASN A ND2 1 
ATOM   942  N  ND2 B ASN A 1 112 ? -2.365  -14.879 9.279   0.50 39.20  ? 112 ASN A ND2 1 
ATOM   943  N  N   . PHE A 1 113 ? 0.315   -12.710 6.673   1.00 19.11  ? 113 PHE A N   1 
ATOM   944  C  CA  . PHE A 1 113 ? 1.739   -13.018 6.567   1.00 21.30  ? 113 PHE A CA  1 
ATOM   945  C  C   . PHE A 1 113 ? 2.569   -11.797 6.182   1.00 24.16  ? 113 PHE A C   1 
ATOM   946  O  O   . PHE A 1 113 ? 3.638   -11.546 6.759   1.00 23.10  ? 113 PHE A O   1 
ATOM   947  C  CB  . PHE A 1 113 ? 1.980   -14.135 5.536   1.00 21.27  ? 113 PHE A CB  1 
ATOM   948  C  CG  . PHE A 1 113 ? 3.441   -14.322 5.178   1.00 23.87  ? 113 PHE A CG  1 
ATOM   949  C  CD1 . PHE A 1 113 ? 4.263   -15.074 5.993   1.00 28.19  ? 113 PHE A CD1 1 
ATOM   950  C  CD2 . PHE A 1 113 ? 3.995   -13.736 4.032   1.00 26.99  ? 113 PHE A CD2 1 
ATOM   951  C  CE1 . PHE A 1 113 ? 5.588   -15.252 5.691   1.00 24.09  ? 113 PHE A CE1 1 
ATOM   952  C  CE2 . PHE A 1 113 ? 5.323   -13.915 3.717   1.00 30.46  ? 113 PHE A CE2 1 
ATOM   953  C  CZ  . PHE A 1 113 ? 6.126   -14.684 4.547   1.00 27.70  ? 113 PHE A CZ  1 
ATOM   954  N  N   . LEU A 1 114 ? 2.126   -11.049 5.166   1.00 18.37  ? 114 LEU A N   1 
ATOM   955  C  CA  . LEU A 1 114 ? 2.966   -9.978  4.648   1.00 17.99  ? 114 LEU A CA  1 
ATOM   956  C  C   . LEU A 1 114 ? 3.232   -8.900  5.701   1.00 15.79  ? 114 LEU A C   1 
ATOM   957  O  O   . LEU A 1 114 ? 4.366   -8.407  5.806   1.00 18.97  ? 114 LEU A O   1 
ATOM   958  C  CB  . LEU A 1 114 ? 2.323   -9.383  3.401   1.00 22.48  ? 114 LEU A CB  1 
ATOM   959  C  CG  . LEU A 1 114 ? 2.315   -10.386 2.245   1.00 17.16  ? 114 LEU A CG  1 
ATOM   960  C  CD1 . LEU A 1 114 ? 1.364   -9.836  1.175   1.00 16.44  ? 114 LEU A CD1 1 
ATOM   961  C  CD2 . LEU A 1 114 ? 3.704   -10.570 1.668   1.00 17.51  ? 114 LEU A CD2 1 
ATOM   962  N  N   . GLU A 1 115 ? 2.208   -8.520  6.460   1.00 16.93  ? 115 GLU A N   1 
ATOM   963  C  CA  . GLU A 1 115 ? 2.397   -7.510  7.509   1.00 16.42  ? 115 GLU A CA  1 
ATOM   964  C  C   . GLU A 1 115 ? 3.327   -8.019  8.604   1.00 20.34  ? 115 GLU A C   1 
ATOM   965  O  O   . GLU A 1 115 ? 4.147   -7.261  9.143   1.00 19.03  ? 115 GLU A O   1 
ATOM   966  C  CB  . GLU A 1 115 ? 1.043   -7.122  8.092   1.00 17.09  ? 115 GLU A CB  1 
ATOM   967  C  CG  . GLU A 1 115 ? 0.175   -6.261  7.148   1.00 16.66  ? 115 GLU A CG  1 
ATOM   968  C  CD  . GLU A 1 115 ? -1.165  -5.850  7.739   1.00 14.91  ? 115 GLU A CD  1 
ATOM   969  O  OE1 . GLU A 1 115 ? -1.528  -6.283  8.839   1.00 19.34  ? 115 GLU A OE1 1 
ATOM   970  O  OE2 . GLU A 1 115 ? -1.896  -5.125  7.074   1.00 16.60  ? 115 GLU A OE2 1 
ATOM   971  N  N   . ARG A 1 116 ? 3.199   -9.297  8.962   1.00 20.59  ? 116 ARG A N   1 
ATOM   972  C  CA  . ARG A 1 116 ? 4.038   -9.845  10.026  1.00 24.19  ? 116 ARG A CA  1 
ATOM   973  C  C   . ARG A 1 116 ? 5.509   -9.832  9.629   1.00 22.05  ? 116 ARG A C   1 
ATOM   974  O  O   . ARG A 1 116 ? 6.389   -9.592  10.474  1.00 22.55  ? 116 ARG A O   1 
ATOM   975  C  CB  . ARG A 1 116 ? 3.568   -11.257 10.369  1.00 21.95  ? 116 ARG A CB  1 
ATOM   976  C  CG  . ARG A 1 116 ? 4.347   -11.912 11.509  1.00 35.10  ? 116 ARG A CG  1 
ATOM   977  C  CD  . ARG A 1 116 ? 4.006   -11.258 12.823  1.00 41.27  ? 116 ARG A CD  1 
ATOM   978  N  NE  . ARG A 1 116 ? 4.197   -12.157 13.964  1.00 61.09  ? 116 ARG A NE  1 
ATOM   979  C  CZ  . ARG A 1 116 ? 5.239   -12.118 14.786  1.00 55.15  ? 116 ARG A CZ  1 
ATOM   980  N  NH1 . ARG A 1 116 ? 6.190   -11.219 14.595  1.00 57.91  ? 116 ARG A NH1 1 
ATOM   981  N  NH2 . ARG A 1 116 ? 5.329   -12.967 15.803  1.00 46.03  ? 116 ARG A NH2 1 
ATOM   982  N  N   . GLU A 1 117 ? 5.802   -10.101 8.350   1.00 16.86  ? 117 GLU A N   1 
ATOM   983  C  CA  . GLU A 1 117 ? 7.179   -10.034 7.887   1.00 21.26  ? 117 GLU A CA  1 
ATOM   984  C  C   . GLU A 1 117 ? 7.722   -8.629  8.059   1.00 21.38  ? 117 GLU A C   1 
ATOM   985  O  O   . GLU A 1 117 ? 8.849   -8.450  8.519   1.00 21.09  ? 117 GLU A O   1 
ATOM   986  C  CB  . GLU A 1 117 ? 7.287   -10.473 6.426   1.00 33.00  ? 117 GLU A CB  1 
ATOM   987  C  CG  . GLU A 1 117 ? 7.070   -11.964 6.235   1.00 34.11  ? 117 GLU A CG  1 
ATOM   988  C  CD  . GLU A 1 117 ? 8.144   -12.802 6.930   1.00 46.63  ? 117 GLU A CD  1 
ATOM   989  O  OE1 . GLU A 1 117 ? 9.298   -12.796 6.447   1.00 42.54  ? 117 GLU A OE1 1 
ATOM   990  O  OE2 . GLU A 1 117 ? 7.827   -13.445 7.964   1.00 37.78  ? 117 GLU A OE2 1 
ATOM   991  N  N   . VAL A 1 118 ? 6.924   -7.616  7.707   1.00 18.77  ? 118 VAL A N   1 
ATOM   992  C  CA  . VAL A 1 118 ? 7.392   -6.237  7.859   1.00 16.94  ? 118 VAL A CA  1 
ATOM   993  C  C   . VAL A 1 118 ? 7.556   -5.876  9.337   1.00 18.31  ? 118 VAL A C   1 
ATOM   994  O  O   . VAL A 1 118 ? 8.524   -5.208  9.709   1.00 19.07  ? 118 VAL A O   1 
ATOM   995  C  CB  . VAL A 1 118 ? 6.435   -5.246  7.164   1.00 16.48  ? 118 VAL A CB  1 
ATOM   996  C  CG1 . VAL A 1 118 ? 6.886   -3.828  7.394   1.00 19.48  ? 118 VAL A CG1 1 
ATOM   997  C  CG2 . VAL A 1 118 ? 6.378   -5.511  5.676   1.00 18.96  ? 118 VAL A CG2 1 
ATOM   998  N  N   . TYR A 1 119 ? 6.597   -6.261  10.187  1.00 20.12  ? 119 TYR A N   1 
ATOM   999  C  CA  . TYR A 1 119 ? 6.746   -5.999  11.621  1.00 16.93  ? 119 TYR A CA  1 
ATOM   1000 C  C   . TYR A 1 119 ? 8.032   -6.635  12.153  1.00 24.85  ? 119 TYR A C   1 
ATOM   1001 O  O   . TYR A 1 119 ? 8.790   -6.012  12.915  1.00 22.37  ? 119 TYR A O   1 
ATOM   1002 C  CB  . TYR A 1 119 ? 5.526   -6.516  12.381  1.00 22.78  ? 119 TYR A CB  1 
ATOM   1003 C  CG  . TYR A 1 119 ? 5.764   -6.543  13.879  1.00 29.01  ? 119 TYR A CG  1 
ATOM   1004 C  CD1 . TYR A 1 119 ? 5.692   -5.370  14.622  1.00 28.72  ? 119 TYR A CD1 1 
ATOM   1005 C  CD2 . TYR A 1 119 ? 6.081   -7.736  14.543  1.00 26.49  ? 119 TYR A CD2 1 
ATOM   1006 C  CE1 . TYR A 1 119 ? 5.926   -5.379  15.991  1.00 28.40  ? 119 TYR A CE1 1 
ATOM   1007 C  CE2 . TYR A 1 119 ? 6.315   -7.747  15.922  1.00 27.13  ? 119 TYR A CE2 1 
ATOM   1008 C  CZ  . TYR A 1 119 ? 6.230   -6.564  16.628  1.00 34.63  ? 119 TYR A CZ  1 
ATOM   1009 O  OH  . TYR A 1 119 ? 6.448   -6.528  17.989  1.00 41.88  ? 119 TYR A OH  1 
ATOM   1010 N  N   . ASP A 1 120 ? 8.281   -7.895  11.780  1.00 22.09  ? 120 ASP A N   1 
ATOM   1011 C  CA  . ASP A 1 120 ? 9.480   -8.571  12.277  1.00 23.72  ? 120 ASP A CA  1 
ATOM   1012 C  C   . ASP A 1 120 ? 10.759  -7.888  11.820  1.00 29.44  ? 120 ASP A C   1 
ATOM   1013 O  O   . ASP A 1 120 ? 11.765  -7.896  12.540  1.00 26.68  ? 120 ASP A O   1 
ATOM   1014 C  CB  . ASP A 1 120 ? 9.512   -10.021 11.801  1.00 21.14  ? 120 ASP A CB  1 
ATOM   1015 C  CG  . ASP A 1 120 ? 8.494   -10.872 12.472  1.00 29.91  ? 120 ASP A CG  1 
ATOM   1016 O  OD1 . ASP A 1 120 ? 7.978   -10.466 13.536  1.00 33.70  ? 120 ASP A OD1 1 
ATOM   1017 O  OD2 . ASP A 1 120 ? 8.220   -11.970 11.938  1.00 39.20  ? 120 ASP A OD2 1 
ATOM   1018 N  N   . LEU A 1 121 ? 10.763  -7.334  10.617  1.00 21.14  ? 121 LEU A N   1 
ATOM   1019 C  CA  . LEU A 1 121 ? 11.976  -6.755  10.053  1.00 21.16  ? 121 LEU A CA  1 
ATOM   1020 C  C   . LEU A 1 121 ? 12.221  -5.319  10.503  1.00 30.06  ? 121 LEU A C   1 
ATOM   1021 O  O   . LEU A 1 121 ? 13.377  -4.937  10.741  1.00 24.68  ? 121 LEU A O   1 
ATOM   1022 C  CB  . LEU A 1 121 ? 11.935  -6.801  8.531   1.00 25.21  ? 121 LEU A CB  1 
ATOM   1023 C  CG  . LEU A 1 121 ? 12.306  -8.118  7.844   1.00 33.30  ? 121 LEU A CG  1 
ATOM   1024 C  CD1 . LEU A 1 121 ? 12.134  -7.975  6.328   1.00 42.96  ? 121 LEU A CD1 1 
ATOM   1025 C  CD2 . LEU A 1 121 ? 13.733  -8.517  8.173   1.00 39.94  ? 121 LEU A CD2 1 
ATOM   1026 N  N   . PHE A 1 122 ? 11.167  -4.501  10.586  1.00 23.09  ? 122 PHE A N   1 
ATOM   1027 C  CA  . PHE A 1 122 ? 11.323  -3.072  10.861  1.00 23.38  ? 122 PHE A CA  1 
ATOM   1028 C  C   . PHE A 1 122 ? 10.668  -2.612  12.144  1.00 25.71  ? 122 PHE A C   1 
ATOM   1029 O  O   . PHE A 1 122 ? 10.886  -1.467  12.539  1.00 24.36  ? 122 PHE A O   1 
ATOM   1030 C  CB  . PHE A 1 122 ? 10.747  -2.214  9.716   1.00 25.01  ? 122 PHE A CB  1 
ATOM   1031 C  CG  . PHE A 1 122 ? 11.457  -2.409  8.422   1.00 26.51  ? 122 PHE A CG  1 
ATOM   1032 C  CD1 . PHE A 1 122 ? 12.617  -1.694  8.134   1.00 25.19  ? 122 PHE A CD1 1 
ATOM   1033 C  CD2 . PHE A 1 122 ? 11.003  -3.340  7.515   1.00 23.20  ? 122 PHE A CD2 1 
ATOM   1034 C  CE1 . PHE A 1 122 ? 13.298  -1.900  6.930   1.00 27.14  ? 122 PHE A CE1 1 
ATOM   1035 C  CE2 . PHE A 1 122 ? 11.671  -3.573  6.317   1.00 21.74  ? 122 PHE A CE2 1 
ATOM   1036 C  CZ  . PHE A 1 122 ? 12.813  -2.837  6.008   1.00 25.65  ? 122 PHE A CZ  1 
ATOM   1037 N  N   . GLY A 1 123 ? 9.884   -3.456  12.803  1.00 20.37  ? 123 GLY A N   1 
ATOM   1038 C  CA  . GLY A 1 123 ? 9.181   -3.009  13.989  1.00 20.35  ? 123 GLY A CA  1 
ATOM   1039 C  C   . GLY A 1 123 ? 8.009   -2.096  13.715  1.00 23.73  ? 123 GLY A C   1 
ATOM   1040 O  O   . GLY A 1 123 ? 7.529   -1.418  14.629  1.00 25.55  ? 123 GLY A O   1 
ATOM   1041 N  N   . ILE A 1 124 ? 7.536   -2.040  12.471  1.00 20.69  ? 124 ILE A N   1 
ATOM   1042 C  CA  . ILE A 1 124 ? 6.369   -1.226  12.155  1.00 16.43  ? 124 ILE A CA  1 
ATOM   1043 C  C   . ILE A 1 124 ? 5.137   -2.021  12.570  1.00 18.47  ? 124 ILE A C   1 
ATOM   1044 O  O   . ILE A 1 124 ? 4.979   -3.182  12.177  1.00 20.95  ? 124 ILE A O   1 
ATOM   1045 C  CB  . ILE A 1 124 ? 6.336   -0.884  10.659  1.00 18.87  ? 124 ILE A CB  1 
ATOM   1046 C  CG1 . ILE A 1 124 ? 7.505   0.060   10.282  1.00 17.64  ? 124 ILE A CG1 1 
ATOM   1047 C  CG2 . ILE A 1 124 ? 4.968   -0.329  10.269  1.00 20.86  ? 124 ILE A CG2 1 
ATOM   1048 C  CD1 . ILE A 1 124 ? 7.806   0.047   8.815   1.00 20.77  ? 124 ILE A CD1 1 
ATOM   1049 N  N   . VAL A 1 125 ? 4.308   -1.427  13.421  1.00 19.72  ? 125 VAL A N   1 
ATOM   1050 C  CA  . VAL A 1 125 ? 3.132   -2.102  13.976  1.00 21.63  ? 125 VAL A CA  1 
ATOM   1051 C  C   . VAL A 1 125 ? 1.941   -1.940  13.041  1.00 19.79  ? 125 VAL A C   1 
ATOM   1052 O  O   . VAL A 1 125 ? 1.594   -0.821  12.643  1.00 16.86  ? 125 VAL A O   1 
ATOM   1053 C  CB  . VAL A 1 125 ? 2.804   -1.545  15.366  1.00 21.48  ? 125 VAL A CB  1 
ATOM   1054 C  CG1 . VAL A 1 125 ? 1.509   -2.072  15.834  1.00 21.62  ? 125 VAL A CG1 1 
ATOM   1055 C  CG2 . VAL A 1 125 ? 3.961   -1.901  16.333  1.00 27.59  ? 125 VAL A CG2 1 
ATOM   1056 N  N   . PHE A 1 126 ? 1.305   -3.057  12.676  1.00 17.74  ? 126 PHE A N   1 
ATOM   1057 C  CA  . PHE A 1 126 ? 0.088   -3.008  11.876  1.00 12.96  ? 126 PHE A CA  1 
ATOM   1058 C  C   . PHE A 1 126 ? -1.060  -3.170  12.835  1.00 19.53  ? 126 PHE A C   1 
ATOM   1059 O  O   . PHE A 1 126 ? -1.388  -4.292  13.248  1.00 19.48  ? 126 PHE A O   1 
ATOM   1060 C  CB  . PHE A 1 126 ? 0.136   -4.074  10.791  1.00 16.15  ? 126 PHE A CB  1 
ATOM   1061 C  CG  . PHE A 1 126 ? 1.210   -3.802  9.824   1.00 14.46  ? 126 PHE A CG  1 
ATOM   1062 C  CD1 . PHE A 1 126 ? 2.507   -4.214  10.083  1.00 15.06  ? 126 PHE A CD1 1 
ATOM   1063 C  CD2 . PHE A 1 126 ? 0.949   -3.012  8.709   1.00 16.06  ? 126 PHE A CD2 1 
ATOM   1064 C  CE1 . PHE A 1 126 ? 3.547   -3.915  9.183   1.00 19.57  ? 126 PHE A CE1 1 
ATOM   1065 C  CE2 . PHE A 1 126 ? 1.949   -2.697  7.825   1.00 12.65  ? 126 PHE A CE2 1 
ATOM   1066 C  CZ  . PHE A 1 126 ? 3.268   -3.153  8.057   1.00 16.03  ? 126 PHE A CZ  1 
ATOM   1067 N  N   . GLU A 1 127 ? -1.615  -2.027  13.242  1.00 17.46  ? 127 GLU A N   1 
ATOM   1068 C  CA  . GLU A 1 127 ? -2.567  -2.000  14.340  1.00 23.04  ? 127 GLU A CA  1 
ATOM   1069 C  C   . GLU A 1 127 ? -3.864  -2.677  13.918  1.00 20.27  ? 127 GLU A C   1 
ATOM   1070 O  O   . GLU A 1 127 ? -4.427  -2.371  12.860  1.00 17.59  ? 127 GLU A O   1 
ATOM   1071 C  CB  . GLU A 1 127 ? -2.822  -0.573  14.789  1.00 21.60  ? 127 GLU A CB  1 
ATOM   1072 C  CG  . GLU A 1 127 ? -3.381  -0.618  16.190  1.00 24.67  ? 127 GLU A CG  1 
ATOM   1073 C  CD  . GLU A 1 127 ? -3.481  0.724   16.862  1.00 25.41  ? 127 GLU A CD  1 
ATOM   1074 O  OE1 . GLU A 1 127 ? -2.561  1.566   16.733  1.00 20.42  ? 127 GLU A OE1 1 
ATOM   1075 O  OE2 . GLU A 1 127 ? -4.507  0.908   17.559  1.00 23.96  ? 127 GLU A OE2 1 
ATOM   1076 N  N   . GLY A 1 128 ? -4.310  -3.631  14.736  1.00 19.96  ? 128 GLY A N   1 
ATOM   1077 C  CA  . GLY A 1 128 ? -5.455  -4.443  14.392  1.00 18.02  ? 128 GLY A CA  1 
ATOM   1078 C  C   . GLY A 1 128 ? -5.122  -5.816  13.829  1.00 27.22  ? 128 GLY A C   1 
ATOM   1079 O  O   . GLY A 1 128 ? -6.024  -6.667  13.715  1.00 24.89  ? 128 GLY A O   1 
ATOM   1080 N  N   . HIS A 1 129 ? -3.877  -6.034  13.438  1.00 22.49  ? 129 HIS A N   1 
ATOM   1081 C  CA  . HIS A 1 129 ? -3.441  -7.353  12.993  1.00 20.05  ? 129 HIS A CA  1 
ATOM   1082 C  C   . HIS A 1 129 ? -3.718  -8.366  14.103  1.00 33.24  ? 129 HIS A C   1 
ATOM   1083 O  O   . HIS A 1 129 ? -3.459  -8.079  15.275  1.00 24.68  ? 129 HIS A O   1 
ATOM   1084 C  CB  . HIS A 1 129 ? -1.955  -7.313  12.656  1.00 19.17  ? 129 HIS A CB  1 
ATOM   1085 C  CG  . HIS A 1 129 ? -1.437  -8.567  12.041  1.00 22.33  ? 129 HIS A CG  1 
ATOM   1086 N  ND1 . HIS A 1 129 ? -1.319  -9.749  12.743  1.00 23.72  ? 129 HIS A ND1 1 
ATOM   1087 C  CD2 . HIS A 1 129 ? -0.936  -8.808  10.800  1.00 22.05  ? 129 HIS A CD2 1 
ATOM   1088 C  CE1 . HIS A 1 129 ? -0.815  -10.678 11.946  1.00 29.98  ? 129 HIS A CE1 1 
ATOM   1089 N  NE2 . HIS A 1 129 ? -0.571  -10.132 10.763  1.00 25.19  ? 129 HIS A NE2 1 
ATOM   1090 N  N   . PRO A 1 130 ? -4.281  -9.541  13.780  1.00 26.32  ? 130 PRO A N   1 
ATOM   1091 C  CA  . PRO A 1 130 ? -4.681  -10.488 14.844  1.00 30.02  ? 130 PRO A CA  1 
ATOM   1092 C  C   . PRO A 1 130 ? -3.547  -10.903 15.774  1.00 32.20  ? 130 PRO A C   1 
ATOM   1093 O  O   . PRO A 1 130 ? -3.823  -11.277 16.924  1.00 32.71  ? 130 PRO A O   1 
ATOM   1094 C  CB  . PRO A 1 130 ? -5.203  -11.704 14.063  1.00 41.72  ? 130 PRO A CB  1 
ATOM   1095 C  CG  . PRO A 1 130 ? -5.463  -11.218 12.686  1.00 32.86  ? 130 PRO A CG  1 
ATOM   1096 C  CD  . PRO A 1 130 ? -4.584  -10.035 12.431  1.00 25.30  ? 130 PRO A CD  1 
ATOM   1097 N  N   . ASP A 1 131 ? -2.294  -10.873 15.309  1.00 27.52  ? 131 ASP A N   1 
ATOM   1098 C  CA  . ASP A 1 131 ? -1.133  -11.253 16.114  1.00 30.65  ? 131 ASP A CA  1 
ATOM   1099 C  C   . ASP A 1 131 ? -0.494  -10.095 16.866  1.00 37.62  ? 131 ASP A C   1 
ATOM   1100 O  O   . ASP A 1 131 ? 0.420   -10.330 17.667  1.00 37.62  ? 131 ASP A O   1 
ATOM   1101 C  CB  . ASP A 1 131 ? -0.036  -11.888 15.247  1.00 37.70  ? 131 ASP A CB  1 
ATOM   1102 C  CG  . ASP A 1 131 ? -0.534  -13.072 14.460  1.00 53.70  ? 131 ASP A CG  1 
ATOM   1103 O  OD1 . ASP A 1 131 ? -1.479  -13.744 14.936  1.00 50.95  ? 131 ASP A OD1 1 
ATOM   1104 O  OD2 . ASP A 1 131 ? 0.023   -13.334 13.372  1.00 58.95  ? 131 ASP A OD2 1 
ATOM   1105 N  N   . LEU A 1 132 ? -0.938  -8.858  16.634  1.00 33.61  ? 132 LEU A N   1 
ATOM   1106 C  CA  . LEU A 1 132 ? -0.261  -7.666  17.134  1.00 28.61  ? 132 LEU A CA  1 
ATOM   1107 C  C   . LEU A 1 132 ? -1.190  -6.778  17.969  1.00 28.19  ? 132 LEU A C   1 
ATOM   1108 O  O   . LEU A 1 132 ? -0.947  -5.570  18.081  1.00 28.05  ? 132 LEU A O   1 
ATOM   1109 C  CB  . LEU A 1 132 ? 0.341   -6.873  15.961  1.00 30.15  ? 132 LEU A CB  1 
ATOM   1110 C  CG  . LEU A 1 132 ? 1.279   -7.568  14.943  1.00 26.30  ? 132 LEU A CG  1 
ATOM   1111 C  CD1 . LEU A 1 132 ? 1.742   -6.640  13.814  1.00 30.65  ? 132 LEU A CD1 1 
ATOM   1112 C  CD2 . LEU A 1 132 ? 2.503   -8.180  15.627  1.00 27.02  ? 132 LEU A CD2 1 
ATOM   1113 N  N   . ARG A 1 133 ? -2.251  -7.347  18.555  1.00 31.41  ? 133 ARG A N   1 
ATOM   1114 C  CA  . ARG A 1 133 ? -3.158  -6.563  19.382  1.00 33.23  ? 133 ARG A CA  1 
ATOM   1115 C  C   . ARG A 1 133 ? -2.497  -6.193  20.701  1.00 34.74  ? 133 ARG A C   1 
ATOM   1116 O  O   . ARG A 1 133 ? -1.784  -6.998  21.308  1.00 34.77  ? 133 ARG A O   1 
ATOM   1117 C  CB  . ARG A 1 133 ? -4.460  -7.324  19.655  1.00 33.39  ? 133 ARG A CB  1 
ATOM   1118 C  CG  . ARG A 1 133 ? -5.203  -7.778  18.402  1.00 30.81  ? 133 ARG A CG  1 
ATOM   1119 C  CD  . ARG A 1 133 ? -5.518  -6.612  17.444  1.00 29.71  ? 133 ARG A CD  1 
ATOM   1120 N  NE  . ARG A 1 133 ? -6.286  -5.519  18.049  1.00 23.99  ? 133 ARG A NE  1 
ATOM   1121 C  CZ  . ARG A 1 133 ? -7.622  -5.467  18.078  1.00 36.76  ? 133 ARG A CZ  1 
ATOM   1122 N  NH1 . ARG A 1 133 ? -8.355  -6.457  17.569  1.00 42.87  ? 133 ARG A NH1 1 
ATOM   1123 N  NH2 . ARG A 1 133 ? -8.235  -4.436  18.632  1.00 31.21  ? 133 ARG A NH2 1 
ATOM   1124 N  N   . LYS A 1 134 ? -3.120  -4.970  21.189  0.74 31.97  ? 134 LYS A N   1 
ATOM   1125 C  CA  . LYS A 1 134 ? -2.747  -4.359  22.477  0.74 42.52  ? 134 LYS A CA  1 
ATOM   1126 C  C   . LYS A 1 134 ? -1.644  -3.320  22.357  0.74 50.86  ? 134 LYS A C   1 
ATOM   1127 O  O   . LYS A 1 134 ? -0.465  -3.660  22.010  0.74 58.10  ? 134 LYS A O   1 
ATOM   1128 C  CB  . LYS A 1 134 ? -2.532  -5.372  23.616  0.74 44.85  ? 134 LYS A CB  1 
ATOM   1129 C  CG  . LYS A 1 134 ? -1.368  -5.081  24.581  0.74 50.42  ? 134 LYS A CG  1 
ATOM   1130 C  CD  . LYS A 1 134 ? -1.617  -5.572  26.005  0.74 51.93  ? 134 LYS A CD  1 
ATOM   1131 C  CE  . LYS A 1 134 ? -3.005  -5.205  26.516  0.74 61.59  ? 134 LYS A CE  1 
ATOM   1132 N  NZ  . LYS A 1 134 ? -4.006  -6.209  26.054  0.74 58.50  ? 134 LYS A NZ  1 
ATOM   1133 O  OXT . LYS A 1 134 ? -2.037  -2.160  22.642  0.74 64.41  ? 134 LYS A OXT 1 
HETATM 1134 CA CA  . CA  B 2 .   ? 8.518   -9.097  -1.718  1.00 28.28  ? 201 CA  A CA  1 
HETATM 1135 CA CA  . CA  C 2 .   ? 4.896   -8.796  -8.624  1.00 25.55  ? 202 CA  A CA  1 
HETATM 1136 CA CA  . CA  D 2 .   ? 6.244   -8.080  -5.327  1.00 18.34  ? 203 CA  A CA  1 
HETATM 1137 O  O   . HOH E 3 .   ? -11.558 9.535   -17.501 1.00 44.13  ? 301 HOH A O   1 
HETATM 1138 O  O   . HOH E 3 .   ? -8.710  4.805   -2.944  1.00 42.16  ? 302 HOH A O   1 
HETATM 1139 O  O   . HOH E 3 .   ? 12.394  5.686   -12.069 1.00 40.69  ? 303 HOH A O   1 
HETATM 1140 O  O   . HOH E 3 .   ? -14.227 -13.309 -10.125 1.00 61.58  ? 304 HOH A O   1 
HETATM 1141 O  O   . HOH E 3 .   ? 8.392   0.415   -20.836 1.00 41.55  ? 305 HOH A O   1 
HETATM 1142 O  O   . HOH E 3 .   ? -6.951  -11.797 7.030   1.00 42.24  ? 306 HOH A O   1 
HETATM 1143 O  O   . HOH E 3 .   ? 14.828  6.650   13.943  1.00 32.63  ? 307 HOH A O   1 
HETATM 1144 O  O   . HOH E 3 .   ? -7.637  -1.680  9.877   1.00 26.63  ? 308 HOH A O   1 
HETATM 1145 O  O   . HOH E 3 .   ? -3.390  -16.499 7.732   1.00 48.50  ? 309 HOH A O   1 
HETATM 1146 O  O   . HOH E 3 .   ? 6.590   10.981  -5.172  1.00 43.46  ? 310 HOH A O   1 
HETATM 1147 O  O   . HOH E 3 .   ? 10.300  14.602  7.763   1.00 37.60  ? 311 HOH A O   1 
HETATM 1148 O  O   . HOH E 3 .   ? 18.588  2.480   5.408   1.00 30.16  ? 312 HOH A O   1 
HETATM 1149 O  O   . HOH E 3 .   ? 19.447  10.754  -5.867  1.00 23.78  ? 313 HOH A O   1 
HETATM 1150 O  O   . HOH E 3 .   ? 13.610  -9.224  13.632  1.00 42.69  ? 314 HOH A O   1 
HETATM 1151 O  O   . HOH E 3 .   ? 0.799   -14.436 11.213  1.00 41.04  ? 315 HOH A O   1 
HETATM 1152 O  O   . HOH E 3 .   ? -14.444 7.564   3.491   1.00 45.78  ? 316 HOH A O   1 
HETATM 1153 O  O   . HOH E 3 .   ? 10.527  7.897   -1.819  1.00 41.41  ? 317 HOH A O   1 
HETATM 1154 O  O   . HOH E 3 .   ? -10.832 -7.634  -10.199 1.00 31.81  ? 318 HOH A O   1 
HETATM 1155 O  O   . HOH E 3 .   ? -8.356  6.920   -4.781  1.00 19.61  ? 319 HOH A O   1 
HETATM 1156 O  O   . HOH E 3 .   ? 0.362   11.350  6.240   1.00 45.71  ? 320 HOH A O   1 
HETATM 1157 O  O   . HOH E 3 .   ? -13.344 -6.193  -15.066 1.00 44.52  ? 321 HOH A O   1 
HETATM 1158 O  O   . HOH E 3 .   ? 7.599   -4.189  -17.457 1.00 44.40  ? 322 HOH A O   1 
HETATM 1159 O  O   . HOH E 3 .   ? 8.288   12.699  11.742  1.00 23.01  ? 323 HOH A O   1 
HETATM 1160 O  O   . HOH E 3 .   ? 5.786   3.098   -17.114 1.00 44.82  ? 324 HOH A O   1 
HETATM 1161 O  O   . HOH E 3 .   ? 8.392   15.474  7.057   1.00 41.36  ? 325 HOH A O   1 
HETATM 1162 O  O   . HOH E 3 .   ? 5.209   12.432  -8.117  1.00 36.30  ? 326 HOH A O   1 
HETATM 1163 O  O   . HOH E 3 .   ? 1.875   -0.369  -12.469 1.00 31.77  ? 327 HOH A O   1 
HETATM 1164 O  O   . HOH E 3 .   ? -1.495  -2.420  6.355   1.00 18.02  ? 328 HOH A O   1 
HETATM 1165 O  O   . HOH E 3 .   ? -9.422  2.344   -19.085 1.00 25.15  ? 329 HOH A O   1 
HETATM 1166 O  O   . HOH E 3 .   ? -0.725  14.177  10.635  1.00 40.26  ? 330 HOH A O   1 
HETATM 1167 O  O   . HOH E 3 .   ? -6.002  6.703   -6.070  1.00 19.82  ? 331 HOH A O   1 
HETATM 1168 O  O   . HOH E 3 .   ? 24.137  9.370   2.635   1.00 35.18  ? 332 HOH A O   1 
HETATM 1169 O  O   . HOH E 3 .   ? 10.314  9.913   10.130  1.00 17.17  ? 333 HOH A O   1 
HETATM 1170 O  O   . HOH E 3 .   ? 12.217  0.053   -12.227 1.00 31.47  ? 334 HOH A O   1 
HETATM 1171 O  O   . HOH E 3 .   ? 16.192  1.463   2.034   1.00 30.40  ? 335 HOH A O   1 
HETATM 1172 O  O   . HOH E 3 .   ? 2.488   9.111   3.070   1.00 18.08  ? 336 HOH A O   1 
HETATM 1173 O  O   . HOH E 3 .   ? 19.779  9.221   7.329   1.00 33.48  ? 337 HOH A O   1 
HETATM 1174 O  O   . HOH E 3 .   ? 19.212  -0.349  1.707   1.00 32.14  ? 338 HOH A O   1 
HETATM 1175 O  O   . HOH E 3 .   ? -10.212 -10.246 -2.886  1.00 41.51  ? 339 HOH A O   1 
HETATM 1176 O  O   . HOH E 3 .   ? 10.982  4.028   -2.188  1.00 23.06  ? 340 HOH A O   1 
HETATM 1177 O  O   . HOH E 3 .   ? -1.164  13.761  -8.291  1.00 36.75  ? 341 HOH A O   1 
HETATM 1178 O  O   . HOH E 3 .   ? 22.780  14.134  1.013   1.00 33.76  ? 342 HOH A O   1 
HETATM 1179 O  O   . HOH E 3 .   ? -1.537  -14.499 5.085   1.00 26.18  ? 343 HOH A O   1 
HETATM 1180 O  O   . HOH E 3 .   ? 11.857  -13.652 6.974   1.00 47.14  ? 344 HOH A O   1 
HETATM 1181 O  O   . HOH E 3 .   ? -13.459 3.399   1.626   1.00 28.38  ? 345 HOH A O   1 
HETATM 1182 O  O   . HOH E 3 .   ? 7.230   14.652  9.773   1.00 33.58  ? 346 HOH A O   1 
HETATM 1183 O  O   . HOH E 3 .   ? 18.240  15.626  -3.100  1.00 37.42  ? 347 HOH A O   1 
HETATM 1184 O  O   . HOH E 3 .   ? 12.958  -4.304  2.558   1.00 32.15  ? 348 HOH A O   1 
HETATM 1185 O  O   . HOH E 3 .   ? 8.850   2.925   -3.551  1.00 18.94  ? 349 HOH A O   1 
HETATM 1186 O  O   . HOH E 3 .   ? -7.489  15.584  -1.275  1.00 35.79  ? 350 HOH A O   1 
HETATM 1187 O  O   . HOH E 3 .   ? 10.053  -5.741  3.693   1.00 22.11  ? 351 HOH A O   1 
HETATM 1188 O  O   . HOH E 3 .   ? -15.683 2.634   -2.159  1.00 40.91  ? 352 HOH A O   1 
HETATM 1189 O  O   . HOH E 3 .   ? 6.271   -8.691  3.618   1.00 21.69  ? 353 HOH A O   1 
HETATM 1190 O  O   . HOH E 3 .   ? -9.289  13.096  -12.280 1.00 34.17  ? 354 HOH A O   1 
HETATM 1191 O  O   . HOH E 3 .   ? -13.997 -7.456  -7.541  1.00 52.12  ? 355 HOH A O   1 
HETATM 1192 O  O   . HOH E 3 .   ? 7.374   -10.958 -0.285  1.00 33.12  ? 356 HOH A O   1 
HETATM 1193 O  O   . HOH E 3 .   ? -7.869  8.694   9.626   1.00 38.69  ? 357 HOH A O   1 
HETATM 1194 O  O   . HOH E 3 .   ? 5.788   -14.449 9.692   1.00 43.93  ? 358 HOH A O   1 
HETATM 1195 O  O   . HOH E 3 .   ? -14.432 -5.649  -9.440  1.00 33.94  ? 359 HOH A O   1 
HETATM 1196 O  O   . HOH E 3 .   ? 8.557   -10.529 -3.572  1.00 39.49  ? 360 HOH A O   1 
HETATM 1197 O  O   . HOH E 3 .   ? 2.183   9.524   5.574   1.00 36.68  ? 361 HOH A O   1 
HETATM 1198 O  O   . HOH E 3 .   ? -8.395  -7.921  10.811  1.00 38.28  ? 362 HOH A O   1 
HETATM 1199 O  O   . HOH E 3 .   ? -13.964 -2.622  0.718   1.00 32.51  ? 363 HOH A O   1 
HETATM 1200 O  O   . HOH E 3 .   ? 16.773  9.428   13.368  1.00 31.35  ? 364 HOH A O   1 
HETATM 1201 O  O   . HOH E 3 .   ? 0.431   16.679  -3.806  1.00 50.71  ? 365 HOH A O   1 
HETATM 1202 O  O   . HOH E 3 .   ? -5.891  5.342   7.517   1.00 20.18  ? 366 HOH A O   1 
HETATM 1203 O  O   . HOH E 3 .   ? -8.374  6.173   6.374   1.00 20.54  ? 367 HOH A O   1 
HETATM 1204 O  O   . HOH E 3 .   ? -13.126 9.151   -0.903  1.00 48.37  ? 368 HOH A O   1 
HETATM 1205 O  O   . HOH E 3 .   ? 8.532   -8.246  0.497   1.00 29.18  ? 369 HOH A O   1 
HETATM 1206 O  O   . HOH E 3 .   ? 9.931   -6.376  15.589  1.00 38.07  ? 370 HOH A O   1 
HETATM 1207 O  O   . HOH E 3 .   ? 16.460  9.647   3.257   1.00 33.94  ? 371 HOH A O   1 
HETATM 1208 O  O   . HOH E 3 .   ? -4.446  -3.889  -17.636 1.00 46.35  ? 372 HOH A O   1 
HETATM 1209 O  O   . HOH E 3 .   ? 4.850   12.933  11.013  1.00 34.26  ? 373 HOH A O   1 
HETATM 1210 O  O   . HOH E 3 .   ? -13.773 8.108   -14.466 1.00 42.68  ? 374 HOH A O   1 
HETATM 1211 O  O   . HOH E 3 .   ? -8.334  -12.109 0.556   1.00 31.00  ? 375 HOH A O   1 
HETATM 1212 O  O   . HOH E 3 .   ? -4.758  -11.174 -1.462  1.00 23.22  ? 376 HOH A O   1 
HETATM 1213 O  O   . HOH E 3 .   ? 13.331  14.944  5.721   1.00 39.67  ? 377 HOH A O   1 
HETATM 1214 O  O   . HOH E 3 .   ? -2.695  -10.151 19.427  1.00 48.17  ? 378 HOH A O   1 
HETATM 1215 O  O   . HOH E 3 .   ? -9.986  17.926  -7.845  1.00 40.03  ? 379 HOH A O   1 
HETATM 1216 O  O   . HOH E 3 .   ? -5.858  -15.213 -16.863 1.00 37.47  ? 380 HOH A O   1 
HETATM 1217 O  O   . HOH E 3 .   ? -2.401  16.211  -8.399  1.00 42.73  ? 381 HOH A O   1 
HETATM 1218 O  O   . HOH E 3 .   ? 13.243  10.986  9.991   1.00 43.07  ? 382 HOH A O   1 
HETATM 1219 O  O   . HOH E 3 .   ? 11.776  12.480  11.005  1.00 23.28  ? 383 HOH A O   1 
HETATM 1220 O  O   . HOH E 3 .   ? 10.817  -10.848 8.124   1.00 44.52  ? 384 HOH A O   1 
HETATM 1221 O  O   . HOH E 3 .   ? -0.030  11.770  -0.217  1.00 31.73  ? 385 HOH A O   1 
HETATM 1222 O  O   . HOH E 3 .   ? 15.476  -3.637  9.025   1.00 45.49  ? 386 HOH A O   1 
HETATM 1223 O  O   . HOH E 3 .   ? -11.291 -5.811  17.421  1.00 40.40  ? 387 HOH A O   1 
HETATM 1224 O  O   . HOH E 3 .   ? 14.859  11.157  4.694   1.00 38.91  ? 388 HOH A O   1 
HETATM 1225 O  O   . HOH E 3 .   ? 15.283  -0.570  3.477   1.00 25.23  ? 389 HOH A O   1 
HETATM 1226 O  O   . HOH E 3 .   ? -2.967  14.014  5.439   1.00 52.39  ? 390 HOH A O   1 
HETATM 1227 O  O   . HOH E 3 .   ? 21.262  10.321  5.248   1.00 28.67  ? 391 HOH A O   1 
HETATM 1228 O  O   . HOH E 3 .   ? -9.805  -10.642 -0.312  1.00 35.87  ? 392 HOH A O   1 
HETATM 1229 O  O   . HOH E 3 .   ? -6.751  -11.589 17.938  1.00 39.77  ? 393 HOH A O   1 
HETATM 1230 O  O   . HOH E 3 .   ? 0.931   0.401   -16.139 1.00 44.06  ? 394 HOH A O   1 
HETATM 1231 O  O   . HOH E 3 .   ? -1.182  -2.952  -15.027 1.00 35.26  ? 395 HOH A O   1 
HETATM 1232 O  O   . HOH E 3 .   ? 1.556   10.698  9.570   1.00 34.58  ? 396 HOH A O   1 
HETATM 1233 O  O   . HOH E 3 .   ? 11.753  6.562   -3.457  1.00 39.63  ? 397 HOH A O   1 
HETATM 1234 O  O   . HOH E 3 .   ? 19.206  1.947   7.950   1.00 46.54  ? 398 HOH A O   1 
HETATM 1235 O  O   . HOH E 3 .   ? 2.449   11.625  11.630  1.00 32.88  ? 399 HOH A O   1 
HETATM 1236 O  O   . HOH E 3 .   ? -5.618  -13.280 -0.125  1.00 37.54  ? 400 HOH A O   1 
HETATM 1237 O  O   . HOH E 3 .   ? -5.031  -15.529 6.490   1.00 52.02  ? 401 HOH A O   1 
HETATM 1238 O  O   . HOH E 3 .   ? 11.997  16.170  3.208   1.00 50.75  ? 402 HOH A O   1 
HETATM 1239 O  O   . HOH E 3 .   ? 2.452   -9.944  -9.248  1.00 32.54  ? 403 HOH A O   1 
HETATM 1240 O  O   . HOH E 3 .   ? -11.344 11.090  -6.631  1.00 37.82  ? 404 HOH A O   1 
HETATM 1241 O  O   . HOH E 3 .   ? -15.096 -4.475  -0.772  1.00 41.61  ? 405 HOH A O   1 
HETATM 1242 O  O   . HOH E 3 .   ? 9.049   -7.886  4.345   1.00 42.20  ? 406 HOH A O   1 
HETATM 1243 O  O   . HOH E 3 .   ? -15.197 1.956   0.080   1.00 42.22  ? 407 HOH A O   1 
HETATM 1244 O  O   . HOH E 3 .   ? -12.498 2.512   5.901   1.00 46.95  ? 408 HOH A O   1 
HETATM 1245 O  O   . HOH E 3 .   ? -10.960 -9.368  9.592   1.00 42.72  ? 409 HOH A O   1 
HETATM 1246 O  O   . HOH E 3 .   ? 20.095  0.435   3.802   1.00 39.64  ? 410 HOH A O   1 
HETATM 1247 O  O   . HOH E 3 .   ? -4.607  12.458  12.189  1.00 48.26  ? 411 HOH A O   1 
HETATM 1248 O  O   . HOH E 3 .   ? -3.911  15.263  10.526  1.00 53.01  ? 412 HOH A O   1 
HETATM 1249 O  O   . HOH E 3 .   ? 3.290   1.757   17.856  1.00 50.21  ? 413 HOH A O   1 
HETATM 1250 O  O   . HOH E 3 .   ? 2.453   11.697  1.804   1.00 41.95  ? 414 HOH A O   1 
HETATM 1251 O  O   . HOH E 3 .   ? 7.274   -10.891 2.477   1.00 31.66  ? 415 HOH A O   1 
HETATM 1252 O  O   . HOH E 3 .   ? -16.018 -0.253  1.558   1.00 46.78  ? 416 HOH A O   1 
HETATM 1253 O  O   . HOH E 3 .   ? -14.036 2.473   4.162   1.00 47.15  ? 417 HOH A O   1 
HETATM 1254 O  O   . HOH E 3 .   ? -8.527  16.200  -12.391 1.00 51.33  ? 418 HOH A O   1 
HETATM 1255 O  O   . HOH E 3 .   ? 3.401   -15.204 9.819   1.00 54.62  ? 419 HOH A O   1 
HETATM 1256 O  O   . HOH E 3 .   ? -14.506 -4.047  3.183   1.00 49.17  ? 420 HOH A O   1 
# 
